data_7RGW
# 
_entry.id   7RGW 
# 
_audit_conform.dict_name       mmcif_pdbx.dic 
_audit_conform.dict_version    5.380 
_audit_conform.dict_location   http://mmcif.pdb.org/dictionaries/ascii/mmcif_pdbx.dic 
# 
loop_
_database_2.database_id 
_database_2.database_code 
_database_2.pdbx_database_accession 
_database_2.pdbx_DOI 
PDB   7RGW         pdb_00007rgw 10.2210/pdb7rgw/pdb 
WWPDB D_1000258202 ?            ?                   
# 
_pdbx_database_status.status_code                     REL 
_pdbx_database_status.status_code_sf                  REL 
_pdbx_database_status.status_code_mr                  ? 
_pdbx_database_status.entry_id                        7RGW 
_pdbx_database_status.recvd_initial_deposition_date   2021-07-15 
_pdbx_database_status.SG_entry                        N 
_pdbx_database_status.deposit_site                    RCSB 
_pdbx_database_status.process_site                    RCSB 
_pdbx_database_status.status_code_cs                  ? 
_pdbx_database_status.status_code_nmr_data            ? 
_pdbx_database_status.methods_development_category    ? 
_pdbx_database_status.pdb_format_compatible           Y 
# 
loop_
_audit_author.name 
_audit_author.pdbx_ordinal 
_audit_author.identifier_ORCID 
'Liu, J.'           1 0000-0003-4178-1184 
'Tencer, A.H.'      2 ?                   
'Kutateladze, T.G.' 3 0000-0001-7375-6990 
# 
_citation.abstract                  ? 
_citation.abstract_id_CAS           ? 
_citation.book_id_ISBN              ? 
_citation.book_publisher            ? 
_citation.book_publisher_city       ? 
_citation.book_title                ? 
_citation.coordinate_linkage        ? 
_citation.country                   UK 
_citation.database_id_Medline       ? 
_citation.details                   ? 
_citation.id                        primary 
_citation.journal_abbrev            'Sci Rep' 
_citation.journal_id_ASTM           ? 
_citation.journal_id_CSD            ? 
_citation.journal_id_ISSN           2045-2322 
_citation.journal_full              ? 
_citation.journal_issue             ? 
_citation.journal_volume            12 
_citation.language                  ? 
_citation.page_first                6063 
_citation.page_last                 6063 
_citation.title                     'The ZZ domain of HERC2 is a receptor of arginylated substrates.' 
_citation.year                      2022 
_citation.database_id_CSD           ? 
_citation.pdbx_database_id_DOI      10.1038/s41598-022-10119-w 
_citation.pdbx_database_id_PubMed   35411094 
_citation.pdbx_database_id_patent   ? 
_citation.unpublished_flag          ? 
# 
loop_
_citation_author.citation_id 
_citation_author.name 
_citation_author.ordinal 
_citation_author.identifier_ORCID 
primary 'Tencer, A.H.'      1 ? 
primary 'Liu, J.'           2 ? 
primary 'Zhu, J.'           3 ? 
primary 'Burkholder, N.T.'  4 ? 
primary 'Zhang, Y.'         5 ? 
primary 'Wu, W.'            6 ? 
primary 'Strahl, B.D.'      7 ? 
primary 'Ohta, T.'          8 ? 
primary 'Kutateladze, T.G.' 9 ? 
# 
_cell.angle_alpha                  90.000 
_cell.angle_alpha_esd              ? 
_cell.angle_beta                   90.000 
_cell.angle_beta_esd               ? 
_cell.angle_gamma                  120.000 
_cell.angle_gamma_esd              ? 
_cell.entry_id                     7RGW 
_cell.details                      ? 
_cell.formula_units_Z              ? 
_cell.length_a                     89.365 
_cell.length_a_esd                 ? 
_cell.length_b                     89.365 
_cell.length_b_esd                 ? 
_cell.length_c                     52.845 
_cell.length_c_esd                 ? 
_cell.volume                       ? 
_cell.volume_esd                   ? 
_cell.Z_PDB                        6 
_cell.reciprocal_angle_alpha       ? 
_cell.reciprocal_angle_beta        ? 
_cell.reciprocal_angle_gamma       ? 
_cell.reciprocal_angle_alpha_esd   ? 
_cell.reciprocal_angle_beta_esd    ? 
_cell.reciprocal_angle_gamma_esd   ? 
_cell.reciprocal_length_a          ? 
_cell.reciprocal_length_b          ? 
_cell.reciprocal_length_c          ? 
_cell.reciprocal_length_a_esd      ? 
_cell.reciprocal_length_b_esd      ? 
_cell.reciprocal_length_c_esd      ? 
_cell.pdbx_unique_axis             ? 
# 
_symmetry.entry_id                         7RGW 
_symmetry.cell_setting                     ? 
_symmetry.Int_Tables_number                170 
_symmetry.space_group_name_Hall            ? 
_symmetry.space_group_name_H-M             'P 65' 
_symmetry.pdbx_full_space_group_name_H-M   ? 
# 
loop_
_entity.id 
_entity.type 
_entity.src_method 
_entity.pdbx_description 
_entity.formula_weight 
_entity.pdbx_number_of_molecules 
_entity.pdbx_ec 
_entity.pdbx_mutation 
_entity.pdbx_fragment 
_entity.details 
1 polymer     man 'E3 ubiquitin-protein ligase HERC2' 19588.459 1   ? ? 'DOC domain (UNP residues 2759-2914)' ? 
2 non-polymer syn 'DI(HYDROXYETHYL)ETHER'             106.120   1   ? ? ?                                     ? 
3 water       nat water                               18.015    183 ? ? ?                                     ? 
# 
_entity_name_com.entity_id   1 
_entity_name_com.name        'HECT domain and RCC1-like domain-containing protein 2,HECT-type E3 ubiquitin transferase HERC2' 
# 
_entity_poly.entity_id                      1 
_entity_poly.type                           'polypeptide(L)' 
_entity_poly.nstd_linkage                   no 
_entity_poly.nstd_monomer                   no 
_entity_poly.pdbx_seq_one_letter_code       
;MHHHHHHSSGRENLYFQGFCGRSGKQLKRCHSSQPGMLLDSWSRMVKSLNVSSSVNQASRLIDGSEPCWQSSGSQGKHWI
RLEIFPDVLVHRLKMIVDPADSSYMPSLVVVSGGNSLNNLIELKTININPSDTTVPLLNDCTEYHRYIEIAIKQCRSSGI
DCKIHGLILLGRIR
;
_entity_poly.pdbx_seq_one_letter_code_can   
;MHHHHHHSSGRENLYFQGFCGRSGKQLKRCHSSQPGMLLDSWSRMVKSLNVSSSVNQASRLIDGSEPCWQSSGSQGKHWI
RLEIFPDVLVHRLKMIVDPADSSYMPSLVVVSGGNSLNNLIELKTININPSDTTVPLLNDCTEYHRYIEIAIKQCRSSGI
DCKIHGLILLGRIR
;
_entity_poly.pdbx_strand_id                 A 
_entity_poly.pdbx_target_identifier         ? 
# 
loop_
_entity_poly_seq.entity_id 
_entity_poly_seq.num 
_entity_poly_seq.mon_id 
_entity_poly_seq.hetero 
1 1   MET n 
1 2   HIS n 
1 3   HIS n 
1 4   HIS n 
1 5   HIS n 
1 6   HIS n 
1 7   HIS n 
1 8   SER n 
1 9   SER n 
1 10  GLY n 
1 11  ARG n 
1 12  GLU n 
1 13  ASN n 
1 14  LEU n 
1 15  TYR n 
1 16  PHE n 
1 17  GLN n 
1 18  GLY n 
1 19  PHE n 
1 20  CYS n 
1 21  GLY n 
1 22  ARG n 
1 23  SER n 
1 24  GLY n 
1 25  LYS n 
1 26  GLN n 
1 27  LEU n 
1 28  LYS n 
1 29  ARG n 
1 30  CYS n 
1 31  HIS n 
1 32  SER n 
1 33  SER n 
1 34  GLN n 
1 35  PRO n 
1 36  GLY n 
1 37  MET n 
1 38  LEU n 
1 39  LEU n 
1 40  ASP n 
1 41  SER n 
1 42  TRP n 
1 43  SER n 
1 44  ARG n 
1 45  MET n 
1 46  VAL n 
1 47  LYS n 
1 48  SER n 
1 49  LEU n 
1 50  ASN n 
1 51  VAL n 
1 52  SER n 
1 53  SER n 
1 54  SER n 
1 55  VAL n 
1 56  ASN n 
1 57  GLN n 
1 58  ALA n 
1 59  SER n 
1 60  ARG n 
1 61  LEU n 
1 62  ILE n 
1 63  ASP n 
1 64  GLY n 
1 65  SER n 
1 66  GLU n 
1 67  PRO n 
1 68  CYS n 
1 69  TRP n 
1 70  GLN n 
1 71  SER n 
1 72  SER n 
1 73  GLY n 
1 74  SER n 
1 75  GLN n 
1 76  GLY n 
1 77  LYS n 
1 78  HIS n 
1 79  TRP n 
1 80  ILE n 
1 81  ARG n 
1 82  LEU n 
1 83  GLU n 
1 84  ILE n 
1 85  PHE n 
1 86  PRO n 
1 87  ASP n 
1 88  VAL n 
1 89  LEU n 
1 90  VAL n 
1 91  HIS n 
1 92  ARG n 
1 93  LEU n 
1 94  LYS n 
1 95  MET n 
1 96  ILE n 
1 97  VAL n 
1 98  ASP n 
1 99  PRO n 
1 100 ALA n 
1 101 ASP n 
1 102 SER n 
1 103 SER n 
1 104 TYR n 
1 105 MET n 
1 106 PRO n 
1 107 SER n 
1 108 LEU n 
1 109 VAL n 
1 110 VAL n 
1 111 VAL n 
1 112 SER n 
1 113 GLY n 
1 114 GLY n 
1 115 ASN n 
1 116 SER n 
1 117 LEU n 
1 118 ASN n 
1 119 ASN n 
1 120 LEU n 
1 121 ILE n 
1 122 GLU n 
1 123 LEU n 
1 124 LYS n 
1 125 THR n 
1 126 ILE n 
1 127 ASN n 
1 128 ILE n 
1 129 ASN n 
1 130 PRO n 
1 131 SER n 
1 132 ASP n 
1 133 THR n 
1 134 THR n 
1 135 VAL n 
1 136 PRO n 
1 137 LEU n 
1 138 LEU n 
1 139 ASN n 
1 140 ASP n 
1 141 CYS n 
1 142 THR n 
1 143 GLU n 
1 144 TYR n 
1 145 HIS n 
1 146 ARG n 
1 147 TYR n 
1 148 ILE n 
1 149 GLU n 
1 150 ILE n 
1 151 ALA n 
1 152 ILE n 
1 153 LYS n 
1 154 GLN n 
1 155 CYS n 
1 156 ARG n 
1 157 SER n 
1 158 SER n 
1 159 GLY n 
1 160 ILE n 
1 161 ASP n 
1 162 CYS n 
1 163 LYS n 
1 164 ILE n 
1 165 HIS n 
1 166 GLY n 
1 167 LEU n 
1 168 ILE n 
1 169 LEU n 
1 170 LEU n 
1 171 GLY n 
1 172 ARG n 
1 173 ILE n 
1 174 ARG n 
# 
_entity_src_gen.entity_id                          1 
_entity_src_gen.pdbx_src_id                        1 
_entity_src_gen.pdbx_alt_source_flag               sample 
_entity_src_gen.pdbx_seq_type                      'Biological sequence' 
_entity_src_gen.pdbx_beg_seq_num                   1 
_entity_src_gen.pdbx_end_seq_num                   174 
_entity_src_gen.gene_src_common_name               Human 
_entity_src_gen.gene_src_genus                     ? 
_entity_src_gen.pdbx_gene_src_gene                 HERC2 
_entity_src_gen.gene_src_species                   ? 
_entity_src_gen.gene_src_strain                    ? 
_entity_src_gen.gene_src_tissue                    ? 
_entity_src_gen.gene_src_tissue_fraction           ? 
_entity_src_gen.gene_src_details                   ? 
_entity_src_gen.pdbx_gene_src_fragment             ? 
_entity_src_gen.pdbx_gene_src_scientific_name      'Homo sapiens' 
_entity_src_gen.pdbx_gene_src_ncbi_taxonomy_id     9606 
_entity_src_gen.pdbx_gene_src_variant              ? 
_entity_src_gen.pdbx_gene_src_cell_line            ? 
_entity_src_gen.pdbx_gene_src_atcc                 ? 
_entity_src_gen.pdbx_gene_src_organ                ? 
_entity_src_gen.pdbx_gene_src_organelle            ? 
_entity_src_gen.pdbx_gene_src_cell                 ? 
_entity_src_gen.pdbx_gene_src_cellular_location    ? 
_entity_src_gen.host_org_common_name               ? 
_entity_src_gen.pdbx_host_org_scientific_name      'Escherichia coli' 
_entity_src_gen.pdbx_host_org_ncbi_taxonomy_id     562 
_entity_src_gen.host_org_genus                     ? 
_entity_src_gen.pdbx_host_org_gene                 ? 
_entity_src_gen.pdbx_host_org_organ                ? 
_entity_src_gen.host_org_species                   ? 
_entity_src_gen.pdbx_host_org_tissue               ? 
_entity_src_gen.pdbx_host_org_tissue_fraction      ? 
_entity_src_gen.pdbx_host_org_strain               ? 
_entity_src_gen.pdbx_host_org_variant              ? 
_entity_src_gen.pdbx_host_org_cell_line            ? 
_entity_src_gen.pdbx_host_org_atcc                 ? 
_entity_src_gen.pdbx_host_org_culture_collection   ? 
_entity_src_gen.pdbx_host_org_cell                 ? 
_entity_src_gen.pdbx_host_org_organelle            ? 
_entity_src_gen.pdbx_host_org_cellular_location    ? 
_entity_src_gen.pdbx_host_org_vector_type          ? 
_entity_src_gen.pdbx_host_org_vector               ? 
_entity_src_gen.host_org_details                   ? 
_entity_src_gen.expression_system_id               ? 
_entity_src_gen.plasmid_name                       ? 
_entity_src_gen.plasmid_details                    ? 
_entity_src_gen.pdbx_description                   ? 
# 
_struct_ref.id                         1 
_struct_ref.db_name                    UNP 
_struct_ref.db_code                    HERC2_HUMAN 
_struct_ref.pdbx_db_accession          O95714 
_struct_ref.pdbx_db_isoform            ? 
_struct_ref.entity_id                  1 
_struct_ref.pdbx_seq_one_letter_code   
;FCGRSGKQLKRCHSSQPGMLLDSWSRMVKSLNVSSSVNQASRLIDGSEPCWQSSGSQGKHWIRLEIFPDVLVHRLKMIVD
PADSSYMPSLVVVSGGNSLNNLIELKTININPSDTTVPLLNDCTEYHRYIEIAIKQCRSSGIDCKIHGLILLGRIR
;
_struct_ref.pdbx_align_begin           2759 
# 
_struct_ref_seq.align_id                      1 
_struct_ref_seq.ref_id                        1 
_struct_ref_seq.pdbx_PDB_id_code              7RGW 
_struct_ref_seq.pdbx_strand_id                A 
_struct_ref_seq.seq_align_beg                 19 
_struct_ref_seq.pdbx_seq_align_beg_ins_code   ? 
_struct_ref_seq.seq_align_end                 174 
_struct_ref_seq.pdbx_seq_align_end_ins_code   ? 
_struct_ref_seq.pdbx_db_accession             O95714 
_struct_ref_seq.db_align_beg                  2759 
_struct_ref_seq.pdbx_db_align_beg_ins_code    ? 
_struct_ref_seq.db_align_end                  2914 
_struct_ref_seq.pdbx_db_align_end_ins_code    ? 
_struct_ref_seq.pdbx_auth_seq_align_beg       2759 
_struct_ref_seq.pdbx_auth_seq_align_end       2914 
# 
loop_
_struct_ref_seq_dif.align_id 
_struct_ref_seq_dif.pdbx_pdb_id_code 
_struct_ref_seq_dif.mon_id 
_struct_ref_seq_dif.pdbx_pdb_strand_id 
_struct_ref_seq_dif.seq_num 
_struct_ref_seq_dif.pdbx_pdb_ins_code 
_struct_ref_seq_dif.pdbx_seq_db_name 
_struct_ref_seq_dif.pdbx_seq_db_accession_code 
_struct_ref_seq_dif.db_mon_id 
_struct_ref_seq_dif.pdbx_seq_db_seq_num 
_struct_ref_seq_dif.details 
_struct_ref_seq_dif.pdbx_auth_seq_num 
_struct_ref_seq_dif.pdbx_ordinal 
1 7RGW MET A 1  ? UNP O95714 ? ? 'expression tag' 2741 1  
1 7RGW HIS A 2  ? UNP O95714 ? ? 'expression tag' 2742 2  
1 7RGW HIS A 3  ? UNP O95714 ? ? 'expression tag' 2743 3  
1 7RGW HIS A 4  ? UNP O95714 ? ? 'expression tag' 2744 4  
1 7RGW HIS A 5  ? UNP O95714 ? ? 'expression tag' 2745 5  
1 7RGW HIS A 6  ? UNP O95714 ? ? 'expression tag' 2746 6  
1 7RGW HIS A 7  ? UNP O95714 ? ? 'expression tag' 2747 7  
1 7RGW SER A 8  ? UNP O95714 ? ? 'expression tag' 2748 8  
1 7RGW SER A 9  ? UNP O95714 ? ? 'expression tag' 2749 9  
1 7RGW GLY A 10 ? UNP O95714 ? ? 'expression tag' 2750 10 
1 7RGW ARG A 11 ? UNP O95714 ? ? 'expression tag' 2751 11 
1 7RGW GLU A 12 ? UNP O95714 ? ? 'expression tag' 2752 12 
1 7RGW ASN A 13 ? UNP O95714 ? ? 'expression tag' 2753 13 
1 7RGW LEU A 14 ? UNP O95714 ? ? 'expression tag' 2754 14 
1 7RGW TYR A 15 ? UNP O95714 ? ? 'expression tag' 2755 15 
1 7RGW PHE A 16 ? UNP O95714 ? ? 'expression tag' 2756 16 
1 7RGW GLN A 17 ? UNP O95714 ? ? 'expression tag' 2757 17 
1 7RGW GLY A 18 ? UNP O95714 ? ? 'expression tag' 2758 18 
# 
loop_
_chem_comp.id 
_chem_comp.type 
_chem_comp.mon_nstd_flag 
_chem_comp.name 
_chem_comp.pdbx_synonyms 
_chem_comp.formula 
_chem_comp.formula_weight 
ALA 'L-peptide linking' y ALANINE                 ? 'C3 H7 N O2'     89.093  
ARG 'L-peptide linking' y ARGININE                ? 'C6 H15 N4 O2 1' 175.209 
ASN 'L-peptide linking' y ASPARAGINE              ? 'C4 H8 N2 O3'    132.118 
ASP 'L-peptide linking' y 'ASPARTIC ACID'         ? 'C4 H7 N O4'     133.103 
CYS 'L-peptide linking' y CYSTEINE                ? 'C3 H7 N O2 S'   121.158 
GLN 'L-peptide linking' y GLUTAMINE               ? 'C5 H10 N2 O3'   146.144 
GLU 'L-peptide linking' y 'GLUTAMIC ACID'         ? 'C5 H9 N O4'     147.129 
GLY 'peptide linking'   y GLYCINE                 ? 'C2 H5 N O2'     75.067  
HIS 'L-peptide linking' y HISTIDINE               ? 'C6 H10 N3 O2 1' 156.162 
HOH non-polymer         . WATER                   ? 'H2 O'           18.015  
ILE 'L-peptide linking' y ISOLEUCINE              ? 'C6 H13 N O2'    131.173 
LEU 'L-peptide linking' y LEUCINE                 ? 'C6 H13 N O2'    131.173 
LYS 'L-peptide linking' y LYSINE                  ? 'C6 H15 N2 O2 1' 147.195 
MET 'L-peptide linking' y METHIONINE              ? 'C5 H11 N O2 S'  149.211 
PEG non-polymer         . 'DI(HYDROXYETHYL)ETHER' ? 'C4 H10 O3'      106.120 
PHE 'L-peptide linking' y PHENYLALANINE           ? 'C9 H11 N O2'    165.189 
PRO 'L-peptide linking' y PROLINE                 ? 'C5 H9 N O2'     115.130 
SER 'L-peptide linking' y SERINE                  ? 'C3 H7 N O3'     105.093 
THR 'L-peptide linking' y THREONINE               ? 'C4 H9 N O3'     119.119 
TRP 'L-peptide linking' y TRYPTOPHAN              ? 'C11 H12 N2 O2'  204.225 
TYR 'L-peptide linking' y TYROSINE                ? 'C9 H11 N O3'    181.189 
VAL 'L-peptide linking' y VALINE                  ? 'C5 H11 N O2'    117.146 
# 
_exptl.absorpt_coefficient_mu     ? 
_exptl.absorpt_correction_T_max   ? 
_exptl.absorpt_correction_T_min   ? 
_exptl.absorpt_correction_type    ? 
_exptl.absorpt_process_details    ? 
_exptl.entry_id                   7RGW 
_exptl.crystals_number            1 
_exptl.details                    ? 
_exptl.method                     'X-RAY DIFFRACTION' 
_exptl.method_details             ? 
# 
_exptl_crystal.colour                      ? 
_exptl_crystal.density_diffrn              ? 
_exptl_crystal.density_Matthews            3.11 
_exptl_crystal.density_method              ? 
_exptl_crystal.density_percent_sol         60.45 
_exptl_crystal.description                 ? 
_exptl_crystal.F_000                       ? 
_exptl_crystal.id                          1 
_exptl_crystal.preparation                 ? 
_exptl_crystal.size_max                    ? 
_exptl_crystal.size_mid                    ? 
_exptl_crystal.size_min                    ? 
_exptl_crystal.size_rad                    ? 
_exptl_crystal.colour_lustre               ? 
_exptl_crystal.colour_modifier             ? 
_exptl_crystal.colour_primary              ? 
_exptl_crystal.density_meas                ? 
_exptl_crystal.density_meas_esd            ? 
_exptl_crystal.density_meas_gt             ? 
_exptl_crystal.density_meas_lt             ? 
_exptl_crystal.density_meas_temp           ? 
_exptl_crystal.density_meas_temp_esd       ? 
_exptl_crystal.density_meas_temp_gt        ? 
_exptl_crystal.density_meas_temp_lt        ? 
_exptl_crystal.pdbx_crystal_image_url      ? 
_exptl_crystal.pdbx_crystal_image_format   ? 
_exptl_crystal.pdbx_mosaicity              ? 
_exptl_crystal.pdbx_mosaicity_esd          ? 
# 
_exptl_crystal_grow.apparatus       ? 
_exptl_crystal_grow.atmosphere      ? 
_exptl_crystal_grow.crystal_id      1 
_exptl_crystal_grow.details         ? 
_exptl_crystal_grow.method          'VAPOR DIFFUSION, SITTING DROP' 
_exptl_crystal_grow.method_ref      ? 
_exptl_crystal_grow.pH              ? 
_exptl_crystal_grow.pressure        ? 
_exptl_crystal_grow.pressure_esd    ? 
_exptl_crystal_grow.seeding         ? 
_exptl_crystal_grow.seeding_ref     ? 
_exptl_crystal_grow.temp            277.15 
_exptl_crystal_grow.temp_details    ? 
_exptl_crystal_grow.temp_esd        ? 
_exptl_crystal_grow.time            ? 
_exptl_crystal_grow.pdbx_details    '0.1 M HEPES, pH 7.5, 25% PEG3350' 
_exptl_crystal_grow.pdbx_pH_range   ? 
# 
_diffrn.ambient_environment              ? 
_diffrn.ambient_temp                     100 
_diffrn.ambient_temp_details             ? 
_diffrn.ambient_temp_esd                 ? 
_diffrn.crystal_id                       1 
_diffrn.crystal_support                  ? 
_diffrn.crystal_treatment                ? 
_diffrn.details                          ? 
_diffrn.id                               1 
_diffrn.ambient_pressure                 ? 
_diffrn.ambient_pressure_esd             ? 
_diffrn.ambient_pressure_gt              ? 
_diffrn.ambient_pressure_lt              ? 
_diffrn.ambient_temp_gt                  ? 
_diffrn.ambient_temp_lt                  ? 
_diffrn.pdbx_serial_crystal_experiment   N 
# 
_diffrn_detector.details                      ? 
_diffrn_detector.detector                     PIXEL 
_diffrn_detector.diffrn_id                    1 
_diffrn_detector.type                         'DECTRIS PILATUS 200K' 
_diffrn_detector.area_resol_mean              ? 
_diffrn_detector.dtime                        ? 
_diffrn_detector.pdbx_frames_total            ? 
_diffrn_detector.pdbx_collection_time_total   ? 
_diffrn_detector.pdbx_collection_date         2021-01-13 
_diffrn_detector.pdbx_frequency               ? 
# 
_diffrn_radiation.collimation                      ? 
_diffrn_radiation.diffrn_id                        1 
_diffrn_radiation.filter_edge                      ? 
_diffrn_radiation.inhomogeneity                    ? 
_diffrn_radiation.monochromator                    ? 
_diffrn_radiation.polarisn_norm                    ? 
_diffrn_radiation.polarisn_ratio                   ? 
_diffrn_radiation.probe                            ? 
_diffrn_radiation.type                             ? 
_diffrn_radiation.xray_symbol                      ? 
_diffrn_radiation.wavelength_id                    1 
_diffrn_radiation.pdbx_monochromatic_or_laue_m_l   M 
_diffrn_radiation.pdbx_wavelength_list             ? 
_diffrn_radiation.pdbx_wavelength                  ? 
_diffrn_radiation.pdbx_diffrn_protocol             'SINGLE WAVELENGTH' 
_diffrn_radiation.pdbx_analyzer                    ? 
_diffrn_radiation.pdbx_scattering_type             x-ray 
# 
_diffrn_radiation_wavelength.id           1 
_diffrn_radiation_wavelength.wavelength   1.54 
_diffrn_radiation_wavelength.wt           1.0 
# 
_diffrn_source.current                     ? 
_diffrn_source.details                     ? 
_diffrn_source.diffrn_id                   1 
_diffrn_source.power                       ? 
_diffrn_source.size                        ? 
_diffrn_source.source                      'ROTATING ANODE' 
_diffrn_source.target                      ? 
_diffrn_source.type                        'RIGAKU MICROMAX-007 HF' 
_diffrn_source.voltage                     ? 
_diffrn_source.take-off_angle              ? 
_diffrn_source.pdbx_wavelength_list        1.54 
_diffrn_source.pdbx_wavelength             ? 
_diffrn_source.pdbx_synchrotron_beamline   ? 
_diffrn_source.pdbx_synchrotron_site       ? 
# 
_reflns.B_iso_Wilson_estimate                          18.880 
_reflns.entry_id                                       7RGW 
_reflns.data_reduction_details                         ? 
_reflns.data_reduction_method                          ? 
_reflns.d_resolution_high                              1.990 
_reflns.d_resolution_low                               30.000 
_reflns.details                                        ? 
_reflns.limit_h_max                                    ? 
_reflns.limit_h_min                                    ? 
_reflns.limit_k_max                                    ? 
_reflns.limit_k_min                                    ? 
_reflns.limit_l_max                                    ? 
_reflns.limit_l_min                                    ? 
_reflns.number_all                                     ? 
_reflns.number_obs                                     16667 
_reflns.observed_criterion                             ? 
_reflns.observed_criterion_F_max                       ? 
_reflns.observed_criterion_F_min                       ? 
_reflns.observed_criterion_I_max                       ? 
_reflns.observed_criterion_I_min                       ? 
_reflns.observed_criterion_sigma_F                     ? 
_reflns.observed_criterion_sigma_I                     ? 
_reflns.percent_possible_obs                           99.800 
_reflns.R_free_details                                 ? 
_reflns.Rmerge_F_all                                   ? 
_reflns.Rmerge_F_obs                                   ? 
_reflns.Friedel_coverage                               ? 
_reflns.number_gt                                      ? 
_reflns.threshold_expression                           ? 
_reflns.pdbx_redundancy                                4.700 
_reflns.pdbx_Rmerge_I_obs                              0.084 
_reflns.pdbx_Rmerge_I_all                              ? 
_reflns.pdbx_Rsym_value                                ? 
_reflns.pdbx_netI_over_av_sigmaI                       ? 
_reflns.pdbx_netI_over_sigmaI                          9.800 
_reflns.pdbx_res_netI_over_av_sigmaI_2                 ? 
_reflns.pdbx_res_netI_over_sigmaI_2                    ? 
_reflns.pdbx_chi_squared                               1.217 
_reflns.pdbx_scaling_rejects                           ? 
_reflns.pdbx_d_res_high_opt                            ? 
_reflns.pdbx_d_res_low_opt                             ? 
_reflns.pdbx_d_res_opt_method                          ? 
_reflns.phase_calculation_details                      ? 
_reflns.pdbx_Rrim_I_all                                0.095 
_reflns.pdbx_Rpim_I_all                                0.042 
_reflns.pdbx_d_opt                                     ? 
_reflns.pdbx_number_measured_all                       79108 
_reflns.pdbx_diffrn_id                                 1 
_reflns.pdbx_ordinal                                   1 
_reflns.pdbx_CC_half                                   ? 
_reflns.pdbx_CC_star                                   ? 
_reflns.pdbx_R_split                                   ? 
_reflns.pdbx_aniso_diffraction_limit_axis_1_ortho[1]   ? 
_reflns.pdbx_aniso_diffraction_limit_axis_1_ortho[2]   ? 
_reflns.pdbx_aniso_diffraction_limit_axis_1_ortho[3]   ? 
_reflns.pdbx_aniso_diffraction_limit_axis_2_ortho[1]   ? 
_reflns.pdbx_aniso_diffraction_limit_axis_2_ortho[2]   ? 
_reflns.pdbx_aniso_diffraction_limit_axis_2_ortho[3]   ? 
_reflns.pdbx_aniso_diffraction_limit_axis_3_ortho[1]   ? 
_reflns.pdbx_aniso_diffraction_limit_axis_3_ortho[2]   ? 
_reflns.pdbx_aniso_diffraction_limit_axis_3_ortho[3]   ? 
_reflns.pdbx_aniso_diffraction_limit_1                 ? 
_reflns.pdbx_aniso_diffraction_limit_2                 ? 
_reflns.pdbx_aniso_diffraction_limit_3                 ? 
_reflns.pdbx_aniso_B_tensor_eigenvector_1_ortho[1]     ? 
_reflns.pdbx_aniso_B_tensor_eigenvector_1_ortho[2]     ? 
_reflns.pdbx_aniso_B_tensor_eigenvector_1_ortho[3]     ? 
_reflns.pdbx_aniso_B_tensor_eigenvector_2_ortho[1]     ? 
_reflns.pdbx_aniso_B_tensor_eigenvector_2_ortho[2]     ? 
_reflns.pdbx_aniso_B_tensor_eigenvector_2_ortho[3]     ? 
_reflns.pdbx_aniso_B_tensor_eigenvector_3_ortho[1]     ? 
_reflns.pdbx_aniso_B_tensor_eigenvector_3_ortho[2]     ? 
_reflns.pdbx_aniso_B_tensor_eigenvector_3_ortho[3]     ? 
_reflns.pdbx_aniso_B_tensor_eigenvalue_1               ? 
_reflns.pdbx_aniso_B_tensor_eigenvalue_2               ? 
_reflns.pdbx_aniso_B_tensor_eigenvalue_3               ? 
_reflns.pdbx_orthogonalization_convention              ? 
_reflns.pdbx_percent_possible_ellipsoidal              ? 
_reflns.pdbx_percent_possible_spherical                ? 
_reflns.pdbx_percent_possible_ellipsoidal_anomalous    ? 
_reflns.pdbx_percent_possible_spherical_anomalous      ? 
_reflns.pdbx_redundancy_anomalous                      ? 
_reflns.pdbx_CC_half_anomalous                         ? 
_reflns.pdbx_absDiff_over_sigma_anomalous              ? 
_reflns.pdbx_percent_possible_anomalous                ? 
_reflns.pdbx_observed_signal_threshold                 ? 
_reflns.pdbx_signal_type                               ? 
_reflns.pdbx_signal_details                            ? 
_reflns.pdbx_signal_software_id                        ? 
# 
loop_
_reflns_shell.d_res_high 
_reflns_shell.d_res_low 
_reflns_shell.meanI_over_sigI_all 
_reflns_shell.meanI_over_sigI_obs 
_reflns_shell.number_measured_all 
_reflns_shell.number_measured_obs 
_reflns_shell.number_possible 
_reflns_shell.number_unique_all 
_reflns_shell.number_unique_obs 
_reflns_shell.percent_possible_all 
_reflns_shell.percent_possible_obs 
_reflns_shell.Rmerge_F_all 
_reflns_shell.Rmerge_F_obs 
_reflns_shell.Rmerge_I_all 
_reflns_shell.Rmerge_I_obs 
_reflns_shell.meanI_over_sigI_gt 
_reflns_shell.meanI_over_uI_all 
_reflns_shell.meanI_over_uI_gt 
_reflns_shell.number_measured_gt 
_reflns_shell.number_unique_gt 
_reflns_shell.percent_possible_gt 
_reflns_shell.Rmerge_F_gt 
_reflns_shell.Rmerge_I_gt 
_reflns_shell.pdbx_redundancy 
_reflns_shell.pdbx_Rsym_value 
_reflns_shell.pdbx_chi_squared 
_reflns_shell.pdbx_netI_over_sigmaI_all 
_reflns_shell.pdbx_netI_over_sigmaI_obs 
_reflns_shell.pdbx_Rrim_I_all 
_reflns_shell.pdbx_Rpim_I_all 
_reflns_shell.pdbx_rejects 
_reflns_shell.pdbx_ordinal 
_reflns_shell.pdbx_diffrn_id 
_reflns_shell.pdbx_CC_half 
_reflns_shell.pdbx_CC_star 
_reflns_shell.pdbx_R_split 
_reflns_shell.pdbx_percent_possible_ellipsoidal 
_reflns_shell.pdbx_percent_possible_spherical 
_reflns_shell.pdbx_percent_possible_ellipsoidal_anomalous 
_reflns_shell.pdbx_percent_possible_spherical_anomalous 
_reflns_shell.pdbx_redundancy_anomalous 
_reflns_shell.pdbx_CC_half_anomalous 
_reflns_shell.pdbx_absDiff_over_sigma_anomalous 
_reflns_shell.pdbx_percent_possible_anomalous 
1.990 2.060  ? ? ? ? ? ? 1653 99.800  ? ? ? ? 0.325 ? ? ? ? ? ? ? ? 3.000 ? 1.364 ? ? 0.399 0.228 ? 1  1 0.795 ? ? ? ? ? ? ? ? ? ? 
2.060 2.140  ? ? ? ? ? ? 1643 99.200  ? ? ? ? 0.273 ? ? ? ? ? ? ? ? 3.400 ? 1.479 ? ? 0.327 0.177 ? 2  1 0.829 ? ? ? ? ? ? ? ? ? ? 
2.140 2.240  ? ? ? ? ? ? 1660 99.900  ? ? ? ? 0.219 ? ? ? ? ? ? ? ? 3.900 ? 1.148 ? ? 0.257 0.131 ? 3  1 0.930 ? ? ? ? ? ? ? ? ? ? 
2.240 2.360  ? ? ? ? ? ? 1656 100.000 ? ? ? ? 0.192 ? ? ? ? ? ? ? ? 4.500 ? 1.072 ? ? 0.218 0.102 ? 4  1 0.968 ? ? ? ? ? ? ? ? ? ? 
2.360 2.510  ? ? ? ? ? ? 1644 99.900  ? ? ? ? 0.172 ? ? ? ? ? ? ? ? 5.500 ? 1.151 ? ? 0.190 0.080 ? 5  1 0.983 ? ? ? ? ? ? ? ? ? ? 
2.510 2.700  ? ? ? ? ? ? 1672 100.000 ? ? ? ? 0.133 ? ? ? ? ? ? ? ? 5.700 ? 1.065 ? ? 0.146 0.060 ? 6  1 0.988 ? ? ? ? ? ? ? ? ? ? 
2.700 2.970  ? ? ? ? ? ? 1677 100.000 ? ? ? ? 0.106 ? ? ? ? ? ? ? ? 5.600 ? 1.179 ? ? 0.118 0.049 ? 7  1 0.992 ? ? ? ? ? ? ? ? ? ? 
2.970 3.400  ? ? ? ? ? ? 1656 100.000 ? ? ? ? 0.074 ? ? ? ? ? ? ? ? 5.600 ? 1.218 ? ? 0.081 0.034 ? 8  1 0.996 ? ? ? ? ? ? ? ? ? ? 
3.400 4.280  ? ? ? ? ? ? 1678 99.600  ? ? ? ? 0.064 ? ? ? ? ? ? ? ? 5.400 ? 1.345 ? ? 0.071 0.030 ? 9  1 0.994 ? ? ? ? ? ? ? ? ? ? 
4.280 30.000 ? ? ? ? ? ? 1728 99.600  ? ? ? ? 0.042 ? ? ? ? ? ? ? ? 5.000 ? 1.318 ? ? 0.047 0.020 ? 10 1 0.998 ? ? ? ? ? ? ? ? ? ? 
# 
_refine.aniso_B[1][1]                            ? 
_refine.aniso_B[1][2]                            ? 
_refine.aniso_B[1][3]                            ? 
_refine.aniso_B[2][2]                            ? 
_refine.aniso_B[2][3]                            ? 
_refine.aniso_B[3][3]                            ? 
_refine.B_iso_max                                76.860 
_refine.B_iso_mean                               22.5697 
_refine.B_iso_min                                9.150 
_refine.correlation_coeff_Fo_to_Fc               ? 
_refine.correlation_coeff_Fo_to_Fc_free          ? 
_refine.details                                  ? 
_refine.diff_density_max                         ? 
_refine.diff_density_max_esd                     ? 
_refine.diff_density_min                         ? 
_refine.diff_density_min_esd                     ? 
_refine.diff_density_rms                         ? 
_refine.diff_density_rms_esd                     ? 
_refine.entry_id                                 7RGW 
_refine.pdbx_refine_id                           'X-RAY DIFFRACTION' 
_refine.ls_abs_structure_details                 ? 
_refine.ls_abs_structure_Flack                   ? 
_refine.ls_abs_structure_Flack_esd               ? 
_refine.ls_abs_structure_Rogers                  ? 
_refine.ls_abs_structure_Rogers_esd              ? 
_refine.ls_d_res_high                            1.9900 
_refine.ls_d_res_low                             29.2500 
_refine.ls_extinction_coef                       ? 
_refine.ls_extinction_coef_esd                   ? 
_refine.ls_extinction_expression                 ? 
_refine.ls_extinction_method                     ? 
_refine.ls_goodness_of_fit_all                   ? 
_refine.ls_goodness_of_fit_all_esd               ? 
_refine.ls_goodness_of_fit_obs                   ? 
_refine.ls_goodness_of_fit_obs_esd               ? 
_refine.ls_hydrogen_treatment                    ? 
_refine.ls_matrix_type                           ? 
_refine.ls_number_constraints                    ? 
_refine.ls_number_parameters                     ? 
_refine.ls_number_reflns_all                     ? 
_refine.ls_number_reflns_obs                     16601 
_refine.ls_number_reflns_R_free                  1653 
_refine.ls_number_reflns_R_work                  14948 
_refine.ls_number_restraints                     ? 
_refine.ls_percent_reflns_obs                    99.5100 
_refine.ls_percent_reflns_R_free                 9.9600 
_refine.ls_R_factor_all                          ? 
_refine.ls_R_factor_obs                          0.1847 
_refine.ls_R_factor_R_free                       0.2135 
_refine.ls_R_factor_R_free_error                 ? 
_refine.ls_R_factor_R_free_error_details         ? 
_refine.ls_R_factor_R_work                       0.1814 
_refine.ls_R_Fsqd_factor_obs                     ? 
_refine.ls_R_I_factor_obs                        ? 
_refine.ls_redundancy_reflns_all                 ? 
_refine.ls_redundancy_reflns_obs                 ? 
_refine.ls_restrained_S_all                      ? 
_refine.ls_restrained_S_obs                      ? 
_refine.ls_shift_over_esd_max                    ? 
_refine.ls_shift_over_esd_mean                   ? 
_refine.ls_structure_factor_coef                 ? 
_refine.ls_weighting_details                     ? 
_refine.ls_weighting_scheme                      ? 
_refine.ls_wR_factor_all                         ? 
_refine.ls_wR_factor_obs                         ? 
_refine.ls_wR_factor_R_free                      ? 
_refine.ls_wR_factor_R_work                      ? 
_refine.occupancy_max                            ? 
_refine.occupancy_min                            ? 
_refine.solvent_model_details                    'FLAT BULK SOLVENT MODEL' 
_refine.solvent_model_param_bsol                 ? 
_refine.solvent_model_param_ksol                 ? 
_refine.pdbx_R_complete                          ? 
_refine.ls_R_factor_gt                           ? 
_refine.ls_goodness_of_fit_gt                    ? 
_refine.ls_goodness_of_fit_ref                   ? 
_refine.ls_shift_over_su_max                     ? 
_refine.ls_shift_over_su_max_lt                  ? 
_refine.ls_shift_over_su_mean                    ? 
_refine.ls_shift_over_su_mean_lt                 ? 
_refine.pdbx_ls_sigma_I                          ? 
_refine.pdbx_ls_sigma_F                          1.340 
_refine.pdbx_ls_sigma_Fsqd                       ? 
_refine.pdbx_data_cutoff_high_absF               ? 
_refine.pdbx_data_cutoff_high_rms_absF           ? 
_refine.pdbx_data_cutoff_low_absF                ? 
_refine.pdbx_isotropic_thermal_model             ? 
_refine.pdbx_ls_cross_valid_method               THROUGHOUT 
_refine.pdbx_method_to_determine_struct          'MOLECULAR REPLACEMENT' 
_refine.pdbx_starting_model                      'PDB entry 1JHJ' 
_refine.pdbx_stereochemistry_target_values       ML 
_refine.pdbx_R_Free_selection_details            ? 
_refine.pdbx_stereochem_target_val_spec_case     ? 
_refine.pdbx_overall_ESU_R                       ? 
_refine.pdbx_overall_ESU_R_Free                  ? 
_refine.pdbx_solvent_vdw_probe_radii             1.1100 
_refine.pdbx_solvent_ion_probe_radii             ? 
_refine.pdbx_solvent_shrinkage_radii             0.9000 
_refine.pdbx_real_space_R                        ? 
_refine.pdbx_density_correlation                 ? 
_refine.pdbx_pd_number_of_powder_patterns        ? 
_refine.pdbx_pd_number_of_points                 ? 
_refine.pdbx_pd_meas_number_of_points            ? 
_refine.pdbx_pd_proc_ls_prof_R_factor            ? 
_refine.pdbx_pd_proc_ls_prof_wR_factor           ? 
_refine.pdbx_pd_Marquardt_correlation_coeff      ? 
_refine.pdbx_pd_Fsqrd_R_factor                   ? 
_refine.pdbx_pd_ls_matrix_band_width             ? 
_refine.pdbx_overall_phase_error                 21.8700 
_refine.pdbx_overall_SU_R_free_Cruickshank_DPI   ? 
_refine.pdbx_overall_SU_R_free_Blow_DPI          ? 
_refine.pdbx_overall_SU_R_Blow_DPI               ? 
_refine.pdbx_TLS_residual_ADP_flag               ? 
_refine.pdbx_diffrn_id                           1 
_refine.overall_SU_B                             ? 
_refine.overall_SU_ML                            0.1900 
_refine.overall_SU_R_Cruickshank_DPI             ? 
_refine.overall_SU_R_free                        ? 
_refine.overall_FOM_free_R_set                   ? 
_refine.overall_FOM_work_R_set                   ? 
_refine.pdbx_average_fsc_overall                 ? 
_refine.pdbx_average_fsc_work                    ? 
_refine.pdbx_average_fsc_free                    ? 
# 
_refine_hist.pdbx_refine_id                   'X-RAY DIFFRACTION' 
_refine_hist.cycle_id                         final 
_refine_hist.details                          ? 
_refine_hist.d_res_high                       1.9900 
_refine_hist.d_res_low                        29.2500 
_refine_hist.number_atoms_solvent             183 
_refine_hist.number_atoms_total               1297 
_refine_hist.number_reflns_all                ? 
_refine_hist.number_reflns_obs                ? 
_refine_hist.number_reflns_R_free             ? 
_refine_hist.number_reflns_R_work             ? 
_refine_hist.R_factor_all                     ? 
_refine_hist.R_factor_obs                     ? 
_refine_hist.R_factor_R_free                  ? 
_refine_hist.R_factor_R_work                  ? 
_refine_hist.pdbx_number_residues_total       141 
_refine_hist.pdbx_B_iso_mean_ligand           39.26 
_refine_hist.pdbx_B_iso_mean_solvent          31.61 
_refine_hist.pdbx_number_atoms_protein        1097 
_refine_hist.pdbx_number_atoms_nucleic_acid   0 
_refine_hist.pdbx_number_atoms_ligand         17 
_refine_hist.pdbx_number_atoms_lipid          ? 
_refine_hist.pdbx_number_atoms_carb           ? 
_refine_hist.pdbx_pseudo_atom_details         ? 
# 
loop_
_refine_ls_shell.pdbx_refine_id 
_refine_ls_shell.d_res_high 
_refine_ls_shell.d_res_low 
_refine_ls_shell.number_reflns_all 
_refine_ls_shell.number_reflns_obs 
_refine_ls_shell.number_reflns_R_free 
_refine_ls_shell.number_reflns_R_work 
_refine_ls_shell.percent_reflns_obs 
_refine_ls_shell.percent_reflns_R_free 
_refine_ls_shell.R_factor_all 
_refine_ls_shell.R_factor_obs 
_refine_ls_shell.R_factor_R_free 
_refine_ls_shell.R_factor_R_free_error 
_refine_ls_shell.R_factor_R_work 
_refine_ls_shell.redundancy_reflns_all 
_refine_ls_shell.redundancy_reflns_obs 
_refine_ls_shell.wR_factor_all 
_refine_ls_shell.wR_factor_obs 
_refine_ls_shell.wR_factor_R_free 
_refine_ls_shell.wR_factor_R_work 
_refine_ls_shell.pdbx_R_complete 
_refine_ls_shell.pdbx_total_number_of_bins_used 
_refine_ls_shell.pdbx_phase_error 
_refine_ls_shell.pdbx_fsc_work 
_refine_ls_shell.pdbx_fsc_free 
'X-RAY DIFFRACTION' 1.9900 2.0500  1365 . 137 1228 99.0000  . . . 0.2781 0.0000 0.2012 . . . . . . . 12 . . . 
'X-RAY DIFFRACTION' 2.0500 2.1100  1391 . 136 1255 99.0000  . . . 0.2227 0.0000 0.1992 . . . . . . . 12 . . . 
'X-RAY DIFFRACTION' 2.1100 2.1900  1374 . 141 1233 100.0000 . . . 0.2166 0.0000 0.1728 . . . . . . . 12 . . . 
'X-RAY DIFFRACTION' 2.1900 2.2800  1365 . 133 1232 100.0000 . . . 0.2329 0.0000 0.1950 . . . . . . . 12 . . . 
'X-RAY DIFFRACTION' 2.2800 2.3800  1375 . 138 1237 100.0000 . . . 0.1883 0.0000 0.1957 . . . . . . . 12 . . . 
'X-RAY DIFFRACTION' 2.3800 2.5100  1376 . 135 1241 100.0000 . . . 0.2566 0.0000 0.2102 . . . . . . . 12 . . . 
'X-RAY DIFFRACTION' 2.5100 2.6600  1412 . 143 1269 100.0000 . . . 0.2375 0.0000 0.2088 . . . . . . . 12 . . . 
'X-RAY DIFFRACTION' 2.6600 2.8700  1365 . 133 1232 99.0000  . . . 0.2719 0.0000 0.2167 . . . . . . . 12 . . . 
'X-RAY DIFFRACTION' 2.8700 3.1600  1364 . 133 1231 98.0000  . . . 0.2657 0.0000 0.2093 . . . . . . . 12 . . . 
'X-RAY DIFFRACTION' 3.1600 3.6100  1387 . 139 1248 100.0000 . . . 0.1953 0.0000 0.1669 . . . . . . . 12 . . . 
'X-RAY DIFFRACTION' 3.6100 4.5400  1393 . 139 1254 99.0000  . . . 0.1705 0.0000 0.1509 . . . . . . . 12 . . . 
'X-RAY DIFFRACTION' 4.5500 29.2500 1434 . 146 1288 100.0000 . . . 0.1865 0.0000 0.1579 . . . . . . . 12 . . . 
# 
_struct.entry_id                     7RGW 
_struct.title                        'Crystal structure of HERC2 DOC domain' 
_struct.pdbx_model_details           ? 
_struct.pdbx_formula_weight          ? 
_struct.pdbx_formula_weight_method   ? 
_struct.pdbx_model_type_details      ? 
_struct.pdbx_CASP_flag               N 
# 
_struct_keywords.entry_id        7RGW 
_struct_keywords.text            'DOC domain of E3 ubiquitin ligase HERC2, CELL CYCLE' 
_struct_keywords.pdbx_keywords   'CELL CYCLE' 
# 
loop_
_struct_asym.id 
_struct_asym.pdbx_blank_PDB_chainid_flag 
_struct_asym.pdbx_modified 
_struct_asym.entity_id 
_struct_asym.details 
A N N 1 ? 
B N N 2 ? 
C N N 3 ? 
# 
loop_
_struct_conf.conf_type_id 
_struct_conf.id 
_struct_conf.pdbx_PDB_helix_id 
_struct_conf.beg_label_comp_id 
_struct_conf.beg_label_asym_id 
_struct_conf.beg_label_seq_id 
_struct_conf.pdbx_beg_PDB_ins_code 
_struct_conf.end_label_comp_id 
_struct_conf.end_label_asym_id 
_struct_conf.end_label_seq_id 
_struct_conf.pdbx_end_PDB_ins_code 
_struct_conf.beg_auth_comp_id 
_struct_conf.beg_auth_asym_id 
_struct_conf.beg_auth_seq_id 
_struct_conf.end_auth_comp_id 
_struct_conf.end_auth_asym_id 
_struct_conf.end_auth_seq_id 
_struct_conf.pdbx_PDB_helix_class 
_struct_conf.details 
_struct_conf.pdbx_PDB_helix_length 
HELX_P HELX_P1 AA1 SER A 41  ? MET A 45  ? SER A 2781 MET A 2785 1 ? 5 
HELX_P HELX_P2 AA2 SER A 54  ? ALA A 58  ? SER A 2794 ALA A 2798 5 ? 5 
HELX_P HELX_P3 AA3 SER A 59  ? GLY A 64  ? SER A 2799 GLY A 2804 1 ? 6 
HELX_P HELX_P4 AA4 ASP A 98  ? TYR A 104 ? ASP A 2838 TYR A 2844 5 ? 7 
HELX_P HELX_P5 AA5 SER A 157 ? GLY A 159 ? SER A 2897 GLY A 2899 5 ? 3 
# 
_struct_conf_type.id          HELX_P 
_struct_conf_type.criteria    ? 
_struct_conf_type.reference   ? 
# 
_struct_mon_prot_cis.pdbx_id                1 
_struct_mon_prot_cis.label_comp_id          GLU 
_struct_mon_prot_cis.label_seq_id           66 
_struct_mon_prot_cis.label_asym_id          A 
_struct_mon_prot_cis.label_alt_id           . 
_struct_mon_prot_cis.pdbx_PDB_ins_code      ? 
_struct_mon_prot_cis.auth_comp_id           GLU 
_struct_mon_prot_cis.auth_seq_id            2806 
_struct_mon_prot_cis.auth_asym_id           A 
_struct_mon_prot_cis.pdbx_label_comp_id_2   PRO 
_struct_mon_prot_cis.pdbx_label_seq_id_2    67 
_struct_mon_prot_cis.pdbx_label_asym_id_2   A 
_struct_mon_prot_cis.pdbx_PDB_ins_code_2    ? 
_struct_mon_prot_cis.pdbx_auth_comp_id_2    PRO 
_struct_mon_prot_cis.pdbx_auth_seq_id_2     2807 
_struct_mon_prot_cis.pdbx_auth_asym_id_2    A 
_struct_mon_prot_cis.pdbx_PDB_model_num     1 
_struct_mon_prot_cis.pdbx_omega_angle       3.26 
# 
loop_
_struct_sheet.id 
_struct_sheet.type 
_struct_sheet.number_strands 
_struct_sheet.details 
AA1 ? 4 ? 
AA2 ? 5 ? 
AA3 ? 2 ? 
# 
loop_
_struct_sheet_order.sheet_id 
_struct_sheet_order.range_id_1 
_struct_sheet_order.range_id_2 
_struct_sheet_order.offset 
_struct_sheet_order.sense 
AA1 1 2 ? anti-parallel 
AA1 2 3 ? anti-parallel 
AA1 3 4 ? anti-parallel 
AA2 1 2 ? anti-parallel 
AA2 2 3 ? anti-parallel 
AA2 3 4 ? anti-parallel 
AA2 4 5 ? anti-parallel 
AA3 1 2 ? anti-parallel 
# 
loop_
_struct_sheet_range.sheet_id 
_struct_sheet_range.id 
_struct_sheet_range.beg_label_comp_id 
_struct_sheet_range.beg_label_asym_id 
_struct_sheet_range.beg_label_seq_id 
_struct_sheet_range.pdbx_beg_PDB_ins_code 
_struct_sheet_range.end_label_comp_id 
_struct_sheet_range.end_label_asym_id 
_struct_sheet_range.end_label_seq_id 
_struct_sheet_range.pdbx_end_PDB_ins_code 
_struct_sheet_range.beg_auth_comp_id 
_struct_sheet_range.beg_auth_asym_id 
_struct_sheet_range.beg_auth_seq_id 
_struct_sheet_range.end_auth_comp_id 
_struct_sheet_range.end_auth_asym_id 
_struct_sheet_range.end_auth_seq_id 
AA1 1 LEU A 38  ? LEU A 39  ? LEU A 2778 LEU A 2779 
AA1 2 GLY A 166 ? ILE A 173 ? GLY A 2906 ILE A 2913 
AA1 3 VAL A 88  ? ILE A 96  ? VAL A 2828 ILE A 2836 
AA1 4 THR A 134 ? ASN A 139 ? THR A 2874 ASN A 2879 
AA2 1 VAL A 46  ? VAL A 51  ? VAL A 2786 VAL A 2791 
AA2 2 HIS A 78  ? ILE A 84  ? HIS A 2818 ILE A 2824 
AA2 3 TYR A 147 ? CYS A 155 ? TYR A 2887 CYS A 2895 
AA2 4 PRO A 106 ? GLY A 114 ? PRO A 2846 GLY A 2854 
AA2 5 ILE A 121 ? ASN A 127 ? ILE A 2861 ASN A 2867 
AA3 1 TRP A 69  ? GLN A 70  ? TRP A 2809 GLN A 2810 
AA3 2 LYS A 163 ? ILE A 164 ? LYS A 2903 ILE A 2904 
# 
loop_
_pdbx_struct_sheet_hbond.sheet_id 
_pdbx_struct_sheet_hbond.range_id_1 
_pdbx_struct_sheet_hbond.range_id_2 
_pdbx_struct_sheet_hbond.range_1_label_atom_id 
_pdbx_struct_sheet_hbond.range_1_label_comp_id 
_pdbx_struct_sheet_hbond.range_1_label_asym_id 
_pdbx_struct_sheet_hbond.range_1_label_seq_id 
_pdbx_struct_sheet_hbond.range_1_PDB_ins_code 
_pdbx_struct_sheet_hbond.range_1_auth_atom_id 
_pdbx_struct_sheet_hbond.range_1_auth_comp_id 
_pdbx_struct_sheet_hbond.range_1_auth_asym_id 
_pdbx_struct_sheet_hbond.range_1_auth_seq_id 
_pdbx_struct_sheet_hbond.range_2_label_atom_id 
_pdbx_struct_sheet_hbond.range_2_label_comp_id 
_pdbx_struct_sheet_hbond.range_2_label_asym_id 
_pdbx_struct_sheet_hbond.range_2_label_seq_id 
_pdbx_struct_sheet_hbond.range_2_PDB_ins_code 
_pdbx_struct_sheet_hbond.range_2_auth_atom_id 
_pdbx_struct_sheet_hbond.range_2_auth_comp_id 
_pdbx_struct_sheet_hbond.range_2_auth_asym_id 
_pdbx_struct_sheet_hbond.range_2_auth_seq_id 
AA1 1 2 N LEU A 39  ? N LEU A 2779 O GLY A 171 ? O GLY A 2911 
AA1 2 3 O ARG A 172 ? O ARG A 2912 N LEU A 89  ? N LEU A 2829 
AA1 3 4 N MET A 95  ? N MET A 2835 O VAL A 135 ? O VAL A 2875 
AA2 1 2 N ASN A 50  ? N ASN A 2790 O ARG A 81  ? O ARG A 2821 
AA2 2 3 N ILE A 80  ? N ILE A 2820 O ILE A 150 ? O ILE A 2890 
AA2 3 4 O GLU A 149 ? O GLU A 2889 N SER A 112 ? N SER A 2852 
AA2 4 5 N VAL A 111 ? N VAL A 2851 O LEU A 123 ? O LEU A 2863 
AA3 1 2 N TRP A 69  ? N TRP A 2809 O ILE A 164 ? O ILE A 2904 
# 
_atom_sites.entry_id                    7RGW 
_atom_sites.Cartn_transf_matrix[1][1]   ? 
_atom_sites.Cartn_transf_matrix[1][2]   ? 
_atom_sites.Cartn_transf_matrix[1][3]   ? 
_atom_sites.Cartn_transf_matrix[2][1]   ? 
_atom_sites.Cartn_transf_matrix[2][2]   ? 
_atom_sites.Cartn_transf_matrix[2][3]   ? 
_atom_sites.Cartn_transf_matrix[3][1]   ? 
_atom_sites.Cartn_transf_matrix[3][2]   ? 
_atom_sites.Cartn_transf_matrix[3][3]   ? 
_atom_sites.Cartn_transf_vector[1]      ? 
_atom_sites.Cartn_transf_vector[2]      ? 
_atom_sites.Cartn_transf_vector[3]      ? 
_atom_sites.fract_transf_matrix[1][1]   0.01167781 
_atom_sites.fract_transf_matrix[1][2]   0.00552868 
_atom_sites.fract_transf_matrix[1][3]   -0.00015226 
_atom_sites.fract_transf_matrix[2][1]   0.00854251 
_atom_sites.fract_transf_matrix[2][2]   -0.00268726 
_atom_sites.fract_transf_matrix[2][3]   0.00931431 
_atom_sites.fract_transf_matrix[3][1]   0.00668607 
_atom_sites.fract_transf_matrix[3][2]   -0.01440583 
_atom_sites.fract_transf_matrix[3][3]   -0.01028827 
_atom_sites.fract_transf_vector[1]      0.095115 
_atom_sites.fract_transf_vector[2]      -0.377938 
_atom_sites.fract_transf_vector[3]      0.078454 
_atom_sites.solution_primary            ? 
_atom_sites.solution_secondary          ? 
_atom_sites.solution_hydrogens          ? 
_atom_sites.special_details             ? 
# 
loop_
_atom_type.symbol 
C 
H 
N 
O 
S 
# 
loop_
_atom_site.group_PDB 
_atom_site.id 
_atom_site.type_symbol 
_atom_site.label_atom_id 
_atom_site.label_alt_id 
_atom_site.label_comp_id 
_atom_site.label_asym_id 
_atom_site.label_entity_id 
_atom_site.label_seq_id 
_atom_site.pdbx_PDB_ins_code 
_atom_site.Cartn_x 
_atom_site.Cartn_y 
_atom_site.Cartn_z 
_atom_site.occupancy 
_atom_site.B_iso_or_equiv 
_atom_site.pdbx_formal_charge 
_atom_site.auth_seq_id 
_atom_site.auth_comp_id 
_atom_site.auth_asym_id 
_atom_site.auth_atom_id 
_atom_site.pdbx_PDB_model_num 
ATOM   1    N N   . GLN A 1 34  ? -24.056 -3.360  -6.569  1.00 51.64 ? 2774 GLN A N   1 
ATOM   2    C CA  . GLN A 1 34  ? -25.033 -2.974  -5.555  1.00 52.81 ? 2774 GLN A CA  1 
ATOM   3    C C   . GLN A 1 34  ? -24.380 -2.289  -4.345  1.00 48.36 ? 2774 GLN A C   1 
ATOM   4    O O   . GLN A 1 34  ? -23.524 -2.875  -3.677  1.00 44.84 ? 2774 GLN A O   1 
ATOM   5    C CB  . GLN A 1 34  ? -25.826 -4.198  -5.087  1.00 56.57 ? 2774 GLN A CB  1 
ATOM   6    C CG  . GLN A 1 34  ? -27.243 -3.875  -4.639  1.00 60.29 ? 2774 GLN A CG  1 
ATOM   7    C CD  . GLN A 1 34  ? -27.926 -5.051  -3.967  1.00 68.98 ? 2774 GLN A CD  1 
ATOM   8    O OE1 . GLN A 1 34  ? -27.507 -6.200  -4.122  1.00 76.86 ? 2774 GLN A OE1 1 
ATOM   9    N NE2 . GLN A 1 34  ? -28.985 -4.770  -3.212  1.00 64.57 ? 2774 GLN A NE2 1 
ATOM   10   N N   . PRO A 1 35  ? -24.794 -1.055  -4.062  1.00 46.14 ? 2775 PRO A N   1 
ATOM   11   C CA  . PRO A 1 35  ? -24.200 -0.308  -2.945  1.00 40.72 ? 2775 PRO A CA  1 
ATOM   12   C C   . PRO A 1 35  ? -24.182 -1.109  -1.647  1.00 42.81 ? 2775 PRO A C   1 
ATOM   13   O O   . PRO A 1 35  ? -25.112 -1.861  -1.340  1.00 44.55 ? 2775 PRO A O   1 
ATOM   14   C CB  . PRO A 1 35  ? -25.097 0.931   -2.826  1.00 38.04 ? 2775 PRO A CB  1 
ATOM   15   C CG  . PRO A 1 35  ? -26.079 0.872   -3.982  1.00 45.49 ? 2775 PRO A CG  1 
ATOM   16   C CD  . PRO A 1 35  ? -25.650 -0.211  -4.910  1.00 45.33 ? 2775 PRO A CD  1 
ATOM   17   N N   . GLY A 1 36  ? -23.102 -0.937  -0.876  1.00 30.93 ? 2776 GLY A N   1 
ATOM   18   C CA  . GLY A 1 36  ? -22.969 -1.550  0.427   1.00 29.81 ? 2776 GLY A CA  1 
ATOM   19   C C   . GLY A 1 36  ? -22.324 -2.922  0.445   1.00 31.60 ? 2776 GLY A C   1 
ATOM   20   O O   . GLY A 1 36  ? -21.846 -3.346  1.502   1.00 34.69 ? 2776 GLY A O   1 
ATOM   21   N N   . MET A 1 37  ? -22.292 -3.633  -0.678  1.00 34.37 ? 2777 MET A N   1 
ATOM   22   C CA  . MET A 1 37  ? -21.684 -4.957  -0.683  1.00 36.00 ? 2777 MET A CA  1 
ATOM   23   C C   . MET A 1 37  ? -20.163 -4.846  -0.772  1.00 35.93 ? 2777 MET A C   1 
ATOM   24   O O   . MET A 1 37  ? -19.618 -3.925  -1.386  1.00 30.04 ? 2777 MET A O   1 
ATOM   25   C CB  . MET A 1 37  ? -22.231 -5.807  -1.834  1.00 41.35 ? 2777 MET A CB  1 
ATOM   26   C CG  . MET A 1 37  ? -21.650 -5.483  -3.214  1.00 44.50 ? 2777 MET A CG  1 
ATOM   27   S SD  . MET A 1 37  ? -22.007 -6.742  -4.479  1.00 66.02 ? 2777 MET A SD  1 
ATOM   28   C CE  . MET A 1 37  ? -20.642 -7.893  -4.279  1.00 45.50 ? 2777 MET A CE  1 
ATOM   29   N N   . LEU A 1 38  ? -19.483 -5.797  -0.136  1.00 31.58 ? 2778 LEU A N   1 
ATOM   30   C CA  . LEU A 1 38  ? -18.031 -5.805  -0.077  1.00 33.86 ? 2778 LEU A CA  1 
ATOM   31   C C   . LEU A 1 38  ? -17.459 -6.512  -1.295  1.00 32.26 ? 2778 LEU A C   1 
ATOM   32   O O   . LEU A 1 38  ? -18.112 -7.360  -1.908  1.00 33.89 ? 2778 LEU A O   1 
ATOM   33   C CB  . LEU A 1 38  ? -17.545 -6.497  1.197   1.00 30.16 ? 2778 LEU A CB  1 
ATOM   34   C CG  . LEU A 1 38  ? -17.780 -5.795  2.530   1.00 32.39 ? 2778 LEU A CG  1 
ATOM   35   C CD1 . LEU A 1 38  ? -16.938 -6.447  3.618   1.00 36.54 ? 2778 LEU A CD1 1 
ATOM   36   C CD2 . LEU A 1 38  ? -17.487 -4.305  2.440   1.00 33.47 ? 2778 LEU A CD2 1 
ATOM   37   N N   . LEU A 1 39  ? -16.229 -6.146  -1.645  1.00 28.36 ? 2779 LEU A N   1 
ATOM   38   C CA  . LEU A 1 39  ? -15.513 -6.717  -2.776  1.00 27.02 ? 2779 LEU A CA  1 
ATOM   39   C C   . LEU A 1 39  ? -14.117 -7.120  -2.340  1.00 30.27 ? 2779 LEU A C   1 
ATOM   40   O O   . LEU A 1 39  ? -13.492 -6.451  -1.510  1.00 24.05 ? 2779 LEU A O   1 
ATOM   41   C CB  . LEU A 1 39  ? -15.362 -5.734  -3.937  1.00 29.67 ? 2779 LEU A CB  1 
ATOM   42   C CG  . LEU A 1 39  ? -16.611 -4.992  -4.391  1.00 35.25 ? 2779 LEU A CG  1 
ATOM   43   C CD1 . LEU A 1 39  ? -16.216 -3.675  -5.040  1.00 32.00 ? 2779 LEU A CD1 1 
ATOM   44   C CD2 . LEU A 1 39  ? -17.375 -5.870  -5.364  1.00 39.16 ? 2779 LEU A CD2 1 
ATOM   45   N N   . ASP A 1 40  ? -13.616 -8.203  -2.930  1.00 27.60 ? 2780 ASP A N   1 
ATOM   46   C CA  . ASP A 1 40  ? -12.223 -8.572  -2.740  1.00 27.29 ? 2780 ASP A CA  1 
ATOM   47   C C   . ASP A 1 40  ? -11.485 -8.835  -4.044  1.00 25.84 ? 2780 ASP A C   1 
ATOM   48   O O   . ASP A 1 40  ? -10.306 -9.194  -4.004  1.00 26.79 ? 2780 ASP A O   1 
ATOM   49   C CB  . ASP A 1 40  ? -12.101 -9.797  -1.823  1.00 32.36 ? 2780 ASP A CB  1 
ATOM   50   C CG  . ASP A 1 40  ? -12.918 -10.988 -2.315  1.00 35.84 ? 2780 ASP A CG  1 
ATOM   51   O OD1 . ASP A 1 40  ? -13.377 -10.975 -3.480  1.00 35.27 ? 2780 ASP A OD1 1 
ATOM   52   O OD2 . ASP A 1 40  ? -13.076 -11.948 -1.527  1.00 37.92 ? 2780 ASP A OD2 1 
ATOM   53   N N   . SER A 1 41  ? -12.130 -8.657  -5.192  1.00 23.21 ? 2781 SER A N   1 
ATOM   54   C CA  . SER A 1 41  ? -11.470 -8.886  -6.471  1.00 26.20 ? 2781 SER A CA  1 
ATOM   55   C C   . SER A 1 41  ? -10.669 -7.648  -6.856  1.00 26.73 ? 2781 SER A C   1 
ATOM   56   O O   . SER A 1 41  ? -11.236 -6.603  -7.197  1.00 20.62 ? 2781 SER A O   1 
ATOM   57   C CB  . SER A 1 41  ? -12.489 -9.245  -7.545  1.00 30.03 ? 2781 SER A CB  1 
ATOM   58   O OG  . SER A 1 41  ? -11.874 -9.188  -8.820  1.00 37.47 ? 2781 SER A OG  1 
ATOM   59   N N   . TRP A 1 42  ? -9.343  -7.778  -6.827  1.00 24.83 ? 2782 TRP A N   1 
ATOM   60   C CA  . TRP A 1 42  ? -8.469  -6.627  -7.023  1.00 26.68 ? 2782 TRP A CA  1 
ATOM   61   C C   . TRP A 1 42  ? -8.811  -5.868  -8.300  1.00 26.74 ? 2782 TRP A C   1 
ATOM   62   O O   . TRP A 1 42  ? -8.947  -4.638  -8.292  1.00 25.41 ? 2782 TRP A O   1 
ATOM   63   C CB  . TRP A 1 42  ? -7.016  -7.104  -7.033  1.00 27.80 ? 2782 TRP A CB  1 
ATOM   64   C CG  . TRP A 1 42  ? -6.027  -6.033  -7.262  1.00 20.41 ? 2782 TRP A CG  1 
ATOM   65   C CD1 . TRP A 1 42  ? -5.644  -5.520  -8.466  1.00 21.45 ? 2782 TRP A CD1 1 
ATOM   66   C CD2 . TRP A 1 42  ? -5.264  -5.348  -6.265  1.00 17.07 ? 2782 TRP A CD2 1 
ATOM   67   N NE1 . TRP A 1 42  ? -4.684  -4.546  -8.277  1.00 19.70 ? 2782 TRP A NE1 1 
ATOM   68   C CE2 . TRP A 1 42  ? -4.432  -4.424  -6.936  1.00 16.31 ? 2782 TRP A CE2 1 
ATOM   69   C CE3 . TRP A 1 42  ? -5.185  -5.441  -4.874  1.00 20.10 ? 2782 TRP A CE3 1 
ATOM   70   C CZ2 . TRP A 1 42  ? -3.537  -3.588  -6.261  1.00 16.40 ? 2782 TRP A CZ2 1 
ATOM   71   C CZ3 . TRP A 1 42  ? -4.302  -4.593  -4.200  1.00 22.95 ? 2782 TRP A CZ3 1 
ATOM   72   C CH2 . TRP A 1 42  ? -3.493  -3.684  -4.899  1.00 17.50 ? 2782 TRP A CH2 1 
ATOM   73   N N   . SER A 1 43  ? -8.975  -6.591  -9.407  1.00 24.44 ? 2783 SER A N   1 
ATOM   74   C CA  . SER A 1 43  ? -9.210  -5.962  -10.705 1.00 23.20 ? 2783 SER A CA  1 
ATOM   75   C C   . SER A 1 43  ? -10.557 -5.253  -10.787 1.00 25.58 ? 2783 SER A C   1 
ATOM   76   O O   . SER A 1 43  ? -10.758 -4.431  -11.686 1.00 21.82 ? 2783 SER A O   1 
ATOM   77   C CB  . SER A 1 43  ? -9.118  -7.012  -11.815 1.00 32.34 ? 2783 SER A CB  1 
ATOM   78   O OG  . SER A 1 43  ? -10.196 -7.940  -11.731 1.00 32.48 ? 2783 SER A OG  1 
ATOM   79   N N   . ARG A 1 44  ? -11.487 -5.550  -9.889  1.00 22.71 ? 2784 ARG A N   1 
ATOM   80   C CA  . ARG A 1 44  ? -12.747 -4.823  -9.893  1.00 23.92 ? 2784 ARG A CA  1 
ATOM   81   C C   . ARG A 1 44  ? -12.689 -3.575  -9.020  1.00 23.07 ? 2784 ARG A C   1 
ATOM   82   O O   . ARG A 1 44  ? -13.644 -2.791  -9.019  1.00 22.22 ? 2784 ARG A O   1 
ATOM   83   C CB  . ARG A 1 44  ? -13.885 -5.746  -9.437  1.00 26.38 ? 2784 ARG A CB  1 
ATOM   84   C CG  . ARG A 1 44  ? -15.298 -5.301  -9.844  1.00 36.07 ? 2784 ARG A CG  1 
ATOM   85   C CD  . ARG A 1 44  ? -16.021 -4.505  -8.770  1.00 35.59 ? 2784 ARG A CD  1 
ATOM   86   N NE  . ARG A 1 44  ? -17.180 -3.781  -9.290  1.00 34.27 ? 2784 ARG A NE  1 
ATOM   87   C CZ  . ARG A 1 44  ? -17.252 -2.462  -9.427  1.00 36.19 ? 2784 ARG A CZ  1 
ATOM   88   N NH1 . ARG A 1 44  ? -16.238 -1.675  -9.108  1.00 27.80 ? 2784 ARG A NH1 1 
ATOM   89   N NH2 . ARG A 1 44  ? -18.371 -1.919  -9.895  1.00 37.35 ? 2784 ARG A NH2 1 
ATOM   90   N N   . MET A 1 45  ? -11.583 -3.359  -8.300  1.00 20.60 ? 2785 MET A N   1 
ATOM   91   C CA  . MET A 1 45  ? -11.415 -2.182  -7.453  1.00 17.40 ? 2785 MET A CA  1 
ATOM   92   C C   . MET A 1 45  ? -10.309 -1.249  -7.912  1.00 17.87 ? 2785 MET A C   1 
ATOM   93   O O   . MET A 1 45  ? -10.440 -0.040  -7.728  1.00 14.60 ? 2785 MET A O   1 
ATOM   94   C CB  . MET A 1 45  ? -11.131 -2.594  -5.996  1.00 17.69 ? 2785 MET A CB  1 
ATOM   95   C CG  . MET A 1 45  ? -12.329 -3.208  -5.264  1.00 17.83 ? 2785 MET A CG  1 
ATOM   96   S SD  . MET A 1 45  ? -11.899 -3.884  -3.651  1.00 21.29 ? 2785 MET A SD  1 
ATOM   97   C CE  . MET A 1 45  ? -10.716 -5.147  -4.128  1.00 19.24 ? 2785 MET A CE  1 
ATOM   98   N N   . VAL A 1 46  ? -9.235  -1.770  -8.504  1.00 15.59 ? 2786 VAL A N   1 
ATOM   99   C CA  . VAL A 1 46  ? -8.017  -1.004  -8.761  1.00 14.92 ? 2786 VAL A CA  1 
ATOM   100  C C   . VAL A 1 46  ? -7.880  -0.788  -10.259 1.00 16.19 ? 2786 VAL A C   1 
ATOM   101  O O   . VAL A 1 46  ? -7.687  -1.743  -11.018 1.00 19.25 ? 2786 VAL A O   1 
ATOM   102  C CB  . VAL A 1 46  ? -6.771  -1.700  -8.192  1.00 17.45 ? 2786 VAL A CB  1 
ATOM   103  C CG1 . VAL A 1 46  ? -5.504  -0.910  -8.554  1.00 13.57 ? 2786 VAL A CG1 1 
ATOM   104  C CG2 . VAL A 1 46  ? -6.903  -1.848  -6.671  1.00 16.14 ? 2786 VAL A CG2 1 
ATOM   105  N N   . LYS A 1 47  ? -7.958  0.471   -10.673 1.00 15.75 ? 2787 LYS A N   1 
ATOM   106  C CA  . LYS A 1 47  ? -7.738  0.832   -12.067 1.00 16.87 ? 2787 LYS A CA  1 
ATOM   107  C C   . LYS A 1 47  ? -6.264  0.735   -12.454 1.00 18.07 ? 2787 LYS A C   1 
ATOM   108  O O   . LYS A 1 47  ? -5.945  0.366   -13.589 1.00 17.67 ? 2787 LYS A O   1 
ATOM   109  C CB  . LYS A 1 47  ? -8.257  2.247   -12.296 1.00 17.27 ? 2787 LYS A CB  1 
ATOM   110  C CG  . LYS A 1 47  ? -8.120  2.765   -13.698 1.00 23.47 ? 2787 LYS A CG  1 
ATOM   111  C CD  . LYS A 1 47  ? -8.711  4.171   -13.794 1.00 24.50 ? 2787 LYS A CD  1 
ATOM   112  C CE  . LYS A 1 47  ? -8.829  4.622   -15.249 1.00 32.92 ? 2787 LYS A CE  1 
ATOM   113  N NZ  . LYS A 1 47  ? -9.729  5.809   -15.380 1.00 35.64 ? 2787 LYS A NZ  1 
ATOM   114  N N   . SER A 1 48  ? -5.353  1.088   -11.543 1.00 17.34 ? 2788 SER A N   1 
ATOM   115  C CA  . SER A 1 48  ? -3.926  1.012   -11.841 1.00 16.00 ? 2788 SER A CA  1 
ATOM   116  C C   . SER A 1 48  ? -3.125  0.861   -10.553 1.00 17.30 ? 2788 SER A C   1 
ATOM   117  O O   . SER A 1 48  ? -3.525  1.340   -9.486  1.00 12.69 ? 2788 SER A O   1 
ATOM   118  C CB  . SER A 1 48  ? -3.429  2.240   -12.608 1.00 17.81 ? 2788 SER A CB  1 
ATOM   119  O OG  . SER A 1 48  ? -3.387  3.381   -11.764 1.00 15.16 ? 2788 SER A OG  1 
ATOM   120  N N   . LEU A 1 49  ? -1.984  0.188   -10.679 1.00 15.52 ? 2789 LEU A N   1 
ATOM   121  C CA  . LEU A 1 49  ? -1.023  0.022   -9.600  1.00 12.74 ? 2789 LEU A CA  1 
ATOM   122  C C   . LEU A 1 49  ? 0.327   0.480   -10.133 1.00 13.86 ? 2789 LEU A C   1 
ATOM   123  O O   . LEU A 1 49  ? 0.779   -0.010  -11.169 1.00 13.38 ? 2789 LEU A O   1 
ATOM   124  C CB  . LEU A 1 49  ? -0.964  -1.434  -9.128  1.00 15.55 ? 2789 LEU A CB  1 
ATOM   125  C CG  . LEU A 1 49  ? 0.303   -1.871  -8.378  1.00 18.17 ? 2789 LEU A CG  1 
ATOM   126  C CD1 . LEU A 1 49  ? 0.316   -1.251  -6.985  1.00 15.96 ? 2789 LEU A CD1 1 
ATOM   127  C CD2 . LEU A 1 49  ? 0.364   -3.385  -8.287  1.00 18.73 ? 2789 LEU A CD2 1 
ATOM   128  N N   . ASN A 1 50  ? 0.942   1.448   -9.461  1.00 12.06 ? 2790 ASN A N   1 
ATOM   129  C CA  . ASN A 1 50  ? 2.255   1.939   -9.854  1.00 15.49 ? 2790 ASN A CA  1 
ATOM   130  C C   . ASN A 1 50  ? 3.173   1.942   -8.649  1.00 13.80 ? 2790 ASN A C   1 
ATOM   131  O O   . ASN A 1 50  ? 2.718   2.077   -7.505  1.00 11.61 ? 2790 ASN A O   1 
ATOM   132  C CB  . ASN A 1 50  ? 2.187   3.345   -10.450 1.00 13.50 ? 2790 ASN A CB  1 
ATOM   133  C CG  . ASN A 1 50  ? 1.587   3.339   -11.835 1.00 23.09 ? 2790 ASN A CG  1 
ATOM   134  O OD1 . ASN A 1 50  ? 2.233   2.913   -12.786 1.00 25.34 ? 2790 ASN A OD1 1 
ATOM   135  N ND2 . ASN A 1 50  ? 0.325   3.752   -11.947 1.00 22.06 ? 2790 ASN A ND2 1 
ATOM   136  N N   . VAL A 1 51  ? 4.473   1.828   -8.917  1.00 11.67 ? 2791 VAL A N   1 
ATOM   137  C CA  . VAL A 1 51  ? 5.471   1.810   -7.857  1.00 13.11 ? 2791 VAL A CA  1 
ATOM   138  C C   . VAL A 1 51  ? 6.614   2.751   -8.234  1.00 13.82 ? 2791 VAL A C   1 
ATOM   139  O O   . VAL A 1 51  ? 6.826   3.082   -9.399  1.00 12.20 ? 2791 VAL A O   1 
ATOM   140  C CB  . VAL A 1 51  ? 6.013   0.385   -7.586  1.00 15.74 ? 2791 VAL A CB  1 
ATOM   141  C CG1 . VAL A 1 51  ? 4.931   -0.509  -6.962  1.00 11.91 ? 2791 VAL A CG1 1 
ATOM   142  C CG2 . VAL A 1 51  ? 6.555   -0.237  -8.882  1.00 13.19 ? 2791 VAL A CG2 1 
ATOM   143  N N   . SER A 1 52  ? 7.363   3.177   -7.212  1.00 14.24 ? 2792 SER A N   1 
ATOM   144  C CA  . SER A 1 52  ? 8.424   4.161   -7.424  1.00 13.82 ? 2792 SER A CA  1 
ATOM   145  C C   . SER A 1 52  ? 9.658   3.565   -8.090  1.00 13.66 ? 2792 SER A C   1 
ATOM   146  O O   . SER A 1 52  ? 10.418  4.292   -8.743  1.00 14.64 ? 2792 SER A O   1 
ATOM   147  C CB  . SER A 1 52  ? 8.805   4.775   -6.089  1.00 12.23 ? 2792 SER A CB  1 
ATOM   148  O OG  . SER A 1 52  ? 9.012   3.730   -5.168  1.00 11.92 ? 2792 SER A OG  1 
ATOM   149  N N   . SER A 1 53  ? 9.899   2.270   -7.904  1.00 12.26 ? 2793 SER A N   1 
ATOM   150  C CA  . SER A 1 53  ? 11.011  1.577   -8.540  1.00 16.30 ? 2793 SER A CA  1 
ATOM   151  C C   . SER A 1 53  ? 10.658  0.099   -8.625  1.00 17.74 ? 2793 SER A C   1 
ATOM   152  O O   . SER A 1 53  ? 9.636   -0.344  -8.096  1.00 15.98 ? 2793 SER A O   1 
ATOM   153  C CB  . SER A 1 53  ? 12.314  1.783   -7.768  1.00 14.72 ? 2793 SER A CB  1 
ATOM   154  O OG  . SER A 1 53  ? 12.152  1.387   -6.423  1.00 16.53 ? 2793 SER A OG  1 
ATOM   155  N N   . SER A 1 54  ? 11.531  -0.664  -9.281  1.00 14.57 ? 2794 SER A N   1 
ATOM   156  C CA  . SER A 1 54  ? 11.287  -2.083  -9.576  1.00 15.72 ? 2794 SER A CA  1 
ATOM   157  C C   . SER A 1 54  ? 9.885   -2.303  -10.155 1.00 17.20 ? 2794 SER A C   1 
ATOM   158  O O   . SER A 1 54  ? 9.117   -3.156  -9.698  1.00 17.28 ? 2794 SER A O   1 
ATOM   159  C CB  . SER A 1 54  ? 11.512  -2.954  -8.337  1.00 17.84 ? 2794 SER A CB  1 
ATOM   160  O OG  . SER A 1 54  ? 12.770  -2.688  -7.728  1.00 16.35 ? 2794 SER A OG  1 
ATOM   161  N N   . VAL A 1 55  ? 9.572   -1.558  -11.215 1.00 15.56 ? 2795 VAL A N   1 
ATOM   162  C CA  . VAL A 1 55  ? 8.242   -1.626  -11.821 1.00 18.42 ? 2795 VAL A CA  1 
ATOM   163  C C   . VAL A 1 55  ? 7.928   -3.028  -12.321 1.00 19.70 ? 2795 VAL A C   1 
ATOM   164  O O   . VAL A 1 55  ? 6.770   -3.464  -12.277 1.00 19.66 ? 2795 VAL A O   1 
ATOM   165  C CB  . VAL A 1 55  ? 8.110   -0.592  -12.958 1.00 20.54 ? 2795 VAL A CB  1 
ATOM   166  C CG1 . VAL A 1 55  ? 8.136   0.833   -12.381 1.00 20.50 ? 2795 VAL A CG1 1 
ATOM   167  C CG2 . VAL A 1 55  ? 9.196   -0.777  -14.023 1.00 28.53 ? 2795 VAL A CG2 1 
ATOM   168  N N   . ASN A 1 56  ? 8.933   -3.762  -12.797 1.00 15.85 ? 2796 ASN A N   1 
ATOM   169  C CA  . ASN A 1 56  ? 8.660   -5.075  -13.373 1.00 19.07 ? 2796 ASN A CA  1 
ATOM   170  C C   . ASN A 1 56  ? 8.204   -6.095  -12.340 1.00 19.62 ? 2796 ASN A C   1 
ATOM   171  O O   . ASN A 1 56  ? 7.650   -7.131  -12.728 1.00 19.91 ? 2796 ASN A O   1 
ATOM   172  C CB  . ASN A 1 56  ? 9.894   -5.602  -14.103 1.00 21.77 ? 2796 ASN A CB  1 
ATOM   173  C CG  . ASN A 1 56  ? 10.205  -4.799  -15.351 1.00 29.25 ? 2796 ASN A CG  1 
ATOM   174  O OD1 . ASN A 1 56  ? 9.302   -4.250  -15.989 1.00 29.75 ? 2796 ASN A OD1 1 
ATOM   175  N ND2 . ASN A 1 56  ? 11.484  -4.695  -15.687 1.00 29.30 ? 2796 ASN A ND2 1 
ATOM   176  N N   . GLN A 1 57  ? 8.438   -5.828  -11.053 1.00 16.11 ? 2797 GLN A N   1 
ATOM   177  C CA  . GLN A 1 57  ? 8.065   -6.685  -9.937  1.00 15.43 ? 2797 GLN A CA  1 
ATOM   178  C C   . GLN A 1 57  ? 6.749   -6.275  -9.285  1.00 15.90 ? 2797 GLN A C   1 
ATOM   179  O O   . GLN A 1 57  ? 6.317   -6.929  -8.331  1.00 15.15 ? 2797 GLN A O   1 
ATOM   180  C CB  . GLN A 1 57  ? 9.158   -6.640  -8.868  1.00 18.45 ? 2797 GLN A CB  1 
ATOM   181  C CG  . GLN A 1 57  ? 10.485  -7.308  -9.243  1.00 24.19 ? 2797 GLN A CG  1 
ATOM   182  C CD  . GLN A 1 57  ? 11.575  -6.982  -8.219  1.00 29.44 ? 2797 GLN A CD  1 
ATOM   183  O OE1 . GLN A 1 57  ? 11.344  -7.006  -6.997  1.00 23.30 ? 2797 GLN A OE1 1 
ATOM   184  N NE2 . GLN A 1 57  ? 12.757  -6.631  -8.717  1.00 33.78 ? 2797 GLN A NE2 1 
ATOM   185  N N   . ALA A 1 58  ? 6.111   -5.211  -9.769  1.00 14.53 ? 2798 ALA A N   1 
ATOM   186  C CA  . ALA A 1 58  ? 5.015   -4.601  -9.022  1.00 17.01 ? 2798 ALA A CA  1 
ATOM   187  C C   . ALA A 1 58  ? 3.873   -5.584  -8.795  1.00 15.04 ? 2798 ALA A C   1 
ATOM   188  O O   . ALA A 1 58  ? 3.238   -5.569  -7.735  1.00 13.75 ? 2798 ALA A O   1 
ATOM   189  C CB  . ALA A 1 58  ? 4.515   -3.350  -9.750  1.00 13.86 ? 2798 ALA A CB  1 
ATOM   190  N N   . SER A 1 59  ? 3.615   -6.470  -9.765  1.00 14.97 ? 2799 SER A N   1 
ATOM   191  C CA  . SER A 1 59  ? 2.471   -7.372  -9.670  1.00 13.44 ? 2799 SER A CA  1 
ATOM   192  C C   . SER A 1 59  ? 2.588   -8.363  -8.512  1.00 13.14 ? 2799 SER A C   1 
ATOM   193  O O   . SER A 1 59  ? 1.579   -8.951  -8.119  1.00 12.66 ? 2799 SER A O   1 
ATOM   194  C CB  . SER A 1 59  ? 2.290   -8.113  -11.003 1.00 13.65 ? 2799 SER A CB  1 
ATOM   195  O OG  . SER A 1 59  ? 3.321   -9.077  -11.184 1.00 16.58 ? 2799 SER A OG  1 
ATOM   196  N N   . ARG A 1 60  ? 3.785   -8.571  -7.960  1.00 11.76 ? 2800 ARG A N   1 
ATOM   197  C CA  . ARG A 1 60  ? 3.925   -9.396  -6.764  1.00 11.95 ? 2800 ARG A CA  1 
ATOM   198  C C   . ARG A 1 60  ? 3.153   -8.829  -5.572  1.00 13.33 ? 2800 ARG A C   1 
ATOM   199  O O   . ARG A 1 60  ? 2.813   -9.577  -4.648  1.00 11.43 ? 2800 ARG A O   1 
ATOM   200  C CB  . ARG A 1 60  ? 5.407   -9.537  -6.388  1.00 13.04 ? 2800 ARG A CB  1 
ATOM   201  C CG  . ARG A 1 60  ? 6.270   -10.066 -7.525  1.00 16.85 ? 2800 ARG A CG  1 
ATOM   202  C CD  . ARG A 1 60  ? 6.174   -11.578 -7.590  1.00 19.22 ? 2800 ARG A CD  1 
ATOM   203  N NE  . ARG A 1 60  ? 7.184   -12.167 -8.463  1.00 20.34 ? 2800 ARG A NE  1 
ATOM   204  C CZ  . ARG A 1 60  ? 7.305   -13.465 -8.676  1.00 18.85 ? 2800 ARG A CZ  1 
ATOM   205  N NH1 . ARG A 1 60  ? 6.513   -14.335 -8.072  1.00 20.84 ? 2800 ARG A NH1 1 
ATOM   206  N NH2 . ARG A 1 60  ? 8.245   -13.901 -9.511  1.00 19.05 ? 2800 ARG A NH2 1 
ATOM   207  N N   . LEU A 1 61  ? 2.889   -7.522  -5.556  1.00 11.02 ? 2801 LEU A N   1 
ATOM   208  C CA  . LEU A 1 61  ? 2.118   -6.956  -4.449  1.00 11.61 ? 2801 LEU A CA  1 
ATOM   209  C C   . LEU A 1 61  ? 0.681   -7.473  -4.454  1.00 13.30 ? 2801 LEU A C   1 
ATOM   210  O O   . LEU A 1 61  ? 0.046   -7.537  -3.396  1.00 15.88 ? 2801 LEU A O   1 
ATOM   211  C CB  . LEU A 1 61  ? 2.148   -5.426  -4.533  1.00 12.53 ? 2801 LEU A CB  1 
ATOM   212  C CG  . LEU A 1 61  ? 3.553   -4.830  -4.372  1.00 11.17 ? 2801 LEU A CG  1 
ATOM   213  C CD1 . LEU A 1 61  ? 3.615   -3.403  -4.936  1.00 12.49 ? 2801 LEU A CD1 1 
ATOM   214  C CD2 . LEU A 1 61  ? 3.950   -4.855  -2.893  1.00 10.92 ? 2801 LEU A CD2 1 
ATOM   215  N N   . ILE A 1 62  ? 0.160   -7.854  -5.625  1.00 11.96 ? 2802 ILE A N   1 
ATOM   216  C CA  . ILE A 1 62  ? -1.232  -8.298  -5.732  1.00 11.73 ? 2802 ILE A CA  1 
ATOM   217  C C   . ILE A 1 62  ? -1.395  -9.744  -5.264  1.00 14.82 ? 2802 ILE A C   1 
ATOM   218  O O   . ILE A 1 62  ? -2.225  -10.039 -4.395  1.00 14.80 ? 2802 ILE A O   1 
ATOM   219  C CB  . ILE A 1 62  ? -1.736  -8.115  -7.178  1.00 13.33 ? 2802 ILE A CB  1 
ATOM   220  C CG1 . ILE A 1 62  ? -1.514  -6.671  -7.634  1.00 13.35 ? 2802 ILE A CG1 1 
ATOM   221  C CG2 . ILE A 1 62  ? -3.229  -8.524  -7.285  1.00 18.48 ? 2802 ILE A CG2 1 
ATOM   222  C CD1 . ILE A 1 62  ? -1.790  -6.430  -9.099  1.00 13.92 ? 2802 ILE A CD1 1 
ATOM   223  N N   . ASP A 1 63  ? -0.625  -10.680 -5.829  1.00 15.00 ? 2803 ASP A N   1 
ATOM   224  C CA  . ASP A 1 63  ? -0.822  -12.069 -5.423  1.00 15.48 ? 2803 ASP A CA  1 
ATOM   225  C C   . ASP A 1 63  ? 0.028   -12.458 -4.218  1.00 16.63 ? 2803 ASP A C   1 
ATOM   226  O O   . ASP A 1 63  ? -0.222  -13.506 -3.614  1.00 16.84 ? 2803 ASP A O   1 
ATOM   227  C CB  . ASP A 1 63  ? -0.558  -13.047 -6.586  1.00 15.10 ? 2803 ASP A CB  1 
ATOM   228  C CG  . ASP A 1 63  ? 0.885   -13.012 -7.108  1.00 20.03 ? 2803 ASP A CG  1 
ATOM   229  O OD1 . ASP A 1 63  ? 1.538   -11.954 -7.049  1.00 21.29 ? 2803 ASP A OD1 1 
ATOM   230  O OD2 . ASP A 1 63  ? 1.378   -14.072 -7.560  1.00 19.39 ? 2803 ASP A OD2 1 
ATOM   231  N N   . GLY A 1 64  ? 1.003   -11.633 -3.834  1.00 17.33 ? 2804 GLY A N   1 
ATOM   232  C CA  . GLY A 1 64  ? 1.785   -11.900 -2.643  1.00 15.93 ? 2804 GLY A CA  1 
ATOM   233  C C   . GLY A 1 64  ? 2.775   -13.038 -2.788  1.00 20.50 ? 2804 GLY A C   1 
ATOM   234  O O   . GLY A 1 64  ? 3.119   -13.679 -1.790  1.00 22.16 ? 2804 GLY A O   1 
ATOM   235  N N   . SER A 1 65  ? 3.253   -13.301 -4.003  1.00 17.68 ? 2805 SER A N   1 
ATOM   236  C CA  . SER A 1 65  ? 4.180   -14.397 -4.230  1.00 19.88 ? 2805 SER A CA  1 
ATOM   237  C C   . SER A 1 65  ? 5.617   -13.944 -3.989  1.00 18.52 ? 2805 SER A C   1 
ATOM   238  O O   . SER A 1 65  ? 5.924   -12.751 -3.913  1.00 17.02 ? 2805 SER A O   1 
ATOM   239  C CB  . SER A 1 65  ? 4.061   -14.932 -5.651  1.00 16.79 ? 2805 SER A CB  1 
ATOM   240  O OG  . SER A 1 65  ? 4.066   -13.857 -6.562  1.00 18.24 ? 2805 SER A OG  1 
ATOM   241  N N   . GLU A 1 66  ? 6.507   -14.919 -3.929  1.00 19.73 ? 2806 GLU A N   1 
ATOM   242  C CA  . GLU A 1 66  ? 7.910   -14.674 -3.712  1.00 16.31 ? 2806 GLU A CA  1 
ATOM   243  C C   . GLU A 1 66  ? 8.697   -15.045 -4.961  1.00 22.60 ? 2806 GLU A C   1 
ATOM   244  O O   . GLU A 1 66  ? 8.344   -15.998 -5.666  1.00 18.58 ? 2806 GLU A O   1 
ATOM   245  C CB  . GLU A 1 66  ? 8.426   -15.489 -2.521  1.00 18.75 ? 2806 GLU A CB  1 
ATOM   246  C CG  . GLU A 1 66  ? 7.747   -15.178 -1.202  1.00 20.53 ? 2806 GLU A CG  1 
ATOM   247  C CD  . GLU A 1 66  ? 7.982   -13.747 -0.730  1.00 24.25 ? 2806 GLU A CD  1 
ATOM   248  O OE1 . GLU A 1 66  ? 9.062   -13.204 -1.044  1.00 20.86 ? 2806 GLU A OE1 1 
ATOM   249  O OE2 . GLU A 1 66  ? 7.104   -13.186 -0.019  1.00 19.97 ? 2806 GLU A OE2 1 
ATOM   250  N N   . PRO A 1 67  ? 9.769   -14.309 -5.271  1.00 16.42 ? 2807 PRO A N   1 
ATOM   251  C CA  . PRO A 1 67  ? 10.302  -13.201 -4.469  1.00 17.91 ? 2807 PRO A CA  1 
ATOM   252  C C   . PRO A 1 67  ? 9.420   -11.935 -4.546  1.00 18.11 ? 2807 PRO A C   1 
ATOM   253  O O   . PRO A 1 67  ? 8.953   -11.555 -5.624  1.00 18.79 ? 2807 PRO A O   1 
ATOM   254  C CB  . PRO A 1 67  ? 11.679  -12.952 -5.097  1.00 19.54 ? 2807 PRO A CB  1 
ATOM   255  C CG  . PRO A 1 67  ? 11.514  -13.375 -6.527  1.00 20.25 ? 2807 PRO A CG  1 
ATOM   256  C CD  . PRO A 1 67  ? 10.543  -14.533 -6.506  1.00 21.86 ? 2807 PRO A CD  1 
ATOM   257  N N   . CYS A 1 68  ? 9.205   -11.296 -3.399  1.00 18.67 ? 2808 CYS A N   1 
ATOM   258  C CA  . CYS A 1 68  ? 8.309   -10.149 -3.290  1.00 16.36 ? 2808 CYS A CA  1 
ATOM   259  C C   . CYS A 1 68  ? 8.884   -8.918  -3.993  1.00 17.45 ? 2808 CYS A C   1 
ATOM   260  O O   . CYS A 1 68  ? 10.062  -8.857  -4.340  1.00 14.98 ? 2808 CYS A O   1 
ATOM   261  C CB  . CYS A 1 68  ? 8.060   -9.818  -1.820  1.00 16.50 ? 2808 CYS A CB  1 
ATOM   262  S SG  . CYS A 1 68  ? 9.560   -9.225  -0.935  1.00 18.16 ? 2808 CYS A SG  1 
ATOM   263  N N   . TRP A 1 69  ? 8.028   -7.911  -4.177  1.00 14.57 ? 2809 TRP A N   1 
ATOM   264  C CA  . TRP A 1 69  ? 8.493   -6.614  -4.644  1.00 15.49 ? 2809 TRP A CA  1 
ATOM   265  C C   . TRP A 1 69  ? 9.514   -6.030  -3.668  1.00 14.37 ? 2809 TRP A C   1 
ATOM   266  O O   . TRP A 1 69  ? 9.291   -6.006  -2.455  1.00 14.75 ? 2809 TRP A O   1 
ATOM   267  C CB  . TRP A 1 69  ? 7.308   -5.658  -4.819  1.00 14.71 ? 2809 TRP A CB  1 
ATOM   268  C CG  . TRP A 1 69  ? 7.697   -4.269  -5.224  1.00 12.57 ? 2809 TRP A CG  1 
ATOM   269  C CD1 . TRP A 1 69  ? 7.959   -3.826  -6.483  1.00 10.24 ? 2809 TRP A CD1 1 
ATOM   270  C CD2 . TRP A 1 69  ? 7.865   -3.146  -4.357  1.00 12.32 ? 2809 TRP A CD2 1 
ATOM   271  N NE1 . TRP A 1 69  ? 8.273   -2.496  -6.463  1.00 12.46 ? 2809 TRP A NE1 1 
ATOM   272  C CE2 . TRP A 1 69  ? 8.231   -2.048  -5.170  1.00 13.40 ? 2809 TRP A CE2 1 
ATOM   273  C CE3 . TRP A 1 69  ? 7.738   -2.958  -2.970  1.00 12.88 ? 2809 TRP A CE3 1 
ATOM   274  C CZ2 . TRP A 1 69  ? 8.471   -0.771  -4.648  1.00 13.94 ? 2809 TRP A CZ2 1 
ATOM   275  C CZ3 . TRP A 1 69  ? 7.973   -1.687  -2.450  1.00 14.37 ? 2809 TRP A CZ3 1 
ATOM   276  C CH2 . TRP A 1 69  ? 8.331   -0.609  -3.293  1.00 15.95 ? 2809 TRP A CH2 1 
ATOM   277  N N   . GLN A 1 70  ? 10.642  -5.578  -4.212  1.00 14.57 ? 2810 GLN A N   1 
ATOM   278  C CA  . GLN A 1 70  ? 11.742  -4.977  -3.463  1.00 16.32 ? 2810 GLN A CA  1 
ATOM   279  C C   . GLN A 1 70  ? 12.121  -3.682  -4.167  1.00 16.78 ? 2810 GLN A C   1 
ATOM   280  O O   . GLN A 1 70  ? 12.371  -3.689  -5.376  1.00 15.26 ? 2810 GLN A O   1 
ATOM   281  C CB  . GLN A 1 70  ? 12.926  -5.953  -3.400  1.00 20.08 ? 2810 GLN A CB  1 
ATOM   282  C CG  . GLN A 1 70  ? 14.198  -5.434  -2.749  1.00 20.30 ? 2810 GLN A CG  1 
ATOM   283  C CD  . GLN A 1 70  ? 15.285  -6.498  -2.788  1.00 27.79 ? 2810 GLN A CD  1 
ATOM   284  O OE1 . GLN A 1 70  ? 14.987  -7.684  -2.710  1.00 30.91 ? 2810 GLN A OE1 1 
ATOM   285  N NE2 . GLN A 1 70  ? 16.530  -6.083  -2.966  1.00 26.57 ? 2810 GLN A NE2 1 
ATOM   286  N N   . SER A 1 71  ? 12.123  -2.563  -3.439  1.00 13.52 ? 2811 SER A N   1 
ATOM   287  C CA  . SER A 1 71  ? 12.412  -1.314  -4.122  1.00 15.81 ? 2811 SER A CA  1 
ATOM   288  C C   . SER A 1 71  ? 13.870  -1.286  -4.564  1.00 15.93 ? 2811 SER A C   1 
ATOM   289  O O   . SER A 1 71  ? 14.724  -2.021  -4.051  1.00 15.41 ? 2811 SER A O   1 
ATOM   290  C CB  . SER A 1 71  ? 12.154  -0.092  -3.237  1.00 14.55 ? 2811 SER A CB  1 
ATOM   291  O OG  . SER A 1 71  ? 12.938  -0.139  -2.054  1.00 13.20 ? 2811 SER A OG  1 
ATOM   292  N N   . SER A 1 72  ? 14.151  -0.399  -5.517  1.00 14.82 ? 2812 SER A N   1 
ATOM   293  C CA  . SER A 1 72  ? 15.517  -0.123  -5.944  1.00 16.28 ? 2812 SER A CA  1 
ATOM   294  C C   . SER A 1 72  ? 15.603  1.382   -6.195  1.00 14.22 ? 2812 SER A C   1 
ATOM   295  O O   . SER A 1 72  ? 15.573  1.841   -7.333  1.00 18.66 ? 2812 SER A O   1 
ATOM   296  C CB  . SER A 1 72  ? 15.895  -0.947  -7.182  1.00 18.65 ? 2812 SER A CB  1 
ATOM   297  O OG  . SER A 1 72  ? 17.280  -0.797  -7.461  1.00 22.15 ? 2812 SER A OG  1 
ATOM   298  N N   . GLY A 1 73  ? 15.692  2.165   -5.116  1.00 15.78 ? 2813 GLY A N   1 
ATOM   299  C CA  . GLY A 1 73  ? 15.615  3.602   -5.243  1.00 20.26 ? 2813 GLY A CA  1 
ATOM   300  C C   . GLY A 1 73  ? 16.230  4.324   -4.073  1.00 20.56 ? 2813 GLY A C   1 
ATOM   301  O O   . GLY A 1 73  ? 17.090  3.787   -3.377  1.00 23.53 ? 2813 GLY A O   1 
ATOM   302  N N   . SER A 1 74  ? 15.770  5.558   -3.856  1.00 19.02 ? 2814 SER A N   1 
ATOM   303  C CA  . SER A 1 74  ? 16.357  6.418   -2.835  1.00 21.07 ? 2814 SER A CA  1 
ATOM   304  C C   . SER A 1 74  ? 15.744  6.150   -1.468  1.00 22.69 ? 2814 SER A C   1 
ATOM   305  O O   . SER A 1 74  ? 14.524  6.009   -1.334  1.00 22.08 ? 2814 SER A O   1 
ATOM   306  C CB  . SER A 1 74  ? 16.173  7.896   -3.189  1.00 24.11 ? 2814 SER A CB  1 
ATOM   307  O OG  . SER A 1 74  ? 16.502  8.151   -4.537  1.00 35.02 ? 2814 SER A OG  1 
ATOM   308  N N   . GLN A 1 75  ? 16.601  6.114   -0.448  1.00 20.00 ? 2815 GLN A N   1 
ATOM   309  C CA  . GLN A 1 75  ? 16.158  5.843   0.911   1.00 22.91 ? 2815 GLN A CA  1 
ATOM   310  C C   . GLN A 1 75  ? 14.995  6.748   1.291   1.00 19.85 ? 2815 GLN A C   1 
ATOM   311  O O   . GLN A 1 75  ? 15.023  7.955   1.038   1.00 19.66 ? 2815 GLN A O   1 
ATOM   312  C CB  . GLN A 1 75  ? 17.313  6.043   1.890   1.00 21.38 ? 2815 GLN A CB  1 
ATOM   313  C CG  . GLN A 1 75  ? 16.965  5.658   3.305   1.00 20.33 ? 2815 GLN A CG  1 
ATOM   314  C CD  . GLN A 1 75  ? 18.102  5.932   4.275   1.00 32.24 ? 2815 GLN A CD  1 
ATOM   315  O OE1 . GLN A 1 75  ? 18.461  5.075   5.091   1.00 33.43 ? 2815 GLN A OE1 1 
ATOM   316  N NE2 . GLN A 1 75  ? 18.672  7.122   4.194   1.00 31.38 ? 2815 GLN A NE2 1 
ATOM   317  N N   . GLY A 1 76  ? 13.968  6.153   1.895   1.00 21.15 ? 2816 GLY A N   1 
ATOM   318  C CA  . GLY A 1 76  ? 12.831  6.915   2.382   1.00 19.78 ? 2816 GLY A CA  1 
ATOM   319  C C   . GLY A 1 76  ? 11.939  7.538   1.336   1.00 21.08 ? 2816 GLY A C   1 
ATOM   320  O O   . GLY A 1 76  ? 11.019  8.283   1.698   1.00 17.98 ? 2816 GLY A O   1 
ATOM   321  N N   . LYS A 1 77  ? 12.166  7.259   0.051   1.00 15.93 ? 2817 LYS A N   1 
ATOM   322  C CA  . LYS A 1 77  ? 11.413  7.881   -1.032  1.00 18.76 ? 2817 LYS A CA  1 
ATOM   323  C C   . LYS A 1 77  ? 10.559  6.884   -1.810  1.00 14.78 ? 2817 LYS A C   1 
ATOM   324  O O   . LYS A 1 77  ? 10.064  7.222   -2.888  1.00 15.06 ? 2817 LYS A O   1 
ATOM   325  C CB  . LYS A 1 77  ? 12.359  8.623   -1.995  1.00 19.78 ? 2817 LYS A CB  1 
ATOM   326  C CG  . LYS A 1 77  ? 13.104  9.855   -1.415  1.00 24.53 ? 2817 LYS A CG  1 
ATOM   327  C CD  . LYS A 1 77  ? 12.251  10.603  -0.414  1.00 30.05 ? 2817 LYS A CD  1 
ATOM   328  C CE  . LYS A 1 77  ? 12.873  11.941  -0.019  1.00 41.50 ? 2817 LYS A CE  1 
ATOM   329  N NZ  . LYS A 1 77  ? 13.417  11.885  1.380   1.00 49.25 ? 2817 LYS A NZ  1 
ATOM   330  N N   . HIS A 1 78  ? 10.364  5.681   -1.284  1.00 14.17 ? 2818 HIS A N   1 
ATOM   331  C CA  . HIS A 1 78  ? 9.631   4.646   -1.995  1.00 14.13 ? 2818 HIS A CA  1 
ATOM   332  C C   . HIS A 1 78  ? 8.136   4.833   -1.853  1.00 15.15 ? 2818 HIS A C   1 
ATOM   333  O O   . HIS A 1 78  ? 7.646   5.341   -0.836  1.00 11.70 ? 2818 HIS A O   1 
ATOM   334  C CB  . HIS A 1 78  ? 10.022  3.265   -1.486  1.00 13.97 ? 2818 HIS A CB  1 
ATOM   335  C CG  . HIS A 1 78  ? 11.482  3.136   -1.185  1.00 16.19 ? 2818 HIS A CG  1 
ATOM   336  N ND1 . HIS A 1 78  ? 12.441  3.199   -2.171  1.00 17.17 ? 2818 HIS A ND1 1 
ATOM   337  C CD2 . HIS A 1 78  ? 12.144  2.921   -0.024  1.00 16.91 ? 2818 HIS A CD2 1 
ATOM   338  C CE1 . HIS A 1 78  ? 13.636  3.034   -1.628  1.00 17.81 ? 2818 HIS A CE1 1 
ATOM   339  N NE2 . HIS A 1 78  ? 13.485  2.870   -0.327  1.00 14.59 ? 2818 HIS A NE2 1 
ATOM   340  N N   . TRP A 1 79  ? 7.403   4.390   -2.874  1.00 13.07 ? 2819 TRP A N   1 
ATOM   341  C CA  . TRP A 1 79  ? 5.953   4.519   -2.812  1.00 12.37 ? 2819 TRP A CA  1 
ATOM   342  C C   . TRP A 1 79  ? 5.274   3.503   -3.719  1.00 13.28 ? 2819 TRP A C   1 
ATOM   343  O O   . TRP A 1 79  ? 5.852   2.985   -4.683  1.00 11.86 ? 2819 TRP A O   1 
ATOM   344  C CB  . TRP A 1 79  ? 5.496   5.959   -3.139  1.00 12.39 ? 2819 TRP A CB  1 
ATOM   345  C CG  . TRP A 1 79  ? 6.009   6.536   -4.441  1.00 13.05 ? 2819 TRP A CG  1 
ATOM   346  C CD1 . TRP A 1 79  ? 7.007   7.482   -4.578  1.00 13.48 ? 2819 TRP A CD1 1 
ATOM   347  C CD2 . TRP A 1 79  ? 5.558   6.236   -5.775  1.00 14.01 ? 2819 TRP A CD2 1 
ATOM   348  N NE1 . TRP A 1 79  ? 7.198   7.774   -5.910  1.00 15.04 ? 2819 TRP A NE1 1 
ATOM   349  C CE2 . TRP A 1 79  ? 6.327   7.028   -6.665  1.00 15.09 ? 2819 TRP A CE2 1 
ATOM   350  C CE3 . TRP A 1 79  ? 4.588   5.368   -6.306  1.00 13.86 ? 2819 TRP A CE3 1 
ATOM   351  C CZ2 . TRP A 1 79  ? 6.159   6.975   -8.052  1.00 17.77 ? 2819 TRP A CZ2 1 
ATOM   352  C CZ3 . TRP A 1 79  ? 4.417   5.322   -7.694  1.00 13.52 ? 2819 TRP A CZ3 1 
ATOM   353  C CH2 . TRP A 1 79  ? 5.198   6.124   -8.548  1.00 15.43 ? 2819 TRP A CH2 1 
ATOM   354  N N   . ILE A 1 80  ? 4.030   3.221   -3.354  1.00 13.42 ? 2820 ILE A N   1 
ATOM   355  C CA  . ILE A 1 80  ? 3.070   2.450   -4.124  1.00 11.71 ? 2820 ILE A CA  1 
ATOM   356  C C   . ILE A 1 80  ? 1.860   3.352   -4.273  1.00 12.05 ? 2820 ILE A C   1 
ATOM   357  O O   . ILE A 1 80  ? 1.424   3.962   -3.286  1.00 12.04 ? 2820 ILE A O   1 
ATOM   358  C CB  . ILE A 1 80  ? 2.670   1.151   -3.402  1.00 10.76 ? 2820 ILE A CB  1 
ATOM   359  C CG1 . ILE A 1 80  ? 3.885   0.237   -3.196  1.00 12.16 ? 2820 ILE A CG1 1 
ATOM   360  C CG2 . ILE A 1 80  ? 1.564   0.451   -4.188  1.00 14.66 ? 2820 ILE A CG2 1 
ATOM   361  C CD1 . ILE A 1 80  ? 3.706   -0.815  -2.103  1.00 11.78 ? 2820 ILE A CD1 1 
ATOM   362  N N   . ARG A 1 81  ? 1.331   3.459   -5.496  1.00 11.99 ? 2821 ARG A N   1 
ATOM   363  C CA  . ARG A 1 81  ? 0.163   4.289   -5.775  1.00 14.32 ? 2821 ARG A CA  1 
ATOM   364  C C   . ARG A 1 81  ? -0.905  3.465   -6.473  1.00 13.65 ? 2821 ARG A C   1 
ATOM   365  O O   . ARG A 1 81  ? -0.614  2.772   -7.455  1.00 11.20 ? 2821 ARG A O   1 
ATOM   366  C CB  . ARG A 1 81  ? 0.533   5.498   -6.644  1.00 14.48 ? 2821 ARG A CB  1 
ATOM   367  C CG  . ARG A 1 81  ? 1.293   6.562   -5.872  1.00 14.79 ? 2821 ARG A CG  1 
ATOM   368  C CD  . ARG A 1 81  ? 1.749   7.710   -6.771  1.00 18.95 ? 2821 ARG A CD  1 
ATOM   369  N NE  . ARG A 1 81  ? 2.610   8.607   -6.008  1.00 21.28 ? 2821 ARG A NE  1 
ATOM   370  C CZ  . ARG A 1 81  ? 3.520   9.418   -6.529  1.00 21.76 ? 2821 ARG A CZ  1 
ATOM   371  N NH1 . ARG A 1 81  ? 3.727   9.476   -7.833  1.00 24.48 ? 2821 ARG A NH1 1 
ATOM   372  N NH2 . ARG A 1 81  ? 4.259   10.171  -5.715  1.00 19.10 ? 2821 ARG A NH2 1 
ATOM   373  N N   . LEU A 1 82  ? -2.138  3.566   -5.976  1.00 12.03 ? 2822 LEU A N   1 
ATOM   374  C CA  . LEU A 1 82  ? -3.309  2.896   -6.526  1.00 14.07 ? 2822 LEU A CA  1 
ATOM   375  C C   . LEU A 1 82  ? -4.265  3.945   -7.074  1.00 16.40 ? 2822 LEU A C   1 
ATOM   376  O O   . LEU A 1 82  ? -4.485  4.976   -6.427  1.00 12.62 ? 2822 LEU A O   1 
ATOM   377  C CB  . LEU A 1 82  ? -4.043  2.104   -5.436  1.00 11.92 ? 2822 LEU A CB  1 
ATOM   378  C CG  . LEU A 1 82  ? -3.275  1.073   -4.611  1.00 15.45 ? 2822 LEU A CG  1 
ATOM   379  C CD1 . LEU A 1 82  ? -4.227  0.343   -3.682  1.00 15.93 ? 2822 LEU A CD1 1 
ATOM   380  C CD2 . LEU A 1 82  ? -2.516  0.084   -5.505  1.00 13.93 ? 2822 LEU A CD2 1 
ATOM   381  N N   . GLU A 1 83  ? -4.870  3.688   -8.237  1.00 14.44 ? 2823 GLU A N   1 
ATOM   382  C CA  . GLU A 1 83  ? -6.068  4.435   -8.610  1.00 14.31 ? 2823 GLU A CA  1 
ATOM   383  C C   . GLU A 1 83  ? -7.265  3.507   -8.452  1.00 16.08 ? 2823 GLU A C   1 
ATOM   384  O O   . GLU A 1 83  ? -7.226  2.359   -8.911  1.00 13.36 ? 2823 GLU A O   1 
ATOM   385  C CB  . GLU A 1 83  ? -6.020  5.005   -10.030 1.00 12.26 ? 2823 GLU A CB  1 
ATOM   386  C CG  . GLU A 1 83  ? -7.328  5.765   -10.346 1.00 18.77 ? 2823 GLU A CG  1 
ATOM   387  C CD  . GLU A 1 83  ? -7.362  6.455   -11.700 1.00 23.20 ? 2823 GLU A CD  1 
ATOM   388  O OE1 . GLU A 1 83  ? -6.370  6.366   -12.443 1.00 21.57 ? 2823 GLU A OE1 1 
ATOM   389  O OE2 . GLU A 1 83  ? -8.399  7.102   -12.008 1.00 22.58 ? 2823 GLU A OE2 1 
ATOM   390  N N   . ILE A 1 84  ? -8.308  4.003   -7.781  1.00 13.80 ? 2824 ILE A N   1 
ATOM   391  C CA  . ILE A 1 84  ? -9.479  3.226   -7.378  1.00 14.89 ? 2824 ILE A CA  1 
ATOM   392  C C   . ILE A 1 84  ? -10.656 3.633   -8.259  1.00 16.25 ? 2824 ILE A C   1 
ATOM   393  O O   . ILE A 1 84  ? -10.838 4.822   -8.550  1.00 16.08 ? 2824 ILE A O   1 
ATOM   394  C CB  . ILE A 1 84  ? -9.814  3.467   -5.887  1.00 17.02 ? 2824 ILE A CB  1 
ATOM   395  C CG1 . ILE A 1 84  ? -8.577  3.286   -4.997  1.00 13.59 ? 2824 ILE A CG1 1 
ATOM   396  C CG2 . ILE A 1 84  ? -10.991 2.567   -5.411  1.00 12.83 ? 2824 ILE A CG2 1 
ATOM   397  C CD1 . ILE A 1 84  ? -7.961  1.909   -5.079  1.00 16.46 ? 2824 ILE A CD1 1 
ATOM   398  N N   . PHE A 1 85  ? -11.461 2.655   -8.681  1.00 16.72 ? 2825 PHE A N   1 
ATOM   399  C CA  . PHE A 1 85  ? -12.645 2.988   -9.460  1.00 15.42 ? 2825 PHE A CA  1 
ATOM   400  C C   . PHE A 1 85  ? -13.633 3.780   -8.607  1.00 14.45 ? 2825 PHE A C   1 
ATOM   401  O O   . PHE A 1 85  ? -13.726 3.564   -7.399  1.00 13.84 ? 2825 PHE A O   1 
ATOM   402  C CB  . PHE A 1 85  ? -13.318 1.731   -10.013 1.00 16.29 ? 2825 PHE A CB  1 
ATOM   403  C CG  . PHE A 1 85  ? -12.517 1.035   -11.077 1.00 14.75 ? 2825 PHE A CG  1 
ATOM   404  C CD1 . PHE A 1 85  ? -12.301 1.640   -12.302 1.00 18.30 ? 2825 PHE A CD1 1 
ATOM   405  C CD2 . PHE A 1 85  ? -12.005 -0.230  -10.868 1.00 17.14 ? 2825 PHE A CD2 1 
ATOM   406  C CE1 . PHE A 1 85  ? -11.557 1.004   -13.296 1.00 21.20 ? 2825 PHE A CE1 1 
ATOM   407  C CE2 . PHE A 1 85  ? -11.258 -0.875  -11.868 1.00 18.82 ? 2825 PHE A CE2 1 
ATOM   408  C CZ  . PHE A 1 85  ? -11.047 -0.256  -13.076 1.00 19.53 ? 2825 PHE A CZ  1 
ATOM   409  N N   . PRO A 1 86  ? -14.406 4.682   -9.222  1.00 17.18 ? 2826 PRO A N   1 
ATOM   410  C CA  . PRO A 1 86  ? -15.156 5.680   -8.438  1.00 18.36 ? 2826 PRO A CA  1 
ATOM   411  C C   . PRO A 1 86  ? -16.357 5.134   -7.676  1.00 20.15 ? 2826 PRO A C   1 
ATOM   412  O O   . PRO A 1 86  ? -16.946 5.871   -6.869  1.00 18.70 ? 2826 PRO A O   1 
ATOM   413  C CB  . PRO A 1 86  ? -15.572 6.702   -9.503  1.00 19.55 ? 2826 PRO A CB  1 
ATOM   414  C CG  . PRO A 1 86  ? -15.654 5.889   -10.771 1.00 21.96 ? 2826 PRO A CG  1 
ATOM   415  C CD  . PRO A 1 86  ? -14.529 4.910   -10.675 1.00 18.06 ? 2826 PRO A CD  1 
ATOM   416  N N   . ASP A 1 87  ? -16.730 3.872   -7.871  1.00 19.66 ? 2827 ASP A N   1 
ATOM   417  C CA  . ASP A 1 87  ? -17.792 3.269   -7.081  1.00 19.63 ? 2827 ASP A CA  1 
ATOM   418  C C   . ASP A 1 87  ? -17.262 2.387   -5.951  1.00 22.76 ? 2827 ASP A C   1 
ATOM   419  O O   . ASP A 1 87  ? -18.028 1.607   -5.371  1.00 18.91 ? 2827 ASP A O   1 
ATOM   420  C CB  . ASP A 1 87  ? -18.757 2.507   -7.995  1.00 26.84 ? 2827 ASP A CB  1 
ATOM   421  C CG  . ASP A 1 87  ? -18.154 1.231   -8.583  1.00 34.57 ? 2827 ASP A CG  1 
ATOM   422  O OD1 . ASP A 1 87  ? -16.921 1.185   -8.794  1.00 26.62 ? 2827 ASP A OD1 1 
ATOM   423  O OD2 . ASP A 1 87  ? -18.922 0.276   -8.859  1.00 33.11 ? 2827 ASP A OD2 1 
ATOM   424  N N   . VAL A 1 88  ? -15.985 2.535   -5.582  1.00 17.57 ? 2828 VAL A N   1 
ATOM   425  C CA  . VAL A 1 88  ? -15.383 1.695   -4.550  1.00 14.61 ? 2828 VAL A CA  1 
ATOM   426  C C   . VAL A 1 88  ? -14.815 2.574   -3.440  1.00 16.56 ? 2828 VAL A C   1 
ATOM   427  O O   . VAL A 1 88  ? -13.970 3.447   -3.694  1.00 12.86 ? 2828 VAL A O   1 
ATOM   428  C CB  . VAL A 1 88  ? -14.298 0.778   -5.129  1.00 15.51 ? 2828 VAL A CB  1 
ATOM   429  C CG1 . VAL A 1 88  ? -13.690 -0.053  -4.016  1.00 13.84 ? 2828 VAL A CG1 1 
ATOM   430  C CG2 . VAL A 1 88  ? -14.891 -0.102  -6.254  1.00 15.90 ? 2828 VAL A CG2 1 
ATOM   431  N N   . LEU A 1 89  ? -15.258 2.319   -2.210  1.00 13.90 ? 2829 LEU A N   1 
ATOM   432  C CA  . LEU A 1 89  ? -14.641 2.846   -1.003  1.00 16.90 ? 2829 LEU A CA  1 
ATOM   433  C C   . LEU A 1 89  ? -13.727 1.776   -0.429  1.00 20.20 ? 2829 LEU A C   1 
ATOM   434  O O   . LEU A 1 89  ? -13.997 0.579   -0.571  1.00 15.45 ? 2829 LEU A O   1 
ATOM   435  C CB  . LEU A 1 89  ? -15.693 3.220   0.038   1.00 19.29 ? 2829 LEU A CB  1 
ATOM   436  C CG  . LEU A 1 89  ? -16.715 4.287   -0.389  1.00 20.85 ? 2829 LEU A CG  1 
ATOM   437  C CD1 . LEU A 1 89  ? -17.790 4.416   0.671   1.00 17.92 ? 2829 LEU A CD1 1 
ATOM   438  C CD2 . LEU A 1 89  ? -16.085 5.644   -0.710  1.00 18.34 ? 2829 LEU A CD2 1 
ATOM   439  N N   . VAL A 1 90  ? -12.657 2.211   0.235   1.00 15.81 ? 2830 VAL A N   1 
ATOM   440  C CA  . VAL A 1 90  ? -11.723 1.277   0.861   1.00 16.33 ? 2830 VAL A CA  1 
ATOM   441  C C   . VAL A 1 90  ? -12.313 0.781   2.170   1.00 18.68 ? 2830 VAL A C   1 
ATOM   442  O O   . VAL A 1 90  ? -12.541 1.559   3.103   1.00 16.79 ? 2830 VAL A O   1 
ATOM   443  C CB  . VAL A 1 90  ? -10.342 1.916   1.083   1.00 14.79 ? 2830 VAL A CB  1 
ATOM   444  C CG1 . VAL A 1 90  ? -9.451  0.958   1.868   1.00 13.60 ? 2830 VAL A CG1 1 
ATOM   445  C CG2 . VAL A 1 90  ? -9.699  2.264   -0.287  1.00 9.15  ? 2830 VAL A CG2 1 
ATOM   446  N N   . HIS A 1 91  ? -12.572 -0.523  2.235   1.00 18.73 ? 2831 HIS A N   1 
ATOM   447  C CA  . HIS A 1 91  ? -13.033 -1.152  3.464   1.00 18.84 ? 2831 HIS A CA  1 
ATOM   448  C C   . HIS A 1 91  ? -11.845 -1.591  4.311   1.00 15.61 ? 2831 HIS A C   1 
ATOM   449  O O   . HIS A 1 91  ? -11.774 -1.294  5.505   1.00 18.43 ? 2831 HIS A O   1 
ATOM   450  C CB  . HIS A 1 91  ? -13.937 -2.352  3.137   1.00 19.99 ? 2831 HIS A CB  1 
ATOM   451  C CG  . HIS A 1 91  ? -14.384 -3.113  4.345   1.00 22.56 ? 2831 HIS A CG  1 
ATOM   452  N ND1 . HIS A 1 91  ? -15.186 -2.553  5.317   1.00 28.36 ? 2831 HIS A ND1 1 
ATOM   453  C CD2 . HIS A 1 91  ? -14.142 -4.386  4.741   1.00 26.34 ? 2831 HIS A CD2 1 
ATOM   454  C CE1 . HIS A 1 91  ? -15.415 -3.447  6.264   1.00 28.75 ? 2831 HIS A CE1 1 
ATOM   455  N NE2 . HIS A 1 91  ? -14.793 -4.568  5.939   1.00 27.73 ? 2831 HIS A NE2 1 
ATOM   456  N N   . ARG A 1 92  ? -10.894 -2.288  3.697   1.00 16.47 ? 2832 ARG A N   1 
ATOM   457  C CA  . ARG A 1 92  ? -9.646  -2.656  4.353   1.00 16.51 ? 2832 ARG A CA  1 
ATOM   458  C C   . ARG A 1 92  ? -8.499  -2.466  3.375   1.00 15.93 ? 2832 ARG A C   1 
ATOM   459  O O   . ARG A 1 92  ? -8.604  -2.872  2.218   1.00 14.82 ? 2832 ARG A O   1 
ATOM   460  C CB  . ARG A 1 92  ? -9.668  -4.110  4.840   1.00 19.47 ? 2832 ARG A CB  1 
ATOM   461  C CG  . ARG A 1 92  ? -10.725 -4.399  5.896   1.00 22.29 ? 2832 ARG A CG  1 
ATOM   462  C CD  . ARG A 1 92  ? -10.285 -3.870  7.262   1.00 25.35 ? 2832 ARG A CD  1 
ATOM   463  N NE  . ARG A 1 92  ? -11.171 -4.316  8.334   1.00 28.91 ? 2832 ARG A NE  1 
ATOM   464  C CZ  . ARG A 1 92  ? -12.283 -3.694  8.702   1.00 32.24 ? 2832 ARG A CZ  1 
ATOM   465  N NH1 . ARG A 1 92  ? -12.688 -2.584  8.101   1.00 25.64 ? 2832 ARG A NH1 1 
ATOM   466  N NH2 . ARG A 1 92  ? -13.008 -4.199  9.699   1.00 31.61 ? 2832 ARG A NH2 1 
ATOM   467  N N   . LEU A 1 93  ? -7.429  -1.827  3.833   1.00 15.95 ? 2833 LEU A N   1 
ATOM   468  C CA  . LEU A 1 93  ? -6.169  -1.793  3.101   1.00 16.80 ? 2833 LEU A CA  1 
ATOM   469  C C   . LEU A 1 93  ? -5.085  -2.124  4.110   1.00 16.38 ? 2833 LEU A C   1 
ATOM   470  O O   . LEU A 1 93  ? -4.992  -1.474  5.159   1.00 16.34 ? 2833 LEU A O   1 
ATOM   471  C CB  . LEU A 1 93  ? -5.913  -0.427  2.445   1.00 13.10 ? 2833 LEU A CB  1 
ATOM   472  C CG  . LEU A 1 93  ? -4.592  -0.300  1.664   1.00 15.95 ? 2833 LEU A CG  1 
ATOM   473  C CD1 . LEU A 1 93  ? -4.527  -1.332  0.510   1.00 11.80 ? 2833 LEU A CD1 1 
ATOM   474  C CD2 . LEU A 1 93  ? -4.389  1.130   1.153   1.00 16.09 ? 2833 LEU A CD2 1 
ATOM   475  N N   . LYS A 1 94  ? -4.300  -3.157  3.811   1.00 14.86 ? 2834 LYS A N   1 
ATOM   476  C CA  . LYS A 1 94  ? -3.232  -3.636  4.673   1.00 15.67 ? 2834 LYS A CA  1 
ATOM   477  C C   . LYS A 1 94  ? -2.027  -3.964  3.806   1.00 15.68 ? 2834 LYS A C   1 
ATOM   478  O O   . LYS A 1 94  ? -2.157  -4.167  2.598   1.00 14.23 ? 2834 LYS A O   1 
ATOM   479  C CB  . LYS A 1 94  ? -3.658  -4.884  5.465   1.00 16.66 ? 2834 LYS A CB  1 
ATOM   480  C CG  . LYS A 1 94  ? -5.094  -4.807  6.011   1.00 20.17 ? 2834 LYS A CG  1 
ATOM   481  C CD  . LYS A 1 94  ? -5.314  -5.773  7.166   1.00 23.83 ? 2834 LYS A CD  1 
ATOM   482  C CE  . LYS A 1 94  ? -6.803  -5.867  7.515   1.00 29.56 ? 2834 LYS A CE  1 
ATOM   483  N NZ  . LYS A 1 94  ? -7.159  -7.174  8.142   1.00 37.70 ? 2834 LYS A NZ  1 
ATOM   484  N N   . MET A 1 95  ? -0.856  -4.017  4.435   1.00 17.10 ? 2835 MET A N   1 
ATOM   485  C CA  . MET A 1 95  ? 0.364   -4.480  3.780   1.00 15.82 ? 2835 MET A CA  1 
ATOM   486  C C   . MET A 1 95  ? 1.044   -5.540  4.635   1.00 17.43 ? 2835 MET A C   1 
ATOM   487  O O   . MET A 1 95  ? 0.967   -5.513  5.869   1.00 16.96 ? 2835 MET A O   1 
ATOM   488  C CB  . MET A 1 95  ? 1.360   -3.334  3.503   1.00 16.21 ? 2835 MET A CB  1 
ATOM   489  C CG  . MET A 1 95  ? 1.821   -2.583  4.749   1.00 19.09 ? 2835 MET A CG  1 
ATOM   490  S SD  . MET A 1 95  ? 2.783   -1.113  4.344   1.00 22.38 ? 2835 MET A SD  1 
ATOM   491  C CE  . MET A 1 95  ? 4.434   -1.801  4.412   1.00 12.69 ? 2835 MET A CE  1 
ATOM   492  N N   . ILE A 1 96  ? 1.722   -6.473  3.965   1.00 16.70 ? 2836 ILE A N   1 
ATOM   493  C CA  . ILE A 1 96  ? 2.401   -7.595  4.612   1.00 16.61 ? 2836 ILE A CA  1 
ATOM   494  C C   . ILE A 1 96  ? 3.898   -7.319  4.620   1.00 16.54 ? 2836 ILE A C   1 
ATOM   495  O O   . ILE A 1 96  ? 4.510   -7.100  3.563   1.00 14.79 ? 2836 ILE A O   1 
ATOM   496  C CB  . ILE A 1 96  ? 2.102   -8.929  3.909   1.00 15.49 ? 2836 ILE A CB  1 
ATOM   497  C CG1 . ILE A 1 96  ? 0.603   -9.057  3.638   1.00 21.04 ? 2836 ILE A CG1 1 
ATOM   498  C CG2 . ILE A 1 96  ? 2.639   -10.111 4.724   1.00 19.83 ? 2836 ILE A CG2 1 
ATOM   499  C CD1 . ILE A 1 96  ? -0.247  -8.937  4.880   1.00 20.17 ? 2836 ILE A CD1 1 
ATOM   500  N N   . VAL A 1 97  ? 4.491   -7.368  5.810   1.00 17.42 ? 2837 VAL A N   1 
ATOM   501  C CA  . VAL A 1 97  ? 5.925   -7.209  5.981   1.00 19.36 ? 2837 VAL A CA  1 
ATOM   502  C C   . VAL A 1 97  ? 6.456   -8.462  6.674   1.00 19.27 ? 2837 VAL A C   1 
ATOM   503  O O   . VAL A 1 97  ? 5.694   -9.315  7.120   1.00 17.62 ? 2837 VAL A O   1 
ATOM   504  C CB  . VAL A 1 97  ? 6.272   -5.940  6.776   1.00 17.22 ? 2837 VAL A CB  1 
ATOM   505  C CG1 . VAL A 1 97  ? 5.867   -4.695  5.976   1.00 16.21 ? 2837 VAL A CG1 1 
ATOM   506  C CG2 . VAL A 1 97  ? 5.594   -5.966  8.158   1.00 18.10 ? 2837 VAL A CG2 1 
ATOM   507  N N   . ASP A 1 98  ? 7.775   -8.569  6.746   1.00 16.25 ? 2838 ASP A N   1 
ATOM   508  C CA  . ASP A 1 98  ? 8.384   -9.769  7.311   1.00 16.14 ? 2838 ASP A CA  1 
ATOM   509  C C   . ASP A 1 98  ? 9.564   -9.356  8.181   1.00 20.22 ? 2838 ASP A C   1 
ATOM   510  O O   . ASP A 1 98  ? 10.557  -8.820  7.673   1.00 20.15 ? 2838 ASP A O   1 
ATOM   511  C CB  . ASP A 1 98  ? 8.846   -10.725 6.212   1.00 18.33 ? 2838 ASP A CB  1 
ATOM   512  C CG  . ASP A 1 98  ? 9.324   -12.076 6.763   1.00 24.49 ? 2838 ASP A CG  1 
ATOM   513  O OD1 . ASP A 1 98  ? 9.541   -12.199 7.988   1.00 23.67 ? 2838 ASP A OD1 1 
ATOM   514  O OD2 . ASP A 1 98  ? 9.514   -13.005 5.956   1.00 25.63 ? 2838 ASP A OD2 1 
ATOM   515  N N   . PRO A 1 99  ? 9.483   -9.566  9.495   1.00 24.74 ? 2839 PRO A N   1 
ATOM   516  C CA  . PRO A 1 99  ? 10.618  -9.208  10.364  1.00 26.16 ? 2839 PRO A CA  1 
ATOM   517  C C   . PRO A 1 99  ? 11.930  -9.851  9.942   1.00 25.11 ? 2839 PRO A C   1 
ATOM   518  O O   . PRO A 1 99  ? 12.999  -9.286  10.197  1.00 28.40 ? 2839 PRO A O   1 
ATOM   519  C CB  . PRO A 1 99  ? 10.164  -9.701  11.742  1.00 25.05 ? 2839 PRO A CB  1 
ATOM   520  C CG  . PRO A 1 99  ? 8.660   -9.617  11.677  1.00 27.03 ? 2839 PRO A CG  1 
ATOM   521  C CD  . PRO A 1 99  ? 8.326   -10.050 10.264  1.00 25.90 ? 2839 PRO A CD  1 
ATOM   522  N N   . ALA A 1 100 ? 11.883  -11.010 9.293   1.00 26.93 ? 2840 ALA A N   1 
ATOM   523  C CA  . ALA A 1 100 ? 13.119  -11.637 8.849   1.00 25.97 ? 2840 ALA A CA  1 
ATOM   524  C C   . ALA A 1 100 ? 13.826  -10.842 7.759   1.00 25.41 ? 2840 ALA A C   1 
ATOM   525  O O   . ALA A 1 100 ? 14.950  -11.208 7.397   1.00 27.04 ? 2840 ALA A O   1 
ATOM   526  C CB  . ALA A 1 100 ? 12.840  -13.059 8.373   1.00 25.09 ? 2840 ALA A CB  1 
ATOM   527  N N   . ASP A 1 101 ? 13.228  -9.757  7.254   1.00 25.07 ? 2841 ASP A N   1 
ATOM   528  C CA  . ASP A 1 101 ? 13.826  -8.979  6.169   1.00 22.60 ? 2841 ASP A CA  1 
ATOM   529  C C   . ASP A 1 101 ? 14.873  -7.986  6.659   1.00 21.50 ? 2841 ASP A C   1 
ATOM   530  O O   . ASP A 1 101 ? 15.427  -7.243  5.836   1.00 20.75 ? 2841 ASP A O   1 
ATOM   531  C CB  . ASP A 1 101 ? 12.742  -8.215  5.404   1.00 18.62 ? 2841 ASP A CB  1 
ATOM   532  C CG  . ASP A 1 101 ? 12.001  -9.085  4.402   1.00 23.75 ? 2841 ASP A CG  1 
ATOM   533  O OD1 . ASP A 1 101 ? 12.466  -10.209 4.095   1.00 22.52 ? 2841 ASP A OD1 1 
ATOM   534  O OD2 . ASP A 1 101 ? 10.927  -8.646  3.934   1.00 20.90 ? 2841 ASP A OD2 1 
ATOM   535  N N   . SER A 1 102 ? 15.144  -7.950  7.969   1.00 25.27 ? 2842 SER A N   1 
ATOM   536  C CA  . SER A 1 102 ? 16.075  -7.007  8.591   1.00 22.96 ? 2842 SER A CA  1 
ATOM   537  C C   . SER A 1 102 ? 15.879  -5.599  8.059   1.00 21.35 ? 2842 SER A C   1 
ATOM   538  O O   . SER A 1 102 ? 14.779  -5.051  8.166   1.00 20.74 ? 2842 SER A O   1 
ATOM   539  C CB  . SER A 1 102 ? 17.525  -7.446  8.393   1.00 27.55 ? 2842 SER A CB  1 
ATOM   540  O OG  . SER A 1 102 ? 17.609  -8.857  8.462   1.00 34.08 ? 2842 SER A OG  1 
ATOM   541  N N   . SER A 1 103 ? 16.924  -5.004  7.470   1.00 18.08 ? 2843 SER A N   1 
ATOM   542  C CA  . SER A 1 103 ? 16.819  -3.588  7.124   1.00 17.17 ? 2843 SER A CA  1 
ATOM   543  C C   . SER A 1 103 ? 15.932  -3.334  5.907   1.00 15.95 ? 2843 SER A C   1 
ATOM   544  O O   . SER A 1 103 ? 15.797  -2.178  5.519   1.00 15.16 ? 2843 SER A O   1 
ATOM   545  C CB  . SER A 1 103 ? 18.198  -2.971  6.866   1.00 20.11 ? 2843 SER A CB  1 
ATOM   546  O OG  . SER A 1 103 ? 18.861  -3.587  5.770   1.00 18.61 ? 2843 SER A OG  1 
ATOM   547  N N   . TYR A 1 104 ? 15.368  -4.369  5.281   1.00 17.18 ? 2844 TYR A N   1 
ATOM   548  C CA  . TYR A 1 104 ? 14.389  -4.175  4.216   1.00 18.39 ? 2844 TYR A CA  1 
ATOM   549  C C   . TYR A 1 104 ? 12.983  -4.007  4.758   1.00 16.06 ? 2844 TYR A C   1 
ATOM   550  O O   . TYR A 1 104 ? 12.072  -3.649  3.999   1.00 17.91 ? 2844 TYR A O   1 
ATOM   551  C CB  . TYR A 1 104 ? 14.410  -5.372  3.272   1.00 17.07 ? 2844 TYR A CB  1 
ATOM   552  C CG  . TYR A 1 104 ? 15.611  -5.432  2.366   1.00 19.32 ? 2844 TYR A CG  1 
ATOM   553  C CD1 . TYR A 1 104 ? 15.678  -4.653  1.219   1.00 19.10 ? 2844 TYR A CD1 1 
ATOM   554  C CD2 . TYR A 1 104 ? 16.703  -6.236  2.686   1.00 19.86 ? 2844 TYR A CD2 1 
ATOM   555  C CE1 . TYR A 1 104 ? 16.783  -4.706  0.393   1.00 20.76 ? 2844 TYR A CE1 1 
ATOM   556  C CE2 . TYR A 1 104 ? 17.814  -6.290  1.864   1.00 22.42 ? 2844 TYR A CE2 1 
ATOM   557  C CZ  . TYR A 1 104 ? 17.848  -5.527  0.726   1.00 22.88 ? 2844 TYR A CZ  1 
ATOM   558  O OH  . TYR A 1 104 ? 18.951  -5.564  -0.098  1.00 25.45 ? 2844 TYR A OH  1 
ATOM   559  N N   . MET A 1 105 ? 12.786  -4.301  6.033   1.00 16.36 ? 2845 MET A N   1 
ATOM   560  C CA  . MET A 1 105 ? 11.465  -4.214  6.640   1.00 15.98 ? 2845 MET A CA  1 
ATOM   561  C C   . MET A 1 105 ? 11.026  -2.761  6.768   1.00 16.55 ? 2845 MET A C   1 
ATOM   562  O O   . MET A 1 105 ? 11.727  -1.961  7.409   1.00 17.79 ? 2845 MET A O   1 
ATOM   563  C CB  . MET A 1 105 ? 11.471  -4.881  8.006   1.00 17.16 ? 2845 MET A CB  1 
ATOM   564  C CG  . MET A 1 105 ? 10.102  -4.971  8.609   1.00 17.93 ? 2845 MET A CG  1 
ATOM   565  S SD  . MET A 1 105 ? 10.124  -5.533  10.319  1.00 22.43 ? 2845 MET A SD  1 
ATOM   566  C CE  . MET A 1 105 ? 8.388   -5.844  10.574  1.00 22.44 ? 2845 MET A CE  1 
ATOM   567  N N   . PRO A 1 106 ? 9.891   -2.371  6.191   1.00 17.49 ? 2846 PRO A N   1 
ATOM   568  C CA  . PRO A 1 106 ? 9.371   -1.023  6.458   1.00 15.14 ? 2846 PRO A CA  1 
ATOM   569  C C   . PRO A 1 106 ? 9.176   -0.793  7.954   1.00 16.28 ? 2846 PRO A C   1 
ATOM   570  O O   . PRO A 1 106 ? 8.736   -1.674  8.687   1.00 18.32 ? 2846 PRO A O   1 
ATOM   571  C CB  . PRO A 1 106 ? 8.038   -0.994  5.703   1.00 17.83 ? 2846 PRO A CB  1 
ATOM   572  C CG  . PRO A 1 106 ? 8.152   -2.096  4.648   1.00 15.48 ? 2846 PRO A CG  1 
ATOM   573  C CD  . PRO A 1 106 ? 9.013   -3.157  5.299   1.00 15.27 ? 2846 PRO A CD  1 
ATOM   574  N N   . SER A 1 107 ? 9.492   0.420   8.401   1.00 15.97 ? 2847 SER A N   1 
ATOM   575  C CA  . SER A 1 107 ? 9.258   0.812   9.783   1.00 20.12 ? 2847 SER A CA  1 
ATOM   576  C C   . SER A 1 107 ? 8.403   2.059   9.936   1.00 20.15 ? 2847 SER A C   1 
ATOM   577  O O   . SER A 1 107 ? 7.776   2.227   10.991  1.00 19.98 ? 2847 SER A O   1 
ATOM   578  C CB  . SER A 1 107 ? 10.595  1.028   10.517  1.00 19.96 ? 2847 SER A CB  1 
ATOM   579  O OG  . SER A 1 107 ? 11.364  2.038   9.897   1.00 17.83 ? 2847 SER A OG  1 
ATOM   580  N N   . LEU A 1 108 ? 8.353   2.935   8.935   1.00 16.64 ? 2848 LEU A N   1 
ATOM   581  C CA  . LEU A 1 108 ? 7.483   4.107   8.989   1.00 20.33 ? 2848 LEU A CA  1 
ATOM   582  C C   . LEU A 1 108 ? 6.832   4.292   7.627   1.00 18.22 ? 2848 LEU A C   1 
ATOM   583  O O   . LEU A 1 108 ? 7.529   4.402   6.612   1.00 15.77 ? 2848 LEU A O   1 
ATOM   584  C CB  . LEU A 1 108 ? 8.261   5.357   9.404   1.00 22.24 ? 2848 LEU A CB  1 
ATOM   585  C CG  . LEU A 1 108 ? 7.476   6.669   9.371   1.00 20.92 ? 2848 LEU A CG  1 
ATOM   586  C CD1 . LEU A 1 108 ? 6.453   6.688   10.490  1.00 24.57 ? 2848 LEU A CD1 1 
ATOM   587  C CD2 . LEU A 1 108 ? 8.432   7.840   9.498   1.00 22.78 ? 2848 LEU A CD2 1 
ATOM   588  N N   . VAL A 1 109 ? 5.499   4.323   7.605   1.00 18.24 ? 2849 VAL A N   1 
ATOM   589  C CA  . VAL A 1 109 ? 4.721   4.407   6.376   1.00 15.55 ? 2849 VAL A CA  1 
ATOM   590  C C   . VAL A 1 109 ? 3.684   5.515   6.516   1.00 15.50 ? 2849 VAL A C   1 
ATOM   591  O O   . VAL A 1 109 ? 3.020   5.621   7.550   1.00 15.61 ? 2849 VAL A O   1 
ATOM   592  C CB  . VAL A 1 109 ? 4.044   3.050   6.069   1.00 16.39 ? 2849 VAL A CB  1 
ATOM   593  C CG1 . VAL A 1 109 ? 2.971   3.182   4.970   1.00 16.28 ? 2849 VAL A CG1 1 
ATOM   594  C CG2 . VAL A 1 109 ? 5.107   1.997   5.697   1.00 17.98 ? 2849 VAL A CG2 1 
ATOM   595  N N   . VAL A 1 110 ? 3.537   6.335   5.475   1.00 16.14 ? 2850 VAL A N   1 
ATOM   596  C CA  . VAL A 1 110 ? 2.508   7.375   5.418   1.00 14.34 ? 2850 VAL A CA  1 
ATOM   597  C C   . VAL A 1 110 ? 1.546   7.028   4.291   1.00 14.81 ? 2850 VAL A C   1 
ATOM   598  O O   . VAL A 1 110 ? 1.964   6.854   3.141   1.00 12.23 ? 2850 VAL A O   1 
ATOM   599  C CB  . VAL A 1 110 ? 3.111   8.779   5.207   1.00 14.40 ? 2850 VAL A CB  1 
ATOM   600  C CG1 . VAL A 1 110 ? 2.002   9.851   5.131   1.00 15.75 ? 2850 VAL A CG1 1 
ATOM   601  C CG2 . VAL A 1 110 ? 4.093   9.091   6.319   1.00 13.48 ? 2850 VAL A CG2 1 
ATOM   602  N N   . VAL A 1 111 ? 0.264   6.952   4.613   1.00 14.83 ? 2851 VAL A N   1 
ATOM   603  C CA  . VAL A 1 111 ? -0.771  6.685   3.620   1.00 15.71 ? 2851 VAL A CA  1 
ATOM   604  C C   . VAL A 1 111 ? -1.500  7.982   3.310   1.00 16.71 ? 2851 VAL A C   1 
ATOM   605  O O   . VAL A 1 111 ? -1.984  8.667   4.224   1.00 17.06 ? 2851 VAL A O   1 
ATOM   606  C CB  . VAL A 1 111 ? -1.760  5.622   4.114   1.00 15.41 ? 2851 VAL A CB  1 
ATOM   607  C CG1 . VAL A 1 111 ? -2.816  5.371   3.030   1.00 14.18 ? 2851 VAL A CG1 1 
ATOM   608  C CG2 . VAL A 1 111 ? -1.016  4.347   4.513   1.00 14.22 ? 2851 VAL A CG2 1 
ATOM   609  N N   . SER A 1 112 ? -1.617  8.294   2.022   1.00 13.04 ? 2852 SER A N   1 
ATOM   610  C CA  . SER A 1 112 ? -2.272  9.510   1.567   1.00 15.09 ? 2852 SER A CA  1 
ATOM   611  C C   . SER A 1 112 ? -3.335  9.175   0.524   1.00 14.43 ? 2852 SER A C   1 
ATOM   612  O O   . SER A 1 112 ? -3.278  8.136   -0.145  1.00 13.72 ? 2852 SER A O   1 
ATOM   613  C CB  . SER A 1 112 ? -1.235  10.470  0.982   1.00 16.74 ? 2852 SER A CB  1 
ATOM   614  O OG  . SER A 1 112 ? -0.218  10.671  1.947   1.00 18.34 ? 2852 SER A OG  1 
ATOM   615  N N   . GLY A 1 113 ? -4.286  10.090  0.365   1.00 14.50 ? 2853 GLY A N   1 
ATOM   616  C CA  . GLY A 1 113 ? -5.346  9.924   -0.616  1.00 15.35 ? 2853 GLY A CA  1 
ATOM   617  C C   . GLY A 1 113 ? -5.851  11.258  -1.115  1.00 14.28 ? 2853 GLY A C   1 
ATOM   618  O O   . GLY A 1 113 ? -5.752  12.278  -0.421  1.00 15.41 ? 2853 GLY A O   1 
ATOM   619  N N   . GLY A 1 114 ? -6.380  11.261  -2.334  1.00 12.35 ? 2854 GLY A N   1 
ATOM   620  C CA  . GLY A 1 114 ? -6.905  12.497  -2.887  1.00 15.85 ? 2854 GLY A CA  1 
ATOM   621  C C   . GLY A 1 114 ? -7.470  12.263  -4.266  1.00 17.30 ? 2854 GLY A C   1 
ATOM   622  O O   . GLY A 1 114 ? -7.394  11.159  -4.813  1.00 15.21 ? 2854 GLY A O   1 
ATOM   623  N N   . ASN A 1 115 ? -8.021  13.339  -4.841  1.00 14.94 ? 2855 ASN A N   1 
ATOM   624  C CA  . ASN A 1 115 ? -8.706  13.232  -6.126  1.00 17.44 ? 2855 ASN A CA  1 
ATOM   625  C C   . ASN A 1 115 ? -7.769  13.341  -7.324  1.00 19.17 ? 2855 ASN A C   1 
ATOM   626  O O   . ASN A 1 115 ? -8.214  13.151  -8.464  1.00 15.77 ? 2855 ASN A O   1 
ATOM   627  C CB  . ASN A 1 115 ? -9.814  14.287  -6.228  1.00 19.58 ? 2855 ASN A CB  1 
ATOM   628  C CG  . ASN A 1 115 ? -9.293  15.703  -6.058  1.00 31.15 ? 2855 ASN A CG  1 
ATOM   629  O OD1 . ASN A 1 115 ? -8.141  16.004  -6.397  1.00 26.11 ? 2855 ASN A OD1 1 
ATOM   630  N ND2 . ASN A 1 115 ? -10.143 16.588  -5.538  1.00 33.19 ? 2855 ASN A ND2 1 
ATOM   631  N N   . SER A 1 116 ? -6.494  13.630  -7.096  1.00 16.23 ? 2856 SER A N   1 
ATOM   632  C CA  . SER A 1 116 ? -5.483  13.661  -8.145  1.00 19.01 ? 2856 SER A CA  1 
ATOM   633  C C   . SER A 1 116 ? -4.141  13.412  -7.488  1.00 15.27 ? 2856 SER A C   1 
ATOM   634  O O   . SER A 1 116 ? -4.008  13.509  -6.266  1.00 14.92 ? 2856 SER A O   1 
ATOM   635  C CB  . SER A 1 116 ? -5.479  15.002  -8.890  1.00 21.95 ? 2856 SER A CB  1 
ATOM   636  O OG  . SER A 1 116 ? -4.552  15.881  -8.279  1.00 16.80 ? 2856 SER A OG  1 
ATOM   637  N N   . LEU A 1 117 ? -3.138  13.092  -8.305  1.00 16.52 ? 2857 LEU A N   1 
ATOM   638  C CA  . LEU A 1 117 ? -1.828  12.914  -7.700  1.00 17.15 ? 2857 LEU A CA  1 
ATOM   639  C C   . LEU A 1 117 ? -1.240  14.239  -7.223  1.00 16.81 ? 2857 LEU A C   1 
ATOM   640  O O   . LEU A 1 117 ? -0.285  14.225  -6.443  1.00 19.06 ? 2857 LEU A O   1 
ATOM   641  C CB  . LEU A 1 117 ? -0.875  12.202  -8.669  1.00 17.61 ? 2857 LEU A CB  1 
ATOM   642  C CG  . LEU A 1 117 ? -1.232  10.733  -8.934  1.00 19.21 ? 2857 LEU A CG  1 
ATOM   643  C CD1 . LEU A 1 117 ? -0.290  10.087  -9.950  1.00 26.98 ? 2857 LEU A CD1 1 
ATOM   644  C CD2 . LEU A 1 117 ? -1.218  9.948   -7.621  1.00 20.09 ? 2857 LEU A CD2 1 
ATOM   645  N N   . ASN A 1 118 ? -1.819  15.370  -7.620  1.00 16.37 ? 2858 ASN A N   1 
ATOM   646  C CA  . ASN A 1 118 ? -1.448  16.681  -7.096  1.00 17.11 ? 2858 ASN A CA  1 
ATOM   647  C C   . ASN A 1 118 ? -2.332  17.128  -5.932  1.00 21.22 ? 2858 ASN A C   1 
ATOM   648  O O   . ASN A 1 118 ? -2.289  18.304  -5.557  1.00 19.82 ? 2858 ASN A O   1 
ATOM   649  C CB  . ASN A 1 118 ? -1.511  17.730  -8.212  1.00 17.55 ? 2858 ASN A CB  1 
ATOM   650  C CG  . ASN A 1 118 ? -0.778  19.034  -7.852  1.00 17.12 ? 2858 ASN A CG  1 
ATOM   651  O OD1 . ASN A 1 118 ? 0.274   19.022  -7.207  1.00 16.22 ? 2858 ASN A OD1 1 
ATOM   652  N ND2 . ASN A 1 118 ? -1.365  20.162  -8.241  1.00 15.20 ? 2858 ASN A ND2 1 
ATOM   653  N N   . ASN A 1 119 ? -3.136  16.225  -5.351  1.00 18.22 ? 2859 ASN A N   1 
ATOM   654  C CA  . ASN A 1 119 ? -4.055  16.604  -4.285  1.00 20.23 ? 2859 ASN A CA  1 
ATOM   655  C C   . ASN A 1 119 ? -4.034  15.583  -3.147  1.00 20.04 ? 2859 ASN A C   1 
ATOM   656  O O   . ASN A 1 119 ? -5.021  15.438  -2.418  1.00 19.00 ? 2859 ASN A O   1 
ATOM   657  C CB  . ASN A 1 119 ? -5.492  16.759  -4.811  1.00 21.49 ? 2859 ASN A CB  1 
ATOM   658  C CG  . ASN A 1 119 ? -5.680  18.005  -5.691  1.00 22.48 ? 2859 ASN A CG  1 
ATOM   659  O OD1 . ASN A 1 119 ? -5.521  17.936  -6.907  1.00 24.43 ? 2859 ASN A OD1 1 
ATOM   660  N ND2 . ASN A 1 119 ? -6.032  19.137  -5.078  1.00 20.45 ? 2859 ASN A ND2 1 
ATOM   661  N N   . LEU A 1 120 ? -2.934  14.856  -2.991  1.00 17.56 ? 2860 LEU A N   1 
ATOM   662  C CA  . LEU A 1 120 ? -2.851  13.837  -1.950  1.00 19.86 ? 2860 LEU A CA  1 
ATOM   663  C C   . LEU A 1 120 ? -2.764  14.490  -0.577  1.00 21.66 ? 2860 LEU A C   1 
ATOM   664  O O   . LEU A 1 120 ? -1.938  15.380  -0.359  1.00 20.39 ? 2860 LEU A O   1 
ATOM   665  C CB  . LEU A 1 120 ? -1.629  12.944  -2.189  1.00 18.36 ? 2860 LEU A CB  1 
ATOM   666  C CG  . LEU A 1 120 ? -1.624  12.179  -3.510  1.00 20.91 ? 2860 LEU A CG  1 
ATOM   667  C CD1 . LEU A 1 120 ? -0.334  11.374  -3.673  1.00 23.20 ? 2860 LEU A CD1 1 
ATOM   668  C CD2 . LEU A 1 120 ? -2.851  11.254  -3.598  1.00 17.14 ? 2860 LEU A CD2 1 
ATOM   669  N N   . ILE A 1 121 ? -3.593  14.045  0.361   1.00 18.24 ? 2861 ILE A N   1 
ATOM   670  C CA  . ILE A 1 121 ? -3.487  14.518  1.734   1.00 22.43 ? 2861 ILE A CA  1 
ATOM   671  C C   . ILE A 1 121 ? -3.249  13.314  2.633   1.00 22.90 ? 2861 ILE A C   1 
ATOM   672  O O   . ILE A 1 121 ? -3.769  12.218  2.389   1.00 17.13 ? 2861 ILE A O   1 
ATOM   673  C CB  . ILE A 1 121 ? -4.726  15.322  2.192   1.00 25.36 ? 2861 ILE A CB  1 
ATOM   674  C CG1 . ILE A 1 121 ? -5.919  14.420  2.440   1.00 25.01 ? 2861 ILE A CG1 1 
ATOM   675  C CG2 . ILE A 1 121 ? -5.125  16.322  1.135   1.00 29.82 ? 2861 ILE A CG2 1 
ATOM   676  C CD1 . ILE A 1 121 ? -6.067  14.054  3.892   1.00 34.67 ? 2861 ILE A CD1 1 
ATOM   677  N N   . GLU A 1 122 ? -2.441  13.528  3.663   1.00 19.55 ? 2862 GLU A N   1 
ATOM   678  C CA  . GLU A 1 122 ? -2.112  12.479  4.603   1.00 20.48 ? 2862 GLU A CA  1 
ATOM   679  C C   . GLU A 1 122 ? -3.363  11.926  5.260   1.00 24.91 ? 2862 GLU A C   1 
ATOM   680  O O   . GLU A 1 122 ? -4.147  12.675  5.845   1.00 22.10 ? 2862 GLU A O   1 
ATOM   681  C CB  . GLU A 1 122 ? -1.171  13.022  5.677   1.00 23.64 ? 2862 GLU A CB  1 
ATOM   682  C CG  . GLU A 1 122 ? -0.849  11.987  6.709   1.00 28.55 ? 2862 GLU A CG  1 
ATOM   683  C CD  . GLU A 1 122 ? 0.093   12.493  7.777   1.00 38.70 ? 2862 GLU A CD  1 
ATOM   684  O OE1 . GLU A 1 122 ? 0.906   13.407  7.481   1.00 37.27 ? 2862 GLU A OE1 1 
ATOM   685  O OE2 . GLU A 1 122 ? 0.016   11.955  8.909   1.00 38.08 ? 2862 GLU A OE2 1 
ATOM   686  N N   . LEU A 1 123 ? -3.536  10.608  5.182   1.00 16.84 ? 2863 LEU A N   1 
ATOM   687  C CA  . LEU A 1 123 ? -4.625  9.937   5.878   1.00 18.52 ? 2863 LEU A CA  1 
ATOM   688  C C   . LEU A 1 123 ? -4.174  9.284   7.174   1.00 24.95 ? 2863 LEU A C   1 
ATOM   689  O O   . LEU A 1 123 ? -4.910  9.304   8.169   1.00 22.81 ? 2863 LEU A O   1 
ATOM   690  C CB  . LEU A 1 123 ? -5.268  8.879   4.976   1.00 19.61 ? 2863 LEU A CB  1 
ATOM   691  C CG  . LEU A 1 123 ? -5.790  9.358   3.620   1.00 20.38 ? 2863 LEU A CG  1 
ATOM   692  C CD1 . LEU A 1 123 ? -6.403  8.214   2.844   1.00 15.38 ? 2863 LEU A CD1 1 
ATOM   693  C CD2 . LEU A 1 123 ? -6.789  10.500  3.788   1.00 19.44 ? 2863 LEU A CD2 1 
ATOM   694  N N   . LYS A 1 124 ? -2.977  8.709   7.191   1.00 18.22 ? 2864 LYS A N   1 
ATOM   695  C CA  . LYS A 1 124 ? -2.525  7.987   8.364   1.00 20.75 ? 2864 LYS A CA  1 
ATOM   696  C C   . LYS A 1 124 ? -1.010  7.861   8.309   1.00 23.32 ? 2864 LYS A C   1 
ATOM   697  O O   . LYS A 1 124 ? -0.434  7.716   7.228   1.00 19.34 ? 2864 LYS A O   1 
ATOM   698  C CB  . LYS A 1 124 ? -3.180  6.604   8.436   1.00 23.74 ? 2864 LYS A CB  1 
ATOM   699  C CG  . LYS A 1 124 ? -2.691  5.762   9.582   1.00 28.94 ? 2864 LYS A CG  1 
ATOM   700  C CD  . LYS A 1 124 ? -3.691  4.685   9.922   1.00 32.75 ? 2864 LYS A CD  1 
ATOM   701  C CE  . LYS A 1 124 ? -5.108  5.180   9.718   1.00 32.08 ? 2864 LYS A CE  1 
ATOM   702  N NZ  . LYS A 1 124 ? -6.055  4.022   9.648   1.00 34.81 ? 2864 LYS A NZ  1 
ATOM   703  N N   . THR A 1 125 ? -0.377  7.939   9.474   1.00 23.36 ? 2865 THR A N   1 
ATOM   704  C CA  . THR A 1 125 ? 1.043   7.657   9.627   1.00 20.93 ? 2865 THR A CA  1 
ATOM   705  C C   . THR A 1 125 ? 1.156   6.434   10.523  1.00 23.70 ? 2865 THR A C   1 
ATOM   706  O O   . THR A 1 125 ? 0.617   6.430   11.634  1.00 23.42 ? 2865 THR A O   1 
ATOM   707  C CB  . THR A 1 125 ? 1.789   8.852   10.224  1.00 23.73 ? 2865 THR A CB  1 
ATOM   708  O OG1 . THR A 1 125 ? 1.949   9.860   9.222   1.00 23.41 ? 2865 THR A OG1 1 
ATOM   709  C CG2 . THR A 1 125 ? 3.180   8.421   10.676  1.00 25.10 ? 2865 THR A CG2 1 
ATOM   710  N N   . ILE A 1 126 ? 1.830   5.389   10.040  1.00 21.29 ? 2866 ILE A N   1 
ATOM   711  C CA  . ILE A 1 126 ? 1.910   4.113   10.749  1.00 18.71 ? 2866 ILE A CA  1 
ATOM   712  C C   . ILE A 1 126 ? 3.359   3.839   11.138  1.00 23.98 ? 2866 ILE A C   1 
ATOM   713  O O   . ILE A 1 126 ? 4.243   3.778   10.273  1.00 21.34 ? 2866 ILE A O   1 
ATOM   714  C CB  . ILE A 1 126 ? 1.339   2.945   9.923   1.00 24.44 ? 2866 ILE A CB  1 
ATOM   715  C CG1 . ILE A 1 126 ? -0.089  3.244   9.441   1.00 23.86 ? 2866 ILE A CG1 1 
ATOM   716  C CG2 . ILE A 1 126 ? 1.355   1.652   10.748  1.00 22.79 ? 2866 ILE A CG2 1 
ATOM   717  C CD1 . ILE A 1 126 ? -0.175  3.653   7.986   1.00 26.19 ? 2866 ILE A CD1 1 
ATOM   718  N N   . ASN A 1 127 ? 3.597   3.663   12.436  1.00 25.30 ? 2867 ASN A N   1 
ATOM   719  C CA  . ASN A 1 127 ? 4.876   3.180   12.952  1.00 25.20 ? 2867 ASN A CA  1 
ATOM   720  C C   . ASN A 1 127 ? 4.811   1.666   13.071  1.00 28.18 ? 2867 ASN A C   1 
ATOM   721  O O   . ASN A 1 127 ? 4.036   1.134   13.866  1.00 28.12 ? 2867 ASN A O   1 
ATOM   722  C CB  . ASN A 1 127 ? 5.195   3.816   14.298  1.00 27.11 ? 2867 ASN A CB  1 
ATOM   723  C CG  . ASN A 1 127 ? 5.299   5.300   14.211  1.00 32.25 ? 2867 ASN A CG  1 
ATOM   724  O OD1 . ASN A 1 127 ? 6.369   5.833   13.910  1.00 32.80 ? 2867 ASN A OD1 1 
ATOM   725  N ND2 . ASN A 1 127 ? 4.191   5.994   14.463  1.00 36.81 ? 2867 ASN A ND2 1 
ATOM   726  N N   . ILE A 1 128 ? 5.605   0.977   12.284  1.00 19.59 ? 2868 ILE A N   1 
ATOM   727  C CA  . ILE A 1 128 ? 5.595   -0.478  12.297  1.00 25.25 ? 2868 ILE A CA  1 
ATOM   728  C C   . ILE A 1 128 ? 6.569   -0.948  13.371  1.00 26.69 ? 2868 ILE A C   1 
ATOM   729  O O   . ILE A 1 128 ? 7.659   -0.387  13.526  1.00 27.72 ? 2868 ILE A O   1 
ATOM   730  C CB  . ILE A 1 128 ? 5.947   -1.045  10.902  1.00 23.68 ? 2868 ILE A CB  1 
ATOM   731  C CG1 . ILE A 1 128 ? 4.864   -0.664  9.869   1.00 25.99 ? 2868 ILE A CG1 1 
ATOM   732  C CG2 . ILE A 1 128 ? 6.165   -2.556  10.949  1.00 20.14 ? 2868 ILE A CG2 1 
ATOM   733  C CD1 . ILE A 1 128 ? 5.361   -0.648  8.398   1.00 18.56 ? 2868 ILE A CD1 1 
ATOM   734  N N   . ASN A 1 129 ? 6.152   -1.961  14.155  1.00 26.84 ? 2869 ASN A N   1 
ATOM   735  C CA  . ASN A 1 129 ? 6.990   -2.589  15.167  1.00 30.20 ? 2869 ASN A CA  1 
ATOM   736  C C   . ASN A 1 129 ? 7.795   -3.728  14.551  1.00 29.90 ? 2869 ASN A C   1 
ATOM   737  O O   . ASN A 1 129 ? 7.334   -4.379  13.606  1.00 27.89 ? 2869 ASN A O   1 
ATOM   738  C CB  . ASN A 1 129 ? 6.129   -3.138  16.293  1.00 32.23 ? 2869 ASN A CB  1 
ATOM   739  C CG  . ASN A 1 129 ? 5.361   -2.059  17.005  1.00 40.91 ? 2869 ASN A CG  1 
ATOM   740  O OD1 . ASN A 1 129 ? 5.804   -0.910  17.079  1.00 43.10 ? 2869 ASN A OD1 1 
ATOM   741  N ND2 . ASN A 1 129 ? 4.178   -2.406  17.496  1.00 47.16 ? 2869 ASN A ND2 1 
ATOM   742  N N   . PRO A 1 130 ? 8.984   -4.004  15.100  1.00 33.99 ? 2870 PRO A N   1 
ATOM   743  C CA  . PRO A 1 130 ? 9.880   -4.991  14.468  1.00 32.31 ? 2870 PRO A CA  1 
ATOM   744  C C   . PRO A 1 130 ? 9.275   -6.371  14.281  1.00 30.68 ? 2870 PRO A C   1 
ATOM   745  O O   . PRO A 1 130 ? 9.754   -7.125  13.426  1.00 30.57 ? 2870 PRO A O   1 
ATOM   746  C CB  . PRO A 1 130 ? 11.079  -5.037  15.429  1.00 32.97 ? 2870 PRO A CB  1 
ATOM   747  C CG  . PRO A 1 130 ? 11.034  -3.724  16.150  1.00 33.76 ? 2870 PRO A CG  1 
ATOM   748  C CD  . PRO A 1 130 ? 9.576   -3.412  16.309  1.00 33.39 ? 2870 PRO A CD  1 
ATOM   749  N N   . SER A 1 131 ? 8.262   -6.743  15.056  1.00 27.26 ? 2871 SER A N   1 
ATOM   750  C CA  . SER A 1 131 ? 7.684   -8.078  14.975  1.00 27.86 ? 2871 SER A CA  1 
ATOM   751  C C   . SER A 1 131 ? 6.380   -8.125  14.184  1.00 27.61 ? 2871 SER A C   1 
ATOM   752  O O   . SER A 1 131 ? 5.787   -9.201  14.059  1.00 24.47 ? 2871 SER A O   1 
ATOM   753  C CB  . SER A 1 131 ? 7.480   -8.635  16.388  1.00 33.27 ? 2871 SER A CB  1 
ATOM   754  O OG  . SER A 1 131 ? 6.520   -7.876  17.099  1.00 39.20 ? 2871 SER A OG  1 
ATOM   755  N N   . ASP A 1 132 ? 5.942   -6.999  13.622  1.00 28.67 ? 2872 ASP A N   1 
ATOM   756  C CA  . ASP A 1 132 ? 4.708   -6.972  12.848  1.00 26.36 ? 2872 ASP A CA  1 
ATOM   757  C C   . ASP A 1 132 ? 4.831   -7.805  11.575  1.00 25.33 ? 2872 ASP A C   1 
ATOM   758  O O   . ASP A 1 132 ? 5.903   -7.908  10.971  1.00 22.73 ? 2872 ASP A O   1 
ATOM   759  C CB  . ASP A 1 132 ? 4.347   -5.538  12.473  1.00 25.36 ? 2872 ASP A CB  1 
ATOM   760  C CG  . ASP A 1 132 ? 3.773   -4.769  13.633  1.00 28.04 ? 2872 ASP A CG  1 
ATOM   761  O OD1 . ASP A 1 132 ? 3.500   -5.396  14.675  1.00 34.94 ? 2872 ASP A OD1 1 
ATOM   762  O OD2 . ASP A 1 132 ? 3.596   -3.547  13.510  1.00 31.23 ? 2872 ASP A OD2 1 
ATOM   763  N N   . THR A 1 133 ? 3.707   -8.401  11.169  1.00 21.92 ? 2873 THR A N   1 
ATOM   764  C CA  . THR A 1 133 ? 3.588   -9.048  9.866   1.00 23.91 ? 2873 THR A CA  1 
ATOM   765  C C   . THR A 1 133 ? 2.492   -8.407  9.021   1.00 23.50 ? 2873 THR A C   1 
ATOM   766  O O   . THR A 1 133 ? 2.783   -7.887  7.936   1.00 23.47 ? 2873 THR A O   1 
ATOM   767  C CB  . THR A 1 133 ? 3.335   -10.548 10.040  1.00 23.74 ? 2873 THR A CB  1 
ATOM   768  O OG1 . THR A 1 133 ? 2.353   -10.743 11.060  1.00 26.44 ? 2873 THR A OG1 1 
ATOM   769  C CG2 . THR A 1 133 ? 4.631   -11.261 10.440  1.00 25.08 ? 2873 THR A CG2 1 
ATOM   770  N N   . THR A 1 134 ? 1.242   -8.410  9.475   1.00 22.72 ? 2874 THR A N   1 
ATOM   771  C CA  . THR A 1 134 ? 0.165   -7.731  8.762   1.00 23.33 ? 2874 THR A CA  1 
ATOM   772  C C   . THR A 1 134 ? -0.016  -6.331  9.338   1.00 26.55 ? 2874 THR A C   1 
ATOM   773  O O   . THR A 1 134 ? -0.229  -6.180  10.544  1.00 25.50 ? 2874 THR A O   1 
ATOM   774  C CB  . THR A 1 134 ? -1.140  -8.524  8.838   1.00 25.51 ? 2874 THR A CB  1 
ATOM   775  O OG1 . THR A 1 134 ? -0.963  -9.789  8.187   1.00 24.86 ? 2874 THR A OG1 1 
ATOM   776  C CG2 . THR A 1 134 ? -2.273  -7.749  8.161   1.00 24.48 ? 2874 THR A CG2 1 
ATOM   777  N N   . VAL A 1 135 ? 0.076   -5.315  8.487   1.00 21.51 ? 2875 VAL A N   1 
ATOM   778  C CA  . VAL A 1 135 ? 0.076   -3.928  8.945   1.00 18.17 ? 2875 VAL A CA  1 
ATOM   779  C C   . VAL A 1 135 ? -1.200  -3.269  8.433   1.00 20.64 ? 2875 VAL A C   1 
ATOM   780  O O   . VAL A 1 135 ? -1.338  -3.029  7.223   1.00 17.09 ? 2875 VAL A O   1 
ATOM   781  C CB  . VAL A 1 135 ? 1.322   -3.163  8.477   1.00 22.48 ? 2875 VAL A CB  1 
ATOM   782  C CG1 . VAL A 1 135 ? 1.211   -1.696  8.856   1.00 21.89 ? 2875 VAL A CG1 1 
ATOM   783  C CG2 . VAL A 1 135 ? 2.592   -3.774  9.080   1.00 24.01 ? 2875 VAL A CG2 1 
ATOM   784  N N   . PRO A 1 136 ? -2.148  -2.939  9.308   1.00 22.93 ? 2876 PRO A N   1 
ATOM   785  C CA  . PRO A 1 136 ? -3.345  -2.213  8.860   1.00 21.67 ? 2876 PRO A CA  1 
ATOM   786  C C   . PRO A 1 136 ? -2.971  -0.797  8.431   1.00 20.07 ? 2876 PRO A C   1 
ATOM   787  O O   . PRO A 1 136 ? -2.187  -0.115  9.096   1.00 18.67 ? 2876 PRO A O   1 
ATOM   788  C CB  . PRO A 1 136 ? -4.253  -2.218  10.099  1.00 22.62 ? 2876 PRO A CB  1 
ATOM   789  C CG  . PRO A 1 136 ? -3.295  -2.369  11.261  1.00 27.31 ? 2876 PRO A CG  1 
ATOM   790  C CD  . PRO A 1 136 ? -2.136  -3.183  10.766  1.00 22.87 ? 2876 PRO A CD  1 
ATOM   791  N N   . LEU A 1 137 ? -3.500  -0.379  7.285   1.00 17.04 ? 2877 LEU A N   1 
ATOM   792  C CA  . LEU A 1 137 ? -3.254  0.945   6.726   1.00 15.51 ? 2877 LEU A CA  1 
ATOM   793  C C   . LEU A 1 137 ? -4.505  1.810   6.730   1.00 18.61 ? 2877 LEU A C   1 
ATOM   794  O O   . LEU A 1 137 ? -4.475  2.939   7.228   1.00 20.40 ? 2877 LEU A O   1 
ATOM   795  C CB  . LEU A 1 137 ? -2.706  0.818   5.286   1.00 16.77 ? 2877 LEU A CB  1 
ATOM   796  C CG  . LEU A 1 137 ? -1.430  -0.019  5.087   1.00 17.17 ? 2877 LEU A CG  1 
ATOM   797  C CD1 . LEU A 1 137 ? -0.975  0.010   3.637   1.00 15.74 ? 2877 LEU A CD1 1 
ATOM   798  C CD2 . LEU A 1 137 ? -0.337  0.517   5.996   1.00 17.36 ? 2877 LEU A CD2 1 
ATOM   799  N N   . LEU A 1 138 ? -5.607  1.305   6.174   1.00 17.06 ? 2878 LEU A N   1 
ATOM   800  C CA  . LEU A 1 138 ? -6.879  2.017   6.111   1.00 18.07 ? 2878 LEU A CA  1 
ATOM   801  C C   . LEU A 1 138 ? -7.998  1.061   6.495   1.00 17.99 ? 2878 LEU A C   1 
ATOM   802  O O   . LEU A 1 138 ? -7.942  -0.133  6.194   1.00 14.79 ? 2878 LEU A O   1 
ATOM   803  C CB  . LEU A 1 138 ? -7.167  2.564   4.705   1.00 15.84 ? 2878 LEU A CB  1 
ATOM   804  C CG  . LEU A 1 138 ? -6.202  3.585   4.108   1.00 15.18 ? 2878 LEU A CG  1 
ATOM   805  C CD1 . LEU A 1 138 ? -6.633  3.966   2.679   1.00 12.64 ? 2878 LEU A CD1 1 
ATOM   806  C CD2 . LEU A 1 138 ? -6.127  4.829   5.032   1.00 16.21 ? 2878 LEU A CD2 1 
ATOM   807  N N   . ASN A 1 139 ? -9.036  1.594   7.135   1.00 19.01 ? 2879 ASN A N   1 
ATOM   808  C CA  . ASN A 1 139 ? -10.220 0.782   7.398   1.00 21.46 ? 2879 ASN A CA  1 
ATOM   809  C C   . ASN A 1 139 ? -11.472 1.646   7.460   1.00 21.48 ? 2879 ASN A C   1 
ATOM   810  O O   . ASN A 1 139 ? -11.439 2.760   7.982   1.00 17.33 ? 2879 ASN A O   1 
ATOM   811  C CB  . ASN A 1 139 ? -10.097 0.004   8.706   1.00 23.16 ? 2879 ASN A CB  1 
ATOM   812  C CG  . ASN A 1 139 ? -10.095 0.907   9.907   1.00 24.34 ? 2879 ASN A CG  1 
ATOM   813  O OD1 . ASN A 1 139 ? -9.074  1.512   10.245  1.00 26.85 ? 2879 ASN A OD1 1 
ATOM   814  N ND2 . ASN A 1 139 ? -11.258 1.066   10.523  1.00 29.09 ? 2879 ASN A ND2 1 
ATOM   815  N N   . ASP A 1 140 ? -12.571 1.112   6.924   1.00 20.53 ? 2880 ASP A N   1 
ATOM   816  C CA  . ASP A 1 140 ? -13.891 1.722   7.059   1.00 22.94 ? 2880 ASP A CA  1 
ATOM   817  C C   . ASP A 1 140 ? -13.909 3.155   6.531   1.00 20.57 ? 2880 ASP A C   1 
ATOM   818  O O   . ASP A 1 140 ? -14.525 4.039   7.119   1.00 21.79 ? 2880 ASP A O   1 
ATOM   819  C CB  . ASP A 1 140 ? -14.361 1.671   8.519   1.00 22.50 ? 2880 ASP A CB  1 
ATOM   820  C CG  . ASP A 1 140 ? -14.303 0.261   9.111   1.00 24.93 ? 2880 ASP A CG  1 
ATOM   821  O OD1 . ASP A 1 140 ? -14.853 -0.682  8.497   1.00 27.19 ? 2880 ASP A OD1 1 
ATOM   822  O OD2 . ASP A 1 140 ? -13.665 0.083   10.176  1.00 28.54 ? 2880 ASP A OD2 1 
ATOM   823  N N   . CYS A 1 141 ? -13.238 3.397   5.405   1.00 16.80 ? 2881 CYS A N   1 
ATOM   824  C CA  . CYS A 1 141 ? -13.236 4.742   4.851   1.00 19.18 ? 2881 CYS A CA  1 
ATOM   825  C C   . CYS A 1 141 ? -14.663 5.182   4.543   1.00 23.78 ? 2881 CYS A C   1 
ATOM   826  O O   . CYS A 1 141 ? -15.450 4.434   3.948   1.00 21.94 ? 2881 CYS A O   1 
ATOM   827  C CB  . CYS A 1 141 ? -12.359 4.802   3.599   1.00 20.87 ? 2881 CYS A CB  1 
ATOM   828  S SG  . CYS A 1 141 ? -10.602 4.458   3.990   1.00 18.37 ? 2881 CYS A SG  1 
ATOM   829  N N   . THR A 1 142 ? -15.000 6.393   4.977   1.00 24.18 ? 2882 THR A N   1 
ATOM   830  C CA  . THR A 1 142 ? -16.275 7.025   4.663   1.00 27.74 ? 2882 THR A CA  1 
ATOM   831  C C   . THR A 1 142 ? -16.165 7.981   3.485   1.00 27.74 ? 2882 THR A C   1 
ATOM   832  O O   . THR A 1 142 ? -17.181 8.538   3.047   1.00 24.65 ? 2882 THR A O   1 
ATOM   833  C CB  . THR A 1 142 ? -16.814 7.774   5.893   1.00 24.82 ? 2882 THR A CB  1 
ATOM   834  O OG1 . THR A 1 142 ? -15.858 8.754   6.320   1.00 23.92 ? 2882 THR A OG1 1 
ATOM   835  C CG2 . THR A 1 142 ? -17.068 6.808   7.024   1.00 30.90 ? 2882 THR A CG2 1 
ATOM   836  N N   . GLU A 1 143 ? -14.962 8.188   2.961   1.00 18.23 ? 2883 GLU A N   1 
ATOM   837  C CA  . GLU A 1 143 ? -14.766 9.103   1.853   1.00 19.60 ? 2883 GLU A CA  1 
ATOM   838  C C   . GLU A 1 143 ? -14.121 8.352   0.695   1.00 17.19 ? 2883 GLU A C   1 
ATOM   839  O O   . GLU A 1 143 ? -13.294 7.465   0.912   1.00 15.46 ? 2883 GLU A O   1 
ATOM   840  C CB  . GLU A 1 143 ? -13.927 10.311  2.317   1.00 21.17 ? 2883 GLU A CB  1 
ATOM   841  C CG  . GLU A 1 143 ? -13.228 11.101  1.232   1.00 24.61 ? 2883 GLU A CG  1 
ATOM   842  C CD  . GLU A 1 143 ? -12.776 12.472  1.720   1.00 28.47 ? 2883 GLU A CD  1 
ATOM   843  O OE1 . GLU A 1 143 ? -12.574 12.629  2.943   1.00 27.89 ? 2883 GLU A OE1 1 
ATOM   844  O OE2 . GLU A 1 143 ? -12.648 13.390  0.875   1.00 28.01 ? 2883 GLU A OE2 1 
ATOM   845  N N   . TYR A 1 144 ? -14.526 8.691   -0.527  1.00 13.06 ? 2884 TYR A N   1 
ATOM   846  C CA  . TYR A 1 144 ? -13.929 8.108   -1.723  1.00 13.71 ? 2884 TYR A CA  1 
ATOM   847  C C   . TYR A 1 144 ? -12.555 8.732   -1.967  1.00 17.91 ? 2884 TYR A C   1 
ATOM   848  O O   . TYR A 1 144 ? -12.406 9.958   -1.913  1.00 14.81 ? 2884 TYR A O   1 
ATOM   849  C CB  . TYR A 1 144 ? -14.822 8.338   -2.944  1.00 13.49 ? 2884 TYR A CB  1 
ATOM   850  C CG  . TYR A 1 144 ? -14.123 8.017   -4.251  1.00 13.97 ? 2884 TYR A CG  1 
ATOM   851  C CD1 . TYR A 1 144 ? -13.758 6.704   -4.564  1.00 17.10 ? 2884 TYR A CD1 1 
ATOM   852  C CD2 . TYR A 1 144 ? -13.781 9.018   -5.146  1.00 16.08 ? 2884 TYR A CD2 1 
ATOM   853  C CE1 . TYR A 1 144 ? -13.099 6.402   -5.751  1.00 14.38 ? 2884 TYR A CE1 1 
ATOM   854  C CE2 . TYR A 1 144 ? -13.128 8.721   -6.330  1.00 14.84 ? 2884 TYR A CE2 1 
ATOM   855  C CZ  . TYR A 1 144 ? -12.785 7.421   -6.623  1.00 12.94 ? 2884 TYR A CZ  1 
ATOM   856  O OH  . TYR A 1 144 ? -12.138 7.144   -7.802  1.00 14.54 ? 2884 TYR A OH  1 
ATOM   857  N N   . HIS A 1 145 ? -11.547 7.887   -2.211  1.00 13.07 ? 2885 HIS A N   1 
ATOM   858  C CA  . HIS A 1 145 ? -10.211 8.339   -2.589  1.00 14.68 ? 2885 HIS A CA  1 
ATOM   859  C C   . HIS A 1 145 ? -9.900  7.785   -3.966  1.00 14.73 ? 2885 HIS A C   1 
ATOM   860  O O   . HIS A 1 145 ? -9.815  6.565   -4.132  1.00 12.79 ? 2885 HIS A O   1 
ATOM   861  C CB  . HIS A 1 145 ? -9.141  7.884   -1.588  1.00 14.96 ? 2885 HIS A CB  1 
ATOM   862  C CG  . HIS A 1 145 ? -9.447  8.258   -0.176  1.00 17.58 ? 2885 HIS A CG  1 
ATOM   863  N ND1 . HIS A 1 145 ? -9.468  9.567   0.257   1.00 15.28 ? 2885 HIS A ND1 1 
ATOM   864  C CD2 . HIS A 1 145 ? -9.747  7.500   0.899   1.00 16.03 ? 2885 HIS A CD2 1 
ATOM   865  C CE1 . HIS A 1 145 ? -9.779  9.597   1.539   1.00 17.31 ? 2885 HIS A CE1 1 
ATOM   866  N NE2 . HIS A 1 145 ? -9.955  8.356   1.952   1.00 16.26 ? 2885 HIS A NE2 1 
ATOM   867  N N   . ARG A 1 146 ? -9.750  8.675   -4.946  1.00 13.63 ? 2886 ARG A N   1 
ATOM   868  C CA  . ARG A 1 146 ? -9.436  8.221   -6.295  1.00 15.23 ? 2886 ARG A CA  1 
ATOM   869  C C   . ARG A 1 146 ? -8.022  7.666   -6.372  1.00 14.58 ? 2886 ARG A C   1 
ATOM   870  O O   . ARG A 1 146 ? -7.785  6.660   -7.046  1.00 12.55 ? 2886 ARG A O   1 
ATOM   871  C CB  . ARG A 1 146 ? -9.610  9.352   -7.301  1.00 14.21 ? 2886 ARG A CB  1 
ATOM   872  C CG  . ARG A 1 146 ? -9.352  8.902   -8.739  1.00 18.11 ? 2886 ARG A CG  1 
ATOM   873  C CD  . ARG A 1 146 ? -9.736  9.973   -9.748  1.00 18.51 ? 2886 ARG A CD  1 
ATOM   874  N NE  . ARG A 1 146 ? -9.356  9.578   -11.101 1.00 24.42 ? 2886 ARG A NE  1 
ATOM   875  C CZ  . ARG A 1 146 ? -9.521  10.338  -12.176 1.00 28.35 ? 2886 ARG A CZ  1 
ATOM   876  N NH1 . ARG A 1 146 ? -10.066 11.539  -12.095 1.00 27.40 ? 2886 ARG A NH1 1 
ATOM   877  N NH2 . ARG A 1 146 ? -9.134  9.877   -13.363 1.00 29.73 ? 2886 ARG A NH2 1 
ATOM   878  N N   . TYR A 1 147 ? -7.074  8.324   -5.705  1.00 15.94 ? 2887 TYR A N   1 
ATOM   879  C CA  . TYR A 1 147 ? -5.690  7.882   -5.622  1.00 15.27 ? 2887 TYR A CA  1 
ATOM   880  C C   . TYR A 1 147 ? -5.303  7.669   -4.173  1.00 13.74 ? 2887 TYR A C   1 
ATOM   881  O O   . TYR A 1 147 ? -5.611  8.499   -3.302  1.00 13.92 ? 2887 TYR A O   1 
ATOM   882  C CB  . TYR A 1 147 ? -4.737  8.901   -6.259  1.00 13.42 ? 2887 TYR A CB  1 
ATOM   883  C CG  . TYR A 1 147 ? -4.996  9.136   -7.713  1.00 15.76 ? 2887 TYR A CG  1 
ATOM   884  C CD1 . TYR A 1 147 ? -4.391  8.338   -8.671  1.00 16.35 ? 2887 TYR A CD1 1 
ATOM   885  C CD2 . TYR A 1 147 ? -5.853  10.147  -8.136  1.00 15.50 ? 2887 TYR A CD2 1 
ATOM   886  C CE1 . TYR A 1 147 ? -4.613  8.550   -10.010 1.00 20.88 ? 2887 TYR A CE1 1 
ATOM   887  C CE2 . TYR A 1 147 ? -6.085  10.357  -9.468  1.00 19.03 ? 2887 TYR A CE2 1 
ATOM   888  C CZ  . TYR A 1 147 ? -5.464  9.554   -10.402 1.00 21.50 ? 2887 TYR A CZ  1 
ATOM   889  O OH  . TYR A 1 147 ? -5.691  9.760   -11.739 1.00 23.88 ? 2887 TYR A OH  1 
ATOM   890  N N   . ILE A 1 148 ? -4.631  6.551   -3.926  1.00 11.14 ? 2888 ILE A N   1 
ATOM   891  C CA  . ILE A 1 148 ? -4.089  6.211   -2.614  1.00 11.63 ? 2888 ILE A CA  1 
ATOM   892  C C   . ILE A 1 148 ? -2.596  5.963   -2.767  1.00 14.64 ? 2888 ILE A C   1 
ATOM   893  O O   . ILE A 1 148 ? -2.165  5.262   -3.691  1.00 12.45 ? 2888 ILE A O   1 
ATOM   894  C CB  . ILE A 1 148 ? -4.801  4.989   -1.994  1.00 14.45 ? 2888 ILE A CB  1 
ATOM   895  C CG1 . ILE A 1 148 ? -6.284  5.319   -1.733  1.00 14.76 ? 2888 ILE A CG1 1 
ATOM   896  C CG2 . ILE A 1 148 ? -4.096  4.505   -0.707  1.00 12.15 ? 2888 ILE A CG2 1 
ATOM   897  C CD1 . ILE A 1 148 ? -7.163  4.091   -1.627  1.00 16.26 ? 2888 ILE A CD1 1 
ATOM   898  N N   . GLU A 1 149 ? -1.811  6.551   -1.876  1.00 11.63 ? 2889 GLU A N   1 
ATOM   899  C CA  . GLU A 1 149 ? -0.371  6.391   -1.910  1.00 13.60 ? 2889 GLU A CA  1 
ATOM   900  C C   . GLU A 1 149 ? 0.097   5.761   -0.608  1.00 13.78 ? 2889 GLU A C   1 
ATOM   901  O O   . GLU A 1 149 ? -0.258  6.227   0.484   1.00 13.38 ? 2889 GLU A O   1 
ATOM   902  C CB  . GLU A 1 149 ? 0.341   7.724   -2.126  1.00 15.59 ? 2889 GLU A CB  1 
ATOM   903  C CG  . GLU A 1 149 ? 1.840   7.542   -2.078  1.00 14.81 ? 2889 GLU A CG  1 
ATOM   904  C CD  . GLU A 1 149 ? 2.561   8.857   -2.112  1.00 21.66 ? 2889 GLU A CD  1 
ATOM   905  O OE1 . GLU A 1 149 ? 2.758   9.437   -1.017  1.00 20.61 ? 2889 GLU A OE1 1 
ATOM   906  O OE2 . GLU A 1 149 ? 2.924   9.302   -3.218  1.00 20.44 ? 2889 GLU A OE2 1 
ATOM   907  N N   . ILE A 1 150 ? 0.887   4.702   -0.725  1.00 11.53 ? 2890 ILE A N   1 
ATOM   908  C CA  . ILE A 1 150 ? 1.579   4.114   0.410   1.00 10.57 ? 2890 ILE A CA  1 
ATOM   909  C C   . ILE A 1 150 ? 3.040   4.521   0.268   1.00 13.43 ? 2890 ILE A C   1 
ATOM   910  O O   . ILE A 1 150 ? 3.727   4.077   -0.656  1.00 10.75 ? 2890 ILE A O   1 
ATOM   911  C CB  . ILE A 1 150 ? 1.425   2.587   0.463   1.00 11.35 ? 2890 ILE A CB  1 
ATOM   912  C CG1 . ILE A 1 150 ? -0.061  2.187   0.506   1.00 13.94 ? 2890 ILE A CG1 1 
ATOM   913  C CG2 . ILE A 1 150 ? 2.192   2.012   1.655   1.00 12.46 ? 2890 ILE A CG2 1 
ATOM   914  C CD1 . ILE A 1 150 ? -0.295  0.741   0.101   1.00 15.05 ? 2890 ILE A CD1 1 
ATOM   915  N N   . ALA A 1 151 ? 3.513   5.384   1.156   1.00 14.61 ? 2891 ALA A N   1 
ATOM   916  C CA  . ALA A 1 151 ? 4.882   5.876   1.097   1.00 15.16 ? 2891 ALA A CA  1 
ATOM   917  C C   . ALA A 1 151 ? 5.675   5.212   2.212   1.00 17.76 ? 2891 ALA A C   1 
ATOM   918  O O   . ALA A 1 151 ? 5.280   5.273   3.380   1.00 16.80 ? 2891 ALA A O   1 
ATOM   919  C CB  . ALA A 1 151 ? 4.911   7.400   1.223   1.00 18.18 ? 2891 ALA A CB  1 
ATOM   920  N N   . ILE A 1 152 ? 6.781   4.562   1.857   1.00 15.01 ? 2892 ILE A N   1 
ATOM   921  C CA  . ILE A 1 152 ? 7.676   3.990   2.849   1.00 13.21 ? 2892 ILE A CA  1 
ATOM   922  C C   . ILE A 1 152 ? 8.748   5.036   3.136   1.00 18.16 ? 2892 ILE A C   1 
ATOM   923  O O   . ILE A 1 152 ? 9.657   5.264   2.329   1.00 14.67 ? 2892 ILE A O   1 
ATOM   924  C CB  . ILE A 1 152 ? 8.258   2.650   2.398   1.00 13.94 ? 2892 ILE A CB  1 
ATOM   925  C CG1 . ILE A 1 152 ? 7.119   1.700   1.993   1.00 13.84 ? 2892 ILE A CG1 1 
ATOM   926  C CG2 . ILE A 1 152 ? 9.150   2.047   3.492   1.00 14.02 ? 2892 ILE A CG2 1 
ATOM   927  C CD1 . ILE A 1 152 ? 6.728   1.769   0.512   1.00 14.40 ? 2892 ILE A CD1 1 
ATOM   928  N N   . LYS A 1 153 ? 8.621   5.686   4.296   1.00 17.48 ? 2893 LYS A N   1 
ATOM   929  C CA  . LYS A 1 153 ? 9.480   6.798   4.678   1.00 20.95 ? 2893 LYS A CA  1 
ATOM   930  C C   . LYS A 1 153 ? 10.739  6.337   5.395   1.00 17.62 ? 2893 LYS A C   1 
ATOM   931  O O   . LYS A 1 153 ? 11.736  7.062   5.401   1.00 22.02 ? 2893 LYS A O   1 
ATOM   932  C CB  . LYS A 1 153 ? 8.730   7.763   5.605   1.00 17.91 ? 2893 LYS A CB  1 
ATOM   933  C CG  . LYS A 1 153 ? 7.425   8.342   5.054   1.00 21.83 ? 2893 LYS A CG  1 
ATOM   934  C CD  . LYS A 1 153 ? 7.566   8.915   3.662   1.00 24.15 ? 2893 LYS A CD  1 
ATOM   935  C CE  . LYS A 1 153 ? 8.538   10.066  3.605   1.00 35.47 ? 2893 LYS A CE  1 
ATOM   936  N NZ  . LYS A 1 153 ? 8.956   10.311  2.175   1.00 42.12 ? 2893 LYS A NZ  1 
ATOM   937  N N   . GLN A 1 154 ? 10.703  5.155   6.001   1.00 19.25 ? 2894 GLN A N   1 
ATOM   938  C CA  . GLN A 1 154 ? 11.812  4.633   6.781   1.00 21.30 ? 2894 GLN A CA  1 
ATOM   939  C C   . GLN A 1 154 ? 11.734  3.121   6.795   1.00 22.22 ? 2894 GLN A C   1 
ATOM   940  O O   . GLN A 1 154 ? 10.637  2.547   6.791   1.00 19.60 ? 2894 GLN A O   1 
ATOM   941  C CB  . GLN A 1 154 ? 11.779  5.114   8.233   1.00 21.31 ? 2894 GLN A CB  1 
ATOM   942  C CG  . GLN A 1 154 ? 12.381  6.444   8.486   1.00 32.37 ? 2894 GLN A CG  1 
ATOM   943  C CD  . GLN A 1 154 ? 13.018  6.482   9.858   1.00 45.25 ? 2894 GLN A CD  1 
ATOM   944  O OE1 . GLN A 1 154 ? 12.422  6.027   10.842  1.00 38.87 ? 2894 GLN A OE1 1 
ATOM   945  N NE2 . GLN A 1 154 ? 14.249  6.984   9.928   1.00 49.37 ? 2894 GLN A NE2 1 
ATOM   946  N N   . CYS A 1 155 ? 12.910  2.489   6.858   1.00 18.34 ? 2895 CYS A N   1 
ATOM   947  C CA  . CYS A 1 155 ? 13.041  1.056   7.084   1.00 19.74 ? 2895 CYS A CA  1 
ATOM   948  C C   . CYS A 1 155 ? 13.782  0.793   8.396   1.00 19.35 ? 2895 CYS A C   1 
ATOM   949  O O   . CYS A 1 155 ? 14.545  1.629   8.878   1.00 18.24 ? 2895 CYS A O   1 
ATOM   950  C CB  . CYS A 1 155 ? 13.809  0.394   5.940   1.00 18.65 ? 2895 CYS A CB  1 
ATOM   951  S SG  . CYS A 1 155 ? 12.896  0.442   4.392   1.00 18.33 ? 2895 CYS A SG  1 
ATOM   952  N N   . ARG A 1 156 ? 13.545  -0.395  8.953   1.00 18.20 ? 2896 ARG A N   1 
ATOM   953  C CA  . ARG A 1 156 ? 14.278  -0.881  10.111  1.00 21.13 ? 2896 ARG A CA  1 
ATOM   954  C C   . ARG A 1 156 ? 15.779  -0.687  9.905   1.00 25.68 ? 2896 ARG A C   1 
ATOM   955  O O   . ARG A 1 156 ? 16.296  -0.837  8.790   1.00 18.06 ? 2896 ARG A O   1 
ATOM   956  C CB  . ARG A 1 156 ? 13.935  -2.363  10.322  1.00 25.13 ? 2896 ARG A CB  1 
ATOM   957  C CG  . ARG A 1 156 ? 14.351  -2.975  11.662  1.00 28.76 ? 2896 ARG A CG  1 
ATOM   958  C CD  . ARG A 1 156 ? 13.739  -2.200  12.804  1.00 38.17 ? 2896 ARG A CD  1 
ATOM   959  N NE  . ARG A 1 156 ? 12.284  -2.109  12.697  1.00 46.25 ? 2896 ARG A NE  1 
ATOM   960  C CZ  . ARG A 1 156 ? 11.522  -1.316  13.447  1.00 43.43 ? 2896 ARG A CZ  1 
ATOM   961  N NH1 . ARG A 1 156 ? 12.051  -0.488  14.341  1.00 40.12 ? 2896 ARG A NH1 1 
ATOM   962  N NH2 . ARG A 1 156 ? 10.201  -1.339  13.283  1.00 33.45 ? 2896 ARG A NH2 1 
ATOM   963  N N   . SER A 1 157 ? 16.477  -0.309  10.980  1.00 27.11 ? 2897 SER A N   1 
ATOM   964  C CA  . SER A 1 157 ? 17.934  -0.113  10.938  1.00 24.79 ? 2897 SER A CA  1 
ATOM   965  C C   . SER A 1 157 ? 18.351  0.777   9.771   1.00 24.70 ? 2897 SER A C   1 
ATOM   966  O O   . SER A 1 157 ? 19.405  0.574   9.169   1.00 29.87 ? 2897 SER A O   1 
ATOM   967  C CB  . SER A 1 157 ? 18.673  -1.450  10.862  1.00 26.02 ? 2897 SER A CB  1 
ATOM   968  O OG  . SER A 1 157 ? 18.143  -2.395  11.773  1.00 30.97 ? 2897 SER A OG  1 
ATOM   969  N N   . SER A 1 158 ? 17.503  1.742   9.424   1.00 22.47 ? 2898 SER A N   1 
ATOM   970  C CA  . SER A 1 158 ? 17.728  2.676   8.313   1.00 26.42 ? 2898 SER A CA  1 
ATOM   971  C C   . SER A 1 158 ? 18.181  1.992   7.012   1.00 25.37 ? 2898 SER A C   1 
ATOM   972  O O   . SER A 1 158 ? 19.013  2.518   6.260   1.00 23.71 ? 2898 SER A O   1 
ATOM   973  C CB  . SER A 1 158 ? 18.704  3.781   8.728   1.00 35.38 ? 2898 SER A CB  1 
ATOM   974  O OG  . SER A 1 158 ? 19.728  3.271   9.562   1.00 43.39 ? 2898 SER A OG  1 
ATOM   975  N N   . GLY A 1 159 ? 17.588  0.842   6.696   1.00 20.76 ? 2899 GLY A N   1 
ATOM   976  C CA  . GLY A 1 159 ? 17.806  0.270   5.370   1.00 19.50 ? 2899 GLY A CA  1 
ATOM   977  C C   . GLY A 1 159 ? 17.504  1.236   4.234   1.00 17.02 ? 2899 GLY A C   1 
ATOM   978  O O   . GLY A 1 159 ? 16.629  2.093   4.368   1.00 17.88 ? 2899 GLY A O   1 
ATOM   979  N N   . ILE A 1 160 ? 18.206  1.118   3.108   1.00 16.85 ? 2900 ILE A N   1 
ATOM   980  C CA  . ILE A 1 160 ? 17.943  2.010   1.982   1.00 17.52 ? 2900 ILE A CA  1 
ATOM   981  C C   . ILE A 1 160 ? 16.666  1.617   1.245   1.00 18.88 ? 2900 ILE A C   1 
ATOM   982  O O   . ILE A 1 160 ? 15.801  2.467   1.009   1.00 17.16 ? 2900 ILE A O   1 
ATOM   983  C CB  . ILE A 1 160 ? 19.157  2.074   1.034   1.00 16.94 ? 2900 ILE A CB  1 
ATOM   984  C CG1 . ILE A 1 160 ? 20.324  2.835   1.706   1.00 21.96 ? 2900 ILE A CG1 1 
ATOM   985  C CG2 . ILE A 1 160 ? 18.768  2.643   -0.320  1.00 17.02 ? 2900 ILE A CG2 1 
ATOM   986  C CD1 . ILE A 1 160 ? 21.696  2.385   1.273   1.00 30.71 ? 2900 ILE A CD1 1 
ATOM   987  N N   . ASP A 1 161 ? 16.542  0.348   0.857   1.00 16.76 ? 2901 ASP A N   1 
ATOM   988  C CA  . ASP A 1 161 ? 15.399  -0.195  0.124   1.00 17.25 ? 2901 ASP A CA  1 
ATOM   989  C C   . ASP A 1 161 ? 14.519  -1.045  1.036   1.00 15.81 ? 2901 ASP A C   1 
ATOM   990  O O   . ASP A 1 161 ? 14.930  -1.460  2.122   1.00 16.00 ? 2901 ASP A O   1 
ATOM   991  C CB  . ASP A 1 161 ? 15.895  -1.027  -1.065  1.00 14.54 ? 2901 ASP A CB  1 
ATOM   992  C CG  . ASP A 1 161 ? 16.291  -0.171  -2.240  1.00 16.78 ? 2901 ASP A CG  1 
ATOM   993  O OD1 . ASP A 1 161 ? 15.556  0.776   -2.586  1.00 15.28 ? 2901 ASP A OD1 1 
ATOM   994  O OD2 . ASP A 1 161 ? 17.410  -0.362  -2.752  1.00 18.84 ? 2901 ASP A OD2 1 
ATOM   995  N N   . CYS A 1 162 ? 13.292  -1.313  0.574   1.00 16.65 ? 2902 CYS A N   1 
ATOM   996  C CA  . CYS A 1 162 ? 12.296  -2.027  1.361   1.00 16.48 ? 2902 CYS A CA  1 
ATOM   997  C C   . CYS A 1 162 ? 11.798  -3.247  0.605   1.00 16.17 ? 2902 CYS A C   1 
ATOM   998  O O   . CYS A 1 162 ? 11.954  -3.361  -0.616  1.00 14.83 ? 2902 CYS A O   1 
ATOM   999  C CB  . CYS A 1 162 ? 11.094  -1.129  1.712   1.00 16.00 ? 2902 CYS A CB  1 
ATOM   1000 S SG  . CYS A 1 162 ? 10.150  -0.511  0.272   1.00 15.43 ? 2902 CYS A SG  1 
ATOM   1001 N N   . LYS A 1 163 ? 11.197  -4.163  1.363   1.00 12.97 ? 2903 LYS A N   1 
ATOM   1002 C CA  . LYS A 1 163 ? 10.494  -5.307  0.813   1.00 13.81 ? 2903 LYS A CA  1 
ATOM   1003 C C   . LYS A 1 163 ? 9.089   -5.299  1.387   1.00 12.59 ? 2903 LYS A C   1 
ATOM   1004 O O   . LYS A 1 163 ? 8.918   -5.169  2.601   1.00 12.93 ? 2903 LYS A O   1 
ATOM   1005 C CB  . LYS A 1 163 ? 11.178  -6.623  1.173   1.00 17.00 ? 2903 LYS A CB  1 
ATOM   1006 C CG  . LYS A 1 163 ? 12.418  -6.939  0.366   1.00 18.84 ? 2903 LYS A CG  1 
ATOM   1007 C CD  . LYS A 1 163 ? 13.096  -8.172  0.950   1.00 19.66 ? 2903 LYS A CD  1 
ATOM   1008 C CE  . LYS A 1 163 ? 14.464  -8.384  0.307   1.00 27.53 ? 2903 LYS A CE  1 
ATOM   1009 N NZ  . LYS A 1 163 ? 14.942  -9.790  0.424   1.00 29.68 ? 2903 LYS A NZ  1 
ATOM   1010 N N   . ILE A 1 164 ? 8.096   -5.449  0.523   1.00 11.68 ? 2904 ILE A N   1 
ATOM   1011 C CA  . ILE A 1 164 ? 6.707   -5.581  0.939   1.00 12.18 ? 2904 ILE A CA  1 
ATOM   1012 C C   . ILE A 1 164 ? 6.160   -6.838  0.275   1.00 12.17 ? 2904 ILE A C   1 
ATOM   1013 O O   . ILE A 1 164 ? 6.264   -6.991  -0.944  1.00 12.79 ? 2904 ILE A O   1 
ATOM   1014 C CB  . ILE A 1 164 ? 5.883   -4.332  0.581   1.00 11.60 ? 2904 ILE A CB  1 
ATOM   1015 C CG1 . ILE A 1 164 ? 6.436   -3.113  1.360   1.00 13.66 ? 2904 ILE A CG1 1 
ATOM   1016 C CG2 . ILE A 1 164 ? 4.404   -4.566  0.889   1.00 11.14 ? 2904 ILE A CG2 1 
ATOM   1017 C CD1 . ILE A 1 164 ? 5.831   -1.756  0.941   1.00 16.72 ? 2904 ILE A CD1 1 
ATOM   1018 N N   . HIS A 1 165 ? 5.613   -7.748  1.077   1.00 12.04 ? 2905 HIS A N   1 
ATOM   1019 C CA  . HIS A 1 165 ? 5.234   -9.073  0.615   1.00 12.94 ? 2905 HIS A CA  1 
ATOM   1020 C C   . HIS A 1 165 ? 3.798   -9.152  0.141   1.00 14.24 ? 2905 HIS A C   1 
ATOM   1021 O O   . HIS A 1 165 ? 3.343   -10.228 -0.249  1.00 18.86 ? 2905 HIS A O   1 
ATOM   1022 C CB  . HIS A 1 165 ? 5.503   -10.093 1.731   1.00 14.27 ? 2905 HIS A CB  1 
ATOM   1023 C CG  . HIS A 1 165 ? 6.957   -10.206 2.068   1.00 18.57 ? 2905 HIS A CG  1 
ATOM   1024 N ND1 . HIS A 1 165 ? 7.799   -11.094 1.430   1.00 19.98 ? 2905 HIS A ND1 1 
ATOM   1025 C CD2 . HIS A 1 165 ? 7.744   -9.447  2.865   1.00 15.88 ? 2905 HIS A CD2 1 
ATOM   1026 C CE1 . HIS A 1 165 ? 9.032   -10.926 1.875   1.00 22.00 ? 2905 HIS A CE1 1 
ATOM   1027 N NE2 . HIS A 1 165 ? 9.027   -9.928  2.741   1.00 19.61 ? 2905 HIS A NE2 1 
ATOM   1028 N N   . GLY A 1 166 ? 3.087   -8.050  0.132   1.00 13.06 ? 2906 GLY A N   1 
ATOM   1029 C CA  . GLY A 1 166 ? 1.762   -8.064  -0.436  1.00 16.20 ? 2906 GLY A CA  1 
ATOM   1030 C C   . GLY A 1 166 ? 0.930   -6.952  0.134   1.00 14.91 ? 2906 GLY A C   1 
ATOM   1031 O O   . GLY A 1 166 ? 1.225   -6.407  1.198   1.00 13.03 ? 2906 GLY A O   1 
ATOM   1032 N N   . LEU A 1 167 ? -0.102  -6.603  -0.622  1.00 14.03 ? 2907 LEU A N   1 
ATOM   1033 C CA  . LEU A 1 167 ? -1.141  -5.677  -0.199  1.00 15.17 ? 2907 LEU A CA  1 
ATOM   1034 C C   . LEU A 1 167 ? -2.439  -6.455  -0.081  1.00 19.49 ? 2907 LEU A C   1 
ATOM   1035 O O   . LEU A 1 167 ? -2.699  -7.367  -0.870  1.00 20.70 ? 2907 LEU A O   1 
ATOM   1036 C CB  . LEU A 1 167 ? -1.307  -4.543  -1.206  1.00 14.99 ? 2907 LEU A CB  1 
ATOM   1037 C CG  . LEU A 1 167 ? -0.096  -3.643  -1.456  1.00 17.16 ? 2907 LEU A CG  1 
ATOM   1038 C CD1 . LEU A 1 167 ? -0.466  -2.577  -2.493  1.00 17.37 ? 2907 LEU A CD1 1 
ATOM   1039 C CD2 . LEU A 1 167 ? 0.365   -2.994  -0.148  1.00 14.82 ? 2907 LEU A CD2 1 
ATOM   1040 N N   . ILE A 1 168 ? -3.236  -6.120  0.920   1.00 14.47 ? 2908 ILE A N   1 
ATOM   1041 C CA  . ILE A 1 168 ? -4.580  -6.660  1.068   1.00 19.29 ? 2908 ILE A CA  1 
ATOM   1042 C C   . ILE A 1 168 ? -5.567  -5.523  0.897   1.00 17.15 ? 2908 ILE A C   1 
ATOM   1043 O O   . ILE A 1 168 ? -5.493  -4.517  1.614   1.00 14.76 ? 2908 ILE A O   1 
ATOM   1044 C CB  . ILE A 1 168 ? -4.777  -7.368  2.416   1.00 18.79 ? 2908 ILE A CB  1 
ATOM   1045 C CG1 . ILE A 1 168 ? -3.664  -8.414  2.635   1.00 19.48 ? 2908 ILE A CG1 1 
ATOM   1046 C CG2 . ILE A 1 168 ? -6.223  -7.892  2.564   1.00 19.16 ? 2908 ILE A CG2 1 
ATOM   1047 C CD1 . ILE A 1 168 ? -3.412  -8.720  4.094   1.00 29.30 ? 2908 ILE A CD1 1 
ATOM   1048 N N   . LEU A 1 169 ? -6.492  -5.684  -0.044  1.00 14.70 ? 2909 LEU A N   1 
ATOM   1049 C CA  . LEU A 1 169 ? -7.503  -4.671  -0.307  1.00 18.38 ? 2909 LEU A CA  1 
ATOM   1050 C C   . LEU A 1 169 ? -8.876  -5.329  -0.308  1.00 17.37 ? 2909 LEU A C   1 
ATOM   1051 O O   . LEU A 1 169 ? -9.100  -6.296  -1.043  1.00 15.17 ? 2909 LEU A O   1 
ATOM   1052 C CB  . LEU A 1 169 ? -7.233  -3.966  -1.637  1.00 13.91 ? 2909 LEU A CB  1 
ATOM   1053 C CG  . LEU A 1 169 ? -8.274  -2.935  -2.071  1.00 16.58 ? 2909 LEU A CG  1 
ATOM   1054 C CD1 . LEU A 1 169 ? -8.417  -1.812  -1.050  1.00 12.86 ? 2909 LEU A CD1 1 
ATOM   1055 C CD2 . LEU A 1 169 ? -7.917  -2.386  -3.449  1.00 18.13 ? 2909 LEU A CD2 1 
ATOM   1056 N N   . LEU A 1 170 ? -9.764  -4.825  0.543   1.00 15.91 ? 2910 LEU A N   1 
ATOM   1057 C CA  . LEU A 1 170 ? -11.198 -5.087  0.512   1.00 18.70 ? 2910 LEU A CA  1 
ATOM   1058 C C   . LEU A 1 170 ? -11.925 -3.776  0.241   1.00 19.99 ? 2910 LEU A C   1 
ATOM   1059 O O   . LEU A 1 170 ? -11.586 -2.743  0.829   1.00 18.90 ? 2910 LEU A O   1 
ATOM   1060 C CB  . LEU A 1 170 ? -11.694 -5.657  1.837   1.00 19.39 ? 2910 LEU A CB  1 
ATOM   1061 C CG  . LEU A 1 170 ? -11.101 -7.004  2.227   1.00 23.04 ? 2910 LEU A CG  1 
ATOM   1062 C CD1 . LEU A 1 170 ? -11.700 -7.462  3.536   1.00 21.09 ? 2910 LEU A CD1 1 
ATOM   1063 C CD2 . LEU A 1 170 ? -11.346 -8.005  1.106   1.00 21.69 ? 2910 LEU A CD2 1 
ATOM   1064 N N   . GLY A 1 171 ? -12.920 -3.817  -0.648  1.00 20.46 ? 2911 GLY A N   1 
ATOM   1065 C CA  . GLY A 1 171 ? -13.681 -2.621  -0.970  1.00 20.05 ? 2911 GLY A CA  1 
ATOM   1066 C C   . GLY A 1 171 ? -15.149 -2.704  -0.598  1.00 25.80 ? 2911 GLY A C   1 
ATOM   1067 O O   . GLY A 1 171 ? -15.674 -3.798  -0.368  1.00 24.44 ? 2911 GLY A O   1 
ATOM   1068 N N   . ARG A 1 172 ? -15.808 -1.549  -0.495  1.00 25.54 ? 2912 ARG A N   1 
ATOM   1069 C CA  . ARG A 1 172 ? -17.258 -1.443  -0.340  1.00 23.44 ? 2912 ARG A CA  1 
ATOM   1070 C C   . ARG A 1 172 ? -17.823 -0.675  -1.524  1.00 24.38 ? 2912 ARG A C   1 
ATOM   1071 O O   . ARG A 1 172 ? -17.351 0.429   -1.829  1.00 20.47 ? 2912 ARG A O   1 
ATOM   1072 C CB  . ARG A 1 172 ? -17.657 -0.727  0.962   1.00 28.63 ? 2912 ARG A CB  1 
ATOM   1073 C CG  . ARG A 1 172 ? -18.970 -1.240  1.577   1.00 28.93 ? 2912 ARG A CG  1 
ATOM   1074 C CD  . ARG A 1 172 ? -19.401 -0.422  2.793   1.00 32.00 ? 2912 ARG A CD  1 
ATOM   1075 N NE  . ARG A 1 172 ? -19.019 -1.033  4.065   1.00 35.16 ? 2912 ARG A NE  1 
ATOM   1076 C CZ  . ARG A 1 172 ? -19.405 -2.234  4.479   1.00 40.16 ? 2912 ARG A CZ  1 
ATOM   1077 N NH1 . ARG A 1 172 ? -20.189 -3.005  3.739   1.00 41.74 ? 2912 ARG A NH1 1 
ATOM   1078 N NH2 . ARG A 1 172 ? -19.000 -2.671  5.668   1.00 42.26 ? 2912 ARG A NH2 1 
ATOM   1079 N N   . ILE A 1 173 ? -18.823 -1.256  -2.192  1.00 20.42 ? 2913 ILE A N   1 
ATOM   1080 C CA  . ILE A 1 173 ? -19.441 -0.580  -3.320  1.00 23.93 ? 2913 ILE A CA  1 
ATOM   1081 C C   . ILE A 1 173 ? -20.296 0.576   -2.802  1.00 20.99 ? 2913 ILE A C   1 
ATOM   1082 O O   . ILE A 1 173 ? -20.901 0.502   -1.726  1.00 23.72 ? 2913 ILE A O   1 
ATOM   1083 C CB  . ILE A 1 173 ? -20.290 -1.556  -4.160  1.00 30.28 ? 2913 ILE A CB  1 
ATOM   1084 C CG1 . ILE A 1 173 ? -19.427 -2.438  -5.066  1.00 33.26 ? 2913 ILE A CG1 1 
ATOM   1085 C CG2 . ILE A 1 173 ? -21.208 -0.785  -5.080  1.00 30.26 ? 2913 ILE A CG2 1 
ATOM   1086 C CD1 . ILE A 1 173 ? -18.402 -1.672  -5.899  1.00 34.12 ? 2913 ILE A CD1 1 
ATOM   1087 N N   . ARG A 1 174 ? -20.343 1.657   -3.569  1.00 21.23 ? 2914 ARG A N   1 
ATOM   1088 C CA  . ARG A 1 174 ? -21.272 2.750   -3.280  1.00 25.71 ? 2914 ARG A CA  1 
ATOM   1089 C C   . ARG A 1 174 ? -22.141 3.044   -4.506  1.00 29.41 ? 2914 ARG A C   1 
ATOM   1090 O O   . ARG A 1 174 ? -21.755 2.729   -5.637  1.00 26.84 ? 2914 ARG A O   1 
ATOM   1091 C CB  . ARG A 1 174 ? -20.527 4.022   -2.839  1.00 22.42 ? 2914 ARG A CB  1 
ATOM   1092 C CG  . ARG A 1 174 ? -19.640 4.641   -3.906  1.00 19.93 ? 2914 ARG A CG  1 
ATOM   1093 C CD  . ARG A 1 174 ? -19.030 5.967   -3.433  1.00 17.32 ? 2914 ARG A CD  1 
ATOM   1094 N NE  . ARG A 1 174 ? -18.279 6.629   -4.498  1.00 19.17 ? 2914 ARG A NE  1 
ATOM   1095 C CZ  . ARG A 1 174 ? -17.946 7.912   -4.506  1.00 17.27 ? 2914 ARG A CZ  1 
ATOM   1096 N NH1 . ARG A 1 174 ? -18.261 8.717   -3.501  1.00 13.67 ? 2914 ARG A NH1 1 
ATOM   1097 N NH2 . ARG A 1 174 ? -17.264 8.396   -5.541  1.00 15.87 ? 2914 ARG A NH2 1 
HETATM 1098 C C1  . PEG B 2 .   ? 3.341   12.056  -2.101  1.00 32.19 ? 3001 PEG A C1  1 
HETATM 1099 O O1  . PEG B 2 .   ? 3.567   12.216  -3.499  1.00 40.59 ? 3001 PEG A O1  1 
HETATM 1100 C C2  . PEG B 2 .   ? 2.761   13.294  -1.484  1.00 35.27 ? 3001 PEG A C2  1 
HETATM 1101 O O2  . PEG B 2 .   ? 1.775   12.921  -0.535  1.00 33.79 ? 3001 PEG A O2  1 
HETATM 1102 C C3  . PEG B 2 .   ? 1.914   13.602  0.705   1.00 37.23 ? 3001 PEG A C3  1 
HETATM 1103 C C4  . PEG B 2 .   ? 0.701   13.350  1.546   1.00 28.30 ? 3001 PEG A C4  1 
HETATM 1104 O O4  . PEG B 2 .   ? 1.039   13.100  2.904   1.00 41.80 ? 3001 PEG A O4  1 
HETATM 1105 H H11 . PEG B 2 .   ? 4.185   11.856  -1.668  1.00 38.66 ? 3001 PEG A H11 1 
HETATM 1106 H H12 . PEG B 2 .   ? 2.725   11.319  -1.965  1.00 38.66 ? 3001 PEG A H12 1 
HETATM 1107 H HO1 . PEG B 2 .   ? 4.326   12.548  -3.695  1.00 48.74 ? 3001 PEG A HO1 1 
HETATM 1108 H H21 . PEG B 2 .   ? 3.462   13.796  -1.042  1.00 42.35 ? 3001 PEG A H21 1 
HETATM 1109 H H22 . PEG B 2 .   ? 2.356   13.841  -2.174  1.00 42.35 ? 3001 PEG A H22 1 
HETATM 1110 H H31 . PEG B 2 .   ? 2.004   14.554  0.543   1.00 44.70 ? 3001 PEG A H31 1 
HETATM 1111 H H32 . PEG B 2 .   ? 2.702   13.276  1.167   1.00 44.70 ? 3001 PEG A H32 1 
HETATM 1112 H H41 . PEG B 2 .   ? 0.124   14.129  1.506   1.00 33.99 ? 3001 PEG A H41 1 
HETATM 1113 H H42 . PEG B 2 .   ? 0.229   12.580  1.194   1.00 33.99 ? 3001 PEG A H42 1 
HETATM 1114 H HO4 . PEG B 2 .   ? 1.871   12.998  3.042   1.00 50.19 ? 3001 PEG A HO4 1 
HETATM 1115 O O   . HOH C 3 .   ? -16.644 1.760   -10.912 1.00 31.61 ? 3101 HOH A O   1 
HETATM 1116 O O   . HOH C 3 .   ? -3.800  9.067   -13.051 1.00 37.08 ? 3102 HOH A O   1 
HETATM 1117 O O   . HOH C 3 .   ? 3.434   11.754  9.067   1.00 34.20 ? 3103 HOH A O   1 
HETATM 1118 O O   . HOH C 3 .   ? 9.424   -13.867 9.729   1.00 37.39 ? 3104 HOH A O   1 
HETATM 1119 O O   . HOH C 3 .   ? 19.417  -5.935  5.950   1.00 25.54 ? 3105 HOH A O   1 
HETATM 1120 O O   . HOH C 3 .   ? 0.631   -16.327 -6.964  1.00 17.65 ? 3106 HOH A O   1 
HETATM 1121 O O   . HOH C 3 .   ? -4.212  5.449   -13.172 1.00 24.96 ? 3107 HOH A O   1 
HETATM 1122 O O   . HOH C 3 .   ? 7.035   -17.087 -7.490  1.00 23.30 ? 3108 HOH A O   1 
HETATM 1123 O O   . HOH C 3 .   ? 10.256  6.755   -9.251  1.00 25.81 ? 3109 HOH A O   1 
HETATM 1124 O O   . HOH C 3 .   ? 19.257  -4.059  -2.111  1.00 26.29 ? 3110 HOH A O   1 
HETATM 1125 O O   . HOH C 3 .   ? -0.218  15.110  -4.059  1.00 25.75 ? 3111 HOH A O   1 
HETATM 1126 O O   . HOH C 3 .   ? 1.741   9.090   1.291   1.00 17.21 ? 3112 HOH A O   1 
HETATM 1127 O O   . HOH C 3 .   ? 5.017   -11.774 6.810   1.00 20.35 ? 3113 HOH A O   1 
HETATM 1128 O O   . HOH C 3 .   ? 7.542   -5.700  18.047  1.00 39.45 ? 3114 HOH A O   1 
HETATM 1129 O O   . HOH C 3 .   ? -1.852  0.563   11.568  1.00 30.27 ? 3115 HOH A O   1 
HETATM 1130 O O   . HOH C 3 .   ? -6.451  12.199  -12.145 1.00 28.14 ? 3116 HOH A O   1 
HETATM 1131 O O   . HOH C 3 .   ? 18.638  1.668   -3.839  1.00 21.40 ? 3117 HOH A O   1 
HETATM 1132 O O   . HOH C 3 .   ? 10.568  -15.350 6.440   1.00 36.89 ? 3118 HOH A O   1 
HETATM 1133 O O   . HOH C 3 .   ? 18.363  -7.956  -2.884  1.00 38.64 ? 3119 HOH A O   1 
HETATM 1134 O O   . HOH C 3 .   ? 3.710   -7.525  16.192  1.00 39.95 ? 3120 HOH A O   1 
HETATM 1135 O O   . HOH C 3 .   ? -7.952  13.845  -11.003 1.00 30.70 ? 3121 HOH A O   1 
HETATM 1136 O O   . HOH C 3 .   ? -26.023 -3.844  0.174   1.00 41.82 ? 3122 HOH A O   1 
HETATM 1137 O O   . HOH C 3 .   ? -8.400  -7.422  -3.476  1.00 24.85 ? 3123 HOH A O   1 
HETATM 1138 O O   . HOH C 3 .   ? -1.638  3.933   -9.843  1.00 17.81 ? 3124 HOH A O   1 
HETATM 1139 O O   . HOH C 3 .   ? 16.901  9.696   0.323   1.00 26.55 ? 3125 HOH A O   1 
HETATM 1140 O O   . HOH C 3 .   ? 11.837  3.492   -4.828  1.00 12.73 ? 3126 HOH A O   1 
HETATM 1141 O O   . HOH C 3 .   ? 19.323  -1.604  -1.376  1.00 19.26 ? 3127 HOH A O   1 
HETATM 1142 O O   . HOH C 3 .   ? 7.880   -13.607 3.939   1.00 30.34 ? 3128 HOH A O   1 
HETATM 1143 O O   . HOH C 3 .   ? -9.851  11.927  -0.922  1.00 27.64 ? 3129 HOH A O   1 
HETATM 1144 O O   . HOH C 3 .   ? 8.424   4.222   13.355  1.00 36.69 ? 3130 HOH A O   1 
HETATM 1145 O O   . HOH C 3 .   ? -6.717  12.959  6.510   1.00 36.03 ? 3131 HOH A O   1 
HETATM 1146 O O   . HOH C 3 .   ? 5.091   -10.608 -2.547  1.00 17.83 ? 3132 HOH A O   1 
HETATM 1147 O O   . HOH C 3 .   ? 4.699   -14.311 0.311   1.00 24.06 ? 3133 HOH A O   1 
HETATM 1148 O O   . HOH C 3 .   ? 5.012   -7.296  -12.289 1.00 18.71 ? 3134 HOH A O   1 
HETATM 1149 O O   . HOH C 3 .   ? 11.263  -12.603 3.907   1.00 34.14 ? 3135 HOH A O   1 
HETATM 1150 O O   . HOH C 3 .   ? 8.613   -10.234 -9.663  1.00 27.81 ? 3136 HOH A O   1 
HETATM 1151 O O   . HOH C 3 .   ? 9.101   -6.682  4.835   1.00 15.97 ? 3137 HOH A O   1 
HETATM 1152 O O   . HOH C 3 .   ? -13.931 12.162  -1.466  1.00 21.10 ? 3138 HOH A O   1 
HETATM 1153 O O   . HOH C 3 .   ? -21.373 2.145   0.396   1.00 23.43 ? 3139 HOH A O   1 
HETATM 1154 O O   . HOH C 3 .   ? 15.323  0.616   13.271  1.00 31.70 ? 3140 HOH A O   1 
HETATM 1155 O O   . HOH C 3 .   ? 4.526   -2.496  -13.500 1.00 39.65 ? 3141 HOH A O   1 
HETATM 1156 O O   . HOH C 3 .   ? 11.484  10.691  3.146   1.00 36.34 ? 3142 HOH A O   1 
HETATM 1157 O O   . HOH C 3 .   ? -1.343  15.993  4.134   1.00 27.29 ? 3143 HOH A O   1 
HETATM 1158 O O   . HOH C 3 .   ? -16.542 -0.146  4.831   1.00 30.26 ? 3144 HOH A O   1 
HETATM 1159 O O   . HOH C 3 .   ? -15.666 -2.773  10.075  1.00 35.76 ? 3145 HOH A O   1 
HETATM 1160 O O   . HOH C 3 .   ? 17.033  -3.497  -4.204  1.00 25.27 ? 3146 HOH A O   1 
HETATM 1161 O O   . HOH C 3 .   ? -3.623  12.805  -11.005 1.00 23.90 ? 3147 HOH A O   1 
HETATM 1162 O O   . HOH C 3 .   ? 15.206  3.829   6.115   1.00 19.15 ? 3148 HOH A O   1 
HETATM 1163 O O   . HOH C 3 .   ? -6.706  -2.091  7.700   1.00 22.25 ? 3149 HOH A O   1 
HETATM 1164 O O   . HOH C 3 .   ? -1.722  10.539  10.540  1.00 39.97 ? 3150 HOH A O   1 
HETATM 1165 O O   . HOH C 3 .   ? -7.604  -0.800  -15.480 1.00 29.66 ? 3151 HOH A O   1 
HETATM 1166 O O   . HOH C 3 .   ? 13.718  0.284   -10.718 1.00 20.25 ? 3152 HOH A O   1 
HETATM 1167 O O   . HOH C 3 .   ? 1.346   -7.854  12.542  1.00 28.11 ? 3153 HOH A O   1 
HETATM 1168 O O   . HOH C 3 .   ? 8.096   4.526   -11.413 1.00 30.17 ? 3154 HOH A O   1 
HETATM 1169 O O   . HOH C 3 .   ? -8.340  15.475  -3.064  1.00 18.57 ? 3155 HOH A O   1 
HETATM 1170 O O   . HOH C 3 .   ? 5.315   -8.126  -3.322  1.00 11.20 ? 3156 HOH A O   1 
HETATM 1171 O O   . HOH C 3 .   ? -0.340  -10.302 -9.648  1.00 14.03 ? 3157 HOH A O   1 
HETATM 1172 O O   . HOH C 3 .   ? -23.135 3.849   -7.802  1.00 39.01 ? 3158 HOH A O   1 
HETATM 1173 O O   . HOH C 3 .   ? -12.175 5.018   0.103   1.00 13.98 ? 3159 HOH A O   1 
HETATM 1174 O O   . HOH C 3 .   ? -8.393  4.342   8.118   1.00 23.59 ? 3160 HOH A O   1 
HETATM 1175 O O   . HOH C 3 .   ? -15.633 1.663   3.446   1.00 29.13 ? 3161 HOH A O   1 
HETATM 1176 O O   . HOH C 3 .   ? 14.699  -5.991  -6.768  1.00 36.77 ? 3162 HOH A O   1 
HETATM 1177 O O   . HOH C 3 .   ? 14.854  -3.234  -9.555  1.00 26.46 ? 3163 HOH A O   1 
HETATM 1178 O O   . HOH C 3 .   ? -1.594  -9.879  -1.546  1.00 25.56 ? 3164 HOH A O   1 
HETATM 1179 O O   . HOH C 3 .   ? -1.662  -1.100  -13.180 1.00 20.82 ? 3165 HOH A O   1 
HETATM 1180 O O   . HOH C 3 .   ? -11.582 4.920   -2.653  1.00 11.40 ? 3166 HOH A O   1 
HETATM 1181 O O   . HOH C 3 .   ? -10.907 6.153   -11.098 1.00 19.62 ? 3167 HOH A O   1 
HETATM 1182 O O   . HOH C 3 .   ? 8.419   -16.726 -9.634  1.00 27.12 ? 3168 HOH A O   1 
HETATM 1183 O O   . HOH C 3 .   ? 17.507  -9.270  -0.662  1.00 35.70 ? 3169 HOH A O   1 
HETATM 1184 O O   . HOH C 3 .   ? 4.727   1.752   -12.056 1.00 22.17 ? 3170 HOH A O   1 
HETATM 1185 O O   . HOH C 3 .   ? -21.698 0.789   -9.222  1.00 36.29 ? 3171 HOH A O   1 
HETATM 1186 O O   . HOH C 3 .   ? -15.462 4.634   9.741   1.00 38.73 ? 3172 HOH A O   1 
HETATM 1187 O O   . HOH C 3 .   ? -9.284  -6.118  9.717   1.00 39.94 ? 3173 HOH A O   1 
HETATM 1188 O O   . HOH C 3 .   ? 7.141   -11.705 14.267  1.00 34.75 ? 3174 HOH A O   1 
HETATM 1189 O O   . HOH C 3 .   ? 1.653   -11.993 1.242   1.00 31.85 ? 3175 HOH A O   1 
HETATM 1190 O O   . HOH C 3 .   ? -6.473  0.578   9.495   1.00 30.44 ? 3176 HOH A O   1 
HETATM 1191 O O   . HOH C 3 .   ? 13.842  3.485   2.930   1.00 21.92 ? 3177 HOH A O   1 
HETATM 1192 O O   . HOH C 3 .   ? 11.760  -3.234  -12.744 1.00 27.32 ? 3178 HOH A O   1 
HETATM 1193 O O   . HOH C 3 .   ? 21.884  2.673   6.197   1.00 33.25 ? 3179 HOH A O   1 
HETATM 1194 O O   . HOH C 3 .   ? 1.439   3.702   14.350  1.00 31.84 ? 3180 HOH A O   1 
HETATM 1195 O O   . HOH C 3 .   ? 12.644  -9.688  -3.354  1.00 20.97 ? 3181 HOH A O   1 
HETATM 1196 O O   . HOH C 3 .   ? -3.978  15.429  6.700   1.00 38.30 ? 3182 HOH A O   1 
HETATM 1197 O O   . HOH C 3 .   ? 5.431   -17.601 -3.887  1.00 24.70 ? 3183 HOH A O   1 
HETATM 1198 O O   . HOH C 3 .   ? 8.310   7.628   0.804   1.00 20.83 ? 3184 HOH A O   1 
HETATM 1199 O O   . HOH C 3 .   ? -3.569  -0.358  -15.076 1.00 28.17 ? 3185 HOH A O   1 
HETATM 1200 O O   . HOH C 3 .   ? 10.383  -9.744  -7.380  1.00 23.46 ? 3186 HOH A O   1 
HETATM 1201 O O   . HOH C 3 .   ? 16.834  -13.180 8.398   1.00 43.37 ? 3187 HOH A O   1 
HETATM 1202 O O   . HOH C 3 .   ? 1.172   -2.436  -12.723 1.00 34.78 ? 3188 HOH A O   1 
HETATM 1203 O O   . HOH C 3 .   ? -19.870 9.259   3.882   1.00 27.91 ? 3189 HOH A O   1 
HETATM 1204 O O   . HOH C 3 .   ? 11.343  7.791   -5.435  1.00 28.29 ? 3190 HOH A O   1 
HETATM 1205 O O   . HOH C 3 .   ? 1.752   2.315   -15.590 1.00 43.25 ? 3191 HOH A O   1 
HETATM 1206 O O   . HOH C 3 .   ? 12.554  4.397   -10.732 1.00 34.53 ? 3192 HOH A O   1 
HETATM 1207 O O   . HOH C 3 .   ? -7.800  8.880   8.155   1.00 33.91 ? 3193 HOH A O   1 
HETATM 1208 O O   . HOH C 3 .   ? 11.866  -0.197  -12.414 1.00 23.14 ? 3194 HOH A O   1 
HETATM 1209 O O   . HOH C 3 .   ? -11.130 -5.755  11.338  1.00 49.54 ? 3195 HOH A O   1 
HETATM 1210 O O   . HOH C 3 .   ? -8.392  18.361  -8.138  1.00 35.17 ? 3196 HOH A O   1 
HETATM 1211 O O   . HOH C 3 .   ? 19.515  6.456   -0.672  1.00 27.18 ? 3197 HOH A O   1 
HETATM 1212 O O   . HOH C 3 .   ? -12.696 8.500   -10.366 1.00 25.70 ? 3198 HOH A O   1 
HETATM 1213 O O   . HOH C 3 .   ? -9.851  19.499  -5.130  1.00 35.12 ? 3199 HOH A O   1 
HETATM 1214 O O   . HOH C 3 .   ? -6.156  -8.144  -1.646  1.00 25.77 ? 3200 HOH A O   1 
HETATM 1215 O O   . HOH C 3 .   ? -8.183  -10.425 -6.195  1.00 36.12 ? 3201 HOH A O   1 
HETATM 1216 O O   . HOH C 3 .   ? -10.662 8.113   4.821   1.00 30.84 ? 3202 HOH A O   1 
HETATM 1217 O O   . HOH C 3 .   ? -10.809 11.377  -4.334  1.00 20.03 ? 3203 HOH A O   1 
HETATM 1218 O O   . HOH C 3 .   ? -15.095 -8.788  -5.477  1.00 31.21 ? 3204 HOH A O   1 
HETATM 1219 O O   . HOH C 3 .   ? 7.870   9.878   -0.573  1.00 31.67 ? 3205 HOH A O   1 
HETATM 1220 O O   . HOH C 3 .   ? -1.987  8.664   11.886  1.00 30.04 ? 3206 HOH A O   1 
HETATM 1221 O O   . HOH C 3 .   ? -11.939 5.909   -13.369 1.00 28.18 ? 3207 HOH A O   1 
HETATM 1222 O O   . HOH C 3 .   ? 1.036   7.854   14.229  1.00 42.96 ? 3208 HOH A O   1 
HETATM 1223 O O   . HOH C 3 .   ? -18.298 10.284  5.509   1.00 31.83 ? 3209 HOH A O   1 
HETATM 1224 O O   . HOH C 3 .   ? 13.492  -6.348  10.585  1.00 31.70 ? 3210 HOH A O   1 
HETATM 1225 O O   . HOH C 3 .   ? 15.528  -9.832  3.372   1.00 32.25 ? 3211 HOH A O   1 
HETATM 1226 O O   . HOH C 3 .   ? -6.852  8.177   -14.801 1.00 36.84 ? 3212 HOH A O   1 
HETATM 1227 O O   . HOH C 3 .   ? 0.651   -16.367 -4.135  1.00 29.38 ? 3213 HOH A O   1 
HETATM 1228 O O   . HOH C 3 .   ? 13.151  -11.430 -1.407  1.00 33.51 ? 3214 HOH A O   1 
HETATM 1229 O O   . HOH C 3 .   ? 12.668  -6.644  12.679  1.00 37.62 ? 3215 HOH A O   1 
HETATM 1230 O O   . HOH C 3 .   ? -2.902  -11.605 6.692   1.00 41.00 ? 3216 HOH A O   1 
HETATM 1231 O O   . HOH C 3 .   ? -8.663  -2.887  -13.674 1.00 37.62 ? 3217 HOH A O   1 
HETATM 1232 O O   . HOH C 3 .   ? -12.955 15.364  -5.431  1.00 32.08 ? 3218 HOH A O   1 
HETATM 1233 O O   . HOH C 3 .   ? -10.420 11.159  4.584   1.00 30.10 ? 3219 HOH A O   1 
HETATM 1234 O O   . HOH C 3 .   ? -0.933  3.513   -14.828 1.00 28.05 ? 3220 HOH A O   1 
HETATM 1235 O O   . HOH C 3 .   ? 5.835   10.233  -1.384  1.00 32.88 ? 3221 HOH A O   1 
HETATM 1236 O O   . HOH C 3 .   ? 0.917   0.104   -14.389 1.00 38.67 ? 3222 HOH A O   1 
HETATM 1237 O O   . HOH C 3 .   ? -11.319 12.841  -9.396  1.00 31.37 ? 3223 HOH A O   1 
HETATM 1238 O O   . HOH C 3 .   ? 12.948  -4.788  -11.475 1.00 33.95 ? 3224 HOH A O   1 
HETATM 1239 O O   . HOH C 3 .   ? 16.165  6.200   7.285   1.00 37.35 ? 3225 HOH A O   1 
HETATM 1240 O O   . HOH C 3 .   ? 11.794  -12.373 1.588   1.00 40.14 ? 3226 HOH A O   1 
HETATM 1241 O O   . HOH C 3 .   ? -13.136 11.661  -13.512 1.00 38.51 ? 3227 HOH A O   1 
HETATM 1242 O O   . HOH C 3 .   ? 21.922  7.756   3.420   1.00 45.94 ? 3228 HOH A O   1 
HETATM 1243 O O   . HOH C 3 .   ? 12.872  5.990   -5.684  1.00 23.08 ? 3229 HOH A O   1 
HETATM 1244 O O   . HOH C 3 .   ? 20.936  6.410   1.550   1.00 39.87 ? 3230 HOH A O   1 
HETATM 1245 O O   . HOH C 3 .   ? 0.508   -15.146 0.151   1.00 39.94 ? 3231 HOH A O   1 
HETATM 1246 O O   . HOH C 3 .   ? 18.387  7.608   7.756   1.00 39.02 ? 3232 HOH A O   1 
HETATM 1247 O O   . HOH C 3 .   ? 5.897   -4.407  20.042  1.00 47.40 ? 3233 HOH A O   1 
HETATM 1248 O O   . HOH C 3 .   ? -2.226  10.643  -12.607 1.00 33.36 ? 3234 HOH A O   1 
HETATM 1249 O O   . HOH C 3 .   ? 3.442   6.265   -11.816 1.00 37.30 ? 3235 HOH A O   1 
HETATM 1250 O O   . HOH C 3 .   ? 13.577  9.999   11.992  1.00 37.74 ? 3236 HOH A O   1 
HETATM 1251 O O   . HOH C 3 .   ? 4.147   11.124  2.011   1.00 29.56 ? 3237 HOH A O   1 
HETATM 1252 O O   . HOH C 3 .   ? 8.399   -15.359 2.730   1.00 37.46 ? 3238 HOH A O   1 
HETATM 1253 O O   . HOH C 3 .   ? 11.000  3.639   -12.402 1.00 36.13 ? 3239 HOH A O   1 
HETATM 1254 O O   . HOH C 3 .   ? 2.530   15.772  -4.227  1.00 33.20 ? 3240 HOH A O   1 
HETATM 1255 O O   . HOH C 3 .   ? 0.918   7.295   -13.138 1.00 41.91 ? 3241 HOH A O   1 
HETATM 1256 O O   . HOH C 3 .   ? 1.972   7.185   -10.313 1.00 26.19 ? 3242 HOH A O   1 
HETATM 1257 O O   . HOH C 3 .   ? -1.012  6.679   -9.869  1.00 25.98 ? 3243 HOH A O   1 
HETATM 1258 O O   . HOH C 3 .   ? -4.912  4.519   -15.497 1.00 36.37 ? 3244 HOH A O   1 
HETATM 1259 O O   . HOH C 3 .   ? 11.343  -16.148 -9.978  1.00 45.41 ? 3245 HOH A O   1 
HETATM 1260 O O   . HOH C 3 .   ? 20.900  4.288   -2.950  1.00 37.75 ? 3246 HOH A O   1 
HETATM 1261 O O   . HOH C 3 .   ? -8.084  -3.579  10.561  1.00 38.90 ? 3247 HOH A O   1 
HETATM 1262 O O   . HOH C 3 .   ? -12.731 3.511   -16.315 1.00 44.77 ? 3248 HOH A O   1 
HETATM 1263 O O   . HOH C 3 .   ? 2.922   13.245  -8.461  1.00 32.26 ? 3249 HOH A O   1 
HETATM 1264 O O   . HOH C 3 .   ? -3.526  16.426  -12.009 1.00 35.72 ? 3250 HOH A O   1 
HETATM 1265 O O   . HOH C 3 .   ? -8.338  11.155  7.458   1.00 39.99 ? 3251 HOH A O   1 
HETATM 1266 O O   . HOH C 3 .   ? -5.921  -10.821 -5.610  1.00 40.22 ? 3252 HOH A O   1 
HETATM 1267 O O   . HOH C 3 .   ? -25.236 4.485   -6.390  1.00 37.76 ? 3253 HOH A O   1 
HETATM 1268 O O   . HOH C 3 .   ? 5.465   -12.461 4.377   1.00 22.84 ? 3254 HOH A O   1 
HETATM 1269 O O   . HOH C 3 .   ? 6.307   3.458   -13.371 1.00 30.29 ? 3255 HOH A O   1 
HETATM 1270 O O   . HOH C 3 .   ? 4.775   -16.838 0.095   1.00 40.30 ? 3256 HOH A O   1 
HETATM 1271 O O   . HOH C 3 .   ? -20.178 5.759   3.085   1.00 25.40 ? 3257 HOH A O   1 
HETATM 1272 O O   . HOH C 3 .   ? -1.242  -11.583 -0.152  1.00 35.94 ? 3258 HOH A O   1 
HETATM 1273 O O   . HOH C 3 .   ? -14.093 11.910  -11.486 1.00 38.66 ? 3259 HOH A O   1 
HETATM 1274 O O   . HOH C 3 .   ? 8.521   6.986   -11.225 1.00 34.39 ? 3260 HOH A O   1 
HETATM 1275 O O   . HOH C 3 .   ? 2.174   -1.846  -14.607 1.00 45.07 ? 3261 HOH A O   1 
HETATM 1276 O O   . HOH C 3 .   ? 14.346  6.136   -7.780  1.00 35.96 ? 3262 HOH A O   1 
HETATM 1277 O O   . HOH C 3 .   ? -7.314  16.786  -11.336 1.00 35.52 ? 3263 HOH A O   1 
HETATM 1278 O O   . HOH C 3 .   ? 3.613   -13.258 2.695   1.00 24.14 ? 3264 HOH A O   1 
HETATM 1279 O O   . HOH C 3 .   ? -2.205  7.413   -12.366 1.00 27.99 ? 3265 HOH A O   1 
HETATM 1280 O O   . HOH C 3 .   ? -1.914  -16.832 -7.730  1.00 26.05 ? 3266 HOH A O   1 
HETATM 1281 O O   . HOH C 3 .   ? -13.186 8.413   -13.533 1.00 37.79 ? 3267 HOH A O   1 
HETATM 1282 O O   . HOH C 3 .   ? 12.783  -15.835 5.555   1.00 43.56 ? 3268 HOH A O   1 
HETATM 1283 O O   . HOH C 3 .   ? 4.939   -18.605 -6.349  1.00 29.57 ? 3269 HOH A O   1 
HETATM 1284 O O   . HOH C 3 .   ? 2.147   -12.726 7.162   1.00 32.10 ? 3270 HOH A O   1 
HETATM 1285 O O   . HOH C 3 .   ? -14.623 10.138  -9.847  1.00 23.87 ? 3271 HOH A O   1 
HETATM 1286 O O   . HOH C 3 .   ? 21.208  2.208   -3.374  1.00 33.09 ? 3272 HOH A O   1 
HETATM 1287 O O   . HOH C 3 .   ? 2.689   -17.828 -3.428  1.00 40.64 ? 3273 HOH A O   1 
HETATM 1288 O O   . HOH C 3 .   ? 12.767  7.918   -10.175 1.00 41.97 ? 3274 HOH A O   1 
HETATM 1289 O O   . HOH C 3 .   ? 8.394   -3.687  19.847  1.00 42.98 ? 3275 HOH A O   1 
HETATM 1290 O O   . HOH C 3 .   ? -8.808  6.979   6.852   1.00 36.24 ? 3276 HOH A O   1 
HETATM 1291 O O   . HOH C 3 .   ? 6.321   -13.800 12.733  1.00 40.62 ? 3277 HOH A O   1 
HETATM 1292 O O   . HOH C 3 .   ? -9.501  1.042   -16.846 1.00 39.97 ? 3278 HOH A O   1 
HETATM 1293 O O   . HOH C 3 .   ? -14.203 3.883   -14.139 1.00 42.33 ? 3279 HOH A O   1 
HETATM 1294 O O   . HOH C 3 .   ? 0.690   -16.785 1.554   1.00 47.97 ? 3280 HOH A O   1 
HETATM 1295 O O   . HOH C 3 .   ? -4.118  -13.855 7.307   1.00 45.12 ? 3281 HOH A O   1 
HETATM 1296 O O   . HOH C 3 .   ? 5.854   -21.162 -6.788  1.00 36.63 ? 3282 HOH A O   1 
HETATM 1297 O O   . HOH C 3 .   ? 8.074   2.790   -15.490 1.00 44.68 ? 3283 HOH A O   1 
# 
loop_
_pdbx_poly_seq_scheme.asym_id 
_pdbx_poly_seq_scheme.entity_id 
_pdbx_poly_seq_scheme.seq_id 
_pdbx_poly_seq_scheme.mon_id 
_pdbx_poly_seq_scheme.ndb_seq_num 
_pdbx_poly_seq_scheme.pdb_seq_num 
_pdbx_poly_seq_scheme.auth_seq_num 
_pdbx_poly_seq_scheme.pdb_mon_id 
_pdbx_poly_seq_scheme.auth_mon_id 
_pdbx_poly_seq_scheme.pdb_strand_id 
_pdbx_poly_seq_scheme.pdb_ins_code 
_pdbx_poly_seq_scheme.hetero 
A 1 1   MET 1   2741 ?    ?   ?   A . n 
A 1 2   HIS 2   2742 ?    ?   ?   A . n 
A 1 3   HIS 3   2743 ?    ?   ?   A . n 
A 1 4   HIS 4   2744 ?    ?   ?   A . n 
A 1 5   HIS 5   2745 ?    ?   ?   A . n 
A 1 6   HIS 6   2746 ?    ?   ?   A . n 
A 1 7   HIS 7   2747 ?    ?   ?   A . n 
A 1 8   SER 8   2748 ?    ?   ?   A . n 
A 1 9   SER 9   2749 ?    ?   ?   A . n 
A 1 10  GLY 10  2750 ?    ?   ?   A . n 
A 1 11  ARG 11  2751 ?    ?   ?   A . n 
A 1 12  GLU 12  2752 ?    ?   ?   A . n 
A 1 13  ASN 13  2753 ?    ?   ?   A . n 
A 1 14  LEU 14  2754 ?    ?   ?   A . n 
A 1 15  TYR 15  2755 ?    ?   ?   A . n 
A 1 16  PHE 16  2756 ?    ?   ?   A . n 
A 1 17  GLN 17  2757 ?    ?   ?   A . n 
A 1 18  GLY 18  2758 ?    ?   ?   A . n 
A 1 19  PHE 19  2759 ?    ?   ?   A . n 
A 1 20  CYS 20  2760 ?    ?   ?   A . n 
A 1 21  GLY 21  2761 ?    ?   ?   A . n 
A 1 22  ARG 22  2762 ?    ?   ?   A . n 
A 1 23  SER 23  2763 ?    ?   ?   A . n 
A 1 24  GLY 24  2764 ?    ?   ?   A . n 
A 1 25  LYS 25  2765 ?    ?   ?   A . n 
A 1 26  GLN 26  2766 ?    ?   ?   A . n 
A 1 27  LEU 27  2767 ?    ?   ?   A . n 
A 1 28  LYS 28  2768 ?    ?   ?   A . n 
A 1 29  ARG 29  2769 ?    ?   ?   A . n 
A 1 30  CYS 30  2770 ?    ?   ?   A . n 
A 1 31  HIS 31  2771 ?    ?   ?   A . n 
A 1 32  SER 32  2772 ?    ?   ?   A . n 
A 1 33  SER 33  2773 ?    ?   ?   A . n 
A 1 34  GLN 34  2774 2774 GLN GLN A . n 
A 1 35  PRO 35  2775 2775 PRO PRO A . n 
A 1 36  GLY 36  2776 2776 GLY GLY A . n 
A 1 37  MET 37  2777 2777 MET MET A . n 
A 1 38  LEU 38  2778 2778 LEU LEU A . n 
A 1 39  LEU 39  2779 2779 LEU LEU A . n 
A 1 40  ASP 40  2780 2780 ASP ASP A . n 
A 1 41  SER 41  2781 2781 SER SER A . n 
A 1 42  TRP 42  2782 2782 TRP TRP A . n 
A 1 43  SER 43  2783 2783 SER SER A . n 
A 1 44  ARG 44  2784 2784 ARG ARG A . n 
A 1 45  MET 45  2785 2785 MET MET A . n 
A 1 46  VAL 46  2786 2786 VAL VAL A . n 
A 1 47  LYS 47  2787 2787 LYS LYS A . n 
A 1 48  SER 48  2788 2788 SER SER A . n 
A 1 49  LEU 49  2789 2789 LEU LEU A . n 
A 1 50  ASN 50  2790 2790 ASN ASN A . n 
A 1 51  VAL 51  2791 2791 VAL VAL A . n 
A 1 52  SER 52  2792 2792 SER SER A . n 
A 1 53  SER 53  2793 2793 SER SER A . n 
A 1 54  SER 54  2794 2794 SER SER A . n 
A 1 55  VAL 55  2795 2795 VAL VAL A . n 
A 1 56  ASN 56  2796 2796 ASN ASN A . n 
A 1 57  GLN 57  2797 2797 GLN GLN A . n 
A 1 58  ALA 58  2798 2798 ALA ALA A . n 
A 1 59  SER 59  2799 2799 SER SER A . n 
A 1 60  ARG 60  2800 2800 ARG ARG A . n 
A 1 61  LEU 61  2801 2801 LEU LEU A . n 
A 1 62  ILE 62  2802 2802 ILE ILE A . n 
A 1 63  ASP 63  2803 2803 ASP ASP A . n 
A 1 64  GLY 64  2804 2804 GLY GLY A . n 
A 1 65  SER 65  2805 2805 SER SER A . n 
A 1 66  GLU 66  2806 2806 GLU GLU A . n 
A 1 67  PRO 67  2807 2807 PRO PRO A . n 
A 1 68  CYS 68  2808 2808 CYS CYS A . n 
A 1 69  TRP 69  2809 2809 TRP TRP A . n 
A 1 70  GLN 70  2810 2810 GLN GLN A . n 
A 1 71  SER 71  2811 2811 SER SER A . n 
A 1 72  SER 72  2812 2812 SER SER A . n 
A 1 73  GLY 73  2813 2813 GLY GLY A . n 
A 1 74  SER 74  2814 2814 SER SER A . n 
A 1 75  GLN 75  2815 2815 GLN GLN A . n 
A 1 76  GLY 76  2816 2816 GLY GLY A . n 
A 1 77  LYS 77  2817 2817 LYS LYS A . n 
A 1 78  HIS 78  2818 2818 HIS HIS A . n 
A 1 79  TRP 79  2819 2819 TRP TRP A . n 
A 1 80  ILE 80  2820 2820 ILE ILE A . n 
A 1 81  ARG 81  2821 2821 ARG ARG A . n 
A 1 82  LEU 82  2822 2822 LEU LEU A . n 
A 1 83  GLU 83  2823 2823 GLU GLU A . n 
A 1 84  ILE 84  2824 2824 ILE ILE A . n 
A 1 85  PHE 85  2825 2825 PHE PHE A . n 
A 1 86  PRO 86  2826 2826 PRO PRO A . n 
A 1 87  ASP 87  2827 2827 ASP ASP A . n 
A 1 88  VAL 88  2828 2828 VAL VAL A . n 
A 1 89  LEU 89  2829 2829 LEU LEU A . n 
A 1 90  VAL 90  2830 2830 VAL VAL A . n 
A 1 91  HIS 91  2831 2831 HIS HIS A . n 
A 1 92  ARG 92  2832 2832 ARG ARG A . n 
A 1 93  LEU 93  2833 2833 LEU LEU A . n 
A 1 94  LYS 94  2834 2834 LYS LYS A . n 
A 1 95  MET 95  2835 2835 MET MET A . n 
A 1 96  ILE 96  2836 2836 ILE ILE A . n 
A 1 97  VAL 97  2837 2837 VAL VAL A . n 
A 1 98  ASP 98  2838 2838 ASP ASP A . n 
A 1 99  PRO 99  2839 2839 PRO PRO A . n 
A 1 100 ALA 100 2840 2840 ALA ALA A . n 
A 1 101 ASP 101 2841 2841 ASP ASP A . n 
A 1 102 SER 102 2842 2842 SER SER A . n 
A 1 103 SER 103 2843 2843 SER SER A . n 
A 1 104 TYR 104 2844 2844 TYR TYR A . n 
A 1 105 MET 105 2845 2845 MET MET A . n 
A 1 106 PRO 106 2846 2846 PRO PRO A . n 
A 1 107 SER 107 2847 2847 SER SER A . n 
A 1 108 LEU 108 2848 2848 LEU LEU A . n 
A 1 109 VAL 109 2849 2849 VAL VAL A . n 
A 1 110 VAL 110 2850 2850 VAL VAL A . n 
A 1 111 VAL 111 2851 2851 VAL VAL A . n 
A 1 112 SER 112 2852 2852 SER SER A . n 
A 1 113 GLY 113 2853 2853 GLY GLY A . n 
A 1 114 GLY 114 2854 2854 GLY GLY A . n 
A 1 115 ASN 115 2855 2855 ASN ASN A . n 
A 1 116 SER 116 2856 2856 SER SER A . n 
A 1 117 LEU 117 2857 2857 LEU LEU A . n 
A 1 118 ASN 118 2858 2858 ASN ASN A . n 
A 1 119 ASN 119 2859 2859 ASN ASN A . n 
A 1 120 LEU 120 2860 2860 LEU LEU A . n 
A 1 121 ILE 121 2861 2861 ILE ILE A . n 
A 1 122 GLU 122 2862 2862 GLU GLU A . n 
A 1 123 LEU 123 2863 2863 LEU LEU A . n 
A 1 124 LYS 124 2864 2864 LYS LYS A . n 
A 1 125 THR 125 2865 2865 THR THR A . n 
A 1 126 ILE 126 2866 2866 ILE ILE A . n 
A 1 127 ASN 127 2867 2867 ASN ASN A . n 
A 1 128 ILE 128 2868 2868 ILE ILE A . n 
A 1 129 ASN 129 2869 2869 ASN ASN A . n 
A 1 130 PRO 130 2870 2870 PRO PRO A . n 
A 1 131 SER 131 2871 2871 SER SER A . n 
A 1 132 ASP 132 2872 2872 ASP ASP A . n 
A 1 133 THR 133 2873 2873 THR THR A . n 
A 1 134 THR 134 2874 2874 THR THR A . n 
A 1 135 VAL 135 2875 2875 VAL VAL A . n 
A 1 136 PRO 136 2876 2876 PRO PRO A . n 
A 1 137 LEU 137 2877 2877 LEU LEU A . n 
A 1 138 LEU 138 2878 2878 LEU LEU A . n 
A 1 139 ASN 139 2879 2879 ASN ASN A . n 
A 1 140 ASP 140 2880 2880 ASP ASP A . n 
A 1 141 CYS 141 2881 2881 CYS CYS A . n 
A 1 142 THR 142 2882 2882 THR THR A . n 
A 1 143 GLU 143 2883 2883 GLU GLU A . n 
A 1 144 TYR 144 2884 2884 TYR TYR A . n 
A 1 145 HIS 145 2885 2885 HIS HIS A . n 
A 1 146 ARG 146 2886 2886 ARG ARG A . n 
A 1 147 TYR 147 2887 2887 TYR TYR A . n 
A 1 148 ILE 148 2888 2888 ILE ILE A . n 
A 1 149 GLU 149 2889 2889 GLU GLU A . n 
A 1 150 ILE 150 2890 2890 ILE ILE A . n 
A 1 151 ALA 151 2891 2891 ALA ALA A . n 
A 1 152 ILE 152 2892 2892 ILE ILE A . n 
A 1 153 LYS 153 2893 2893 LYS LYS A . n 
A 1 154 GLN 154 2894 2894 GLN GLN A . n 
A 1 155 CYS 155 2895 2895 CYS CYS A . n 
A 1 156 ARG 156 2896 2896 ARG ARG A . n 
A 1 157 SER 157 2897 2897 SER SER A . n 
A 1 158 SER 158 2898 2898 SER SER A . n 
A 1 159 GLY 159 2899 2899 GLY GLY A . n 
A 1 160 ILE 160 2900 2900 ILE ILE A . n 
A 1 161 ASP 161 2901 2901 ASP ASP A . n 
A 1 162 CYS 162 2902 2902 CYS CYS A . n 
A 1 163 LYS 163 2903 2903 LYS LYS A . n 
A 1 164 ILE 164 2904 2904 ILE ILE A . n 
A 1 165 HIS 165 2905 2905 HIS HIS A . n 
A 1 166 GLY 166 2906 2906 GLY GLY A . n 
A 1 167 LEU 167 2907 2907 LEU LEU A . n 
A 1 168 ILE 168 2908 2908 ILE ILE A . n 
A 1 169 LEU 169 2909 2909 LEU LEU A . n 
A 1 170 LEU 170 2910 2910 LEU LEU A . n 
A 1 171 GLY 171 2911 2911 GLY GLY A . n 
A 1 172 ARG 172 2912 2912 ARG ARG A . n 
A 1 173 ILE 173 2913 2913 ILE ILE A . n 
A 1 174 ARG 174 2914 2914 ARG ARG A . n 
# 
loop_
_pdbx_nonpoly_scheme.asym_id 
_pdbx_nonpoly_scheme.entity_id 
_pdbx_nonpoly_scheme.mon_id 
_pdbx_nonpoly_scheme.ndb_seq_num 
_pdbx_nonpoly_scheme.pdb_seq_num 
_pdbx_nonpoly_scheme.auth_seq_num 
_pdbx_nonpoly_scheme.pdb_mon_id 
_pdbx_nonpoly_scheme.auth_mon_id 
_pdbx_nonpoly_scheme.pdb_strand_id 
_pdbx_nonpoly_scheme.pdb_ins_code 
B 2 PEG 1   3001 1   PEG PEG A . 
C 3 HOH 1   3101 93  HOH HOH A . 
C 3 HOH 2   3102 102 HOH HOH A . 
C 3 HOH 3   3103 96  HOH HOH A . 
C 3 HOH 4   3104 168 HOH HOH A . 
C 3 HOH 5   3105 88  HOH HOH A . 
C 3 HOH 6   3106 22  HOH HOH A . 
C 3 HOH 7   3107 39  HOH HOH A . 
C 3 HOH 8   3108 31  HOH HOH A . 
C 3 HOH 9   3109 74  HOH HOH A . 
C 3 HOH 10  3110 40  HOH HOH A . 
C 3 HOH 11  3111 42  HOH HOH A . 
C 3 HOH 12  3112 5   HOH HOH A . 
C 3 HOH 13  3113 21  HOH HOH A . 
C 3 HOH 14  3114 90  HOH HOH A . 
C 3 HOH 15  3115 47  HOH HOH A . 
C 3 HOH 16  3116 95  HOH HOH A . 
C 3 HOH 17  3117 52  HOH HOH A . 
C 3 HOH 18  3118 51  HOH HOH A . 
C 3 HOH 19  3119 121 HOH HOH A . 
C 3 HOH 20  3120 140 HOH HOH A . 
C 3 HOH 21  3121 50  HOH HOH A . 
C 3 HOH 22  3122 151 HOH HOH A . 
C 3 HOH 23  3123 67  HOH HOH A . 
C 3 HOH 24  3124 41  HOH HOH A . 
C 3 HOH 25  3125 77  HOH HOH A . 
C 3 HOH 26  3126 4   HOH HOH A . 
C 3 HOH 27  3127 9   HOH HOH A . 
C 3 HOH 28  3128 56  HOH HOH A . 
C 3 HOH 29  3129 153 HOH HOH A . 
C 3 HOH 30  3130 97  HOH HOH A . 
C 3 HOH 31  3131 107 HOH HOH A . 
C 3 HOH 32  3132 19  HOH HOH A . 
C 3 HOH 33  3133 28  HOH HOH A . 
C 3 HOH 34  3134 12  HOH HOH A . 
C 3 HOH 35  3135 112 HOH HOH A . 
C 3 HOH 36  3136 89  HOH HOH A . 
C 3 HOH 37  3137 11  HOH HOH A . 
C 3 HOH 38  3138 24  HOH HOH A . 
C 3 HOH 39  3139 54  HOH HOH A . 
C 3 HOH 40  3140 65  HOH HOH A . 
C 3 HOH 41  3141 119 HOH HOH A . 
C 3 HOH 42  3142 184 HOH HOH A . 
C 3 HOH 43  3143 16  HOH HOH A . 
C 3 HOH 44  3144 79  HOH HOH A . 
C 3 HOH 45  3145 78  HOH HOH A . 
C 3 HOH 46  3146 32  HOH HOH A . 
C 3 HOH 47  3147 25  HOH HOH A . 
C 3 HOH 48  3148 135 HOH HOH A . 
C 3 HOH 49  3149 34  HOH HOH A . 
C 3 HOH 50  3150 182 HOH HOH A . 
C 3 HOH 51  3151 45  HOH HOH A . 
C 3 HOH 52  3152 7   HOH HOH A . 
C 3 HOH 53  3153 53  HOH HOH A . 
C 3 HOH 54  3154 73  HOH HOH A . 
C 3 HOH 55  3155 10  HOH HOH A . 
C 3 HOH 56  3156 1   HOH HOH A . 
C 3 HOH 57  3157 13  HOH HOH A . 
C 3 HOH 58  3158 131 HOH HOH A . 
C 3 HOH 59  3159 2   HOH HOH A . 
C 3 HOH 60  3160 18  HOH HOH A . 
C 3 HOH 61  3161 80  HOH HOH A . 
C 3 HOH 62  3162 166 HOH HOH A . 
C 3 HOH 63  3163 48  HOH HOH A . 
C 3 HOH 64  3164 49  HOH HOH A . 
C 3 HOH 65  3165 30  HOH HOH A . 
C 3 HOH 66  3166 3   HOH HOH A . 
C 3 HOH 67  3167 6   HOH HOH A . 
C 3 HOH 68  3168 86  HOH HOH A . 
C 3 HOH 69  3169 111 HOH HOH A . 
C 3 HOH 70  3170 33  HOH HOH A . 
C 3 HOH 71  3171 142 HOH HOH A . 
C 3 HOH 72  3172 149 HOH HOH A . 
C 3 HOH 73  3173 157 HOH HOH A . 
C 3 HOH 74  3174 120 HOH HOH A . 
C 3 HOH 75  3175 71  HOH HOH A . 
C 3 HOH 76  3176 63  HOH HOH A . 
C 3 HOH 77  3177 8   HOH HOH A . 
C 3 HOH 78  3178 136 HOH HOH A . 
C 3 HOH 79  3179 14  HOH HOH A . 
C 3 HOH 80  3180 64  HOH HOH A . 
C 3 HOH 81  3181 15  HOH HOH A . 
C 3 HOH 82  3182 150 HOH HOH A . 
C 3 HOH 83  3183 29  HOH HOH A . 
C 3 HOH 84  3184 176 HOH HOH A . 
C 3 HOH 85  3185 92  HOH HOH A . 
C 3 HOH 86  3186 23  HOH HOH A . 
C 3 HOH 87  3187 132 HOH HOH A . 
C 3 HOH 88  3188 94  HOH HOH A . 
C 3 HOH 89  3189 81  HOH HOH A . 
C 3 HOH 90  3190 91  HOH HOH A . 
C 3 HOH 91  3191 113 HOH HOH A . 
C 3 HOH 92  3192 143 HOH HOH A . 
C 3 HOH 93  3193 117 HOH HOH A . 
C 3 HOH 94  3194 26  HOH HOH A . 
C 3 HOH 95  3195 172 HOH HOH A . 
C 3 HOH 96  3196 99  HOH HOH A . 
C 3 HOH 97  3197 38  HOH HOH A . 
C 3 HOH 98  3198 82  HOH HOH A . 
C 3 HOH 99  3199 109 HOH HOH A . 
C 3 HOH 100 3200 68  HOH HOH A . 
C 3 HOH 101 3201 98  HOH HOH A . 
C 3 HOH 102 3202 154 HOH HOH A . 
C 3 HOH 103 3203 20  HOH HOH A . 
C 3 HOH 104 3204 37  HOH HOH A . 
C 3 HOH 105 3205 58  HOH HOH A . 
C 3 HOH 106 3206 17  HOH HOH A . 
C 3 HOH 107 3207 46  HOH HOH A . 
C 3 HOH 108 3208 126 HOH HOH A . 
C 3 HOH 109 3209 110 HOH HOH A . 
C 3 HOH 110 3210 66  HOH HOH A . 
C 3 HOH 111 3211 69  HOH HOH A . 
C 3 HOH 112 3212 27  HOH HOH A . 
C 3 HOH 113 3213 84  HOH HOH A . 
C 3 HOH 114 3214 44  HOH HOH A . 
C 3 HOH 115 3215 100 HOH HOH A . 
C 3 HOH 116 3216 129 HOH HOH A . 
C 3 HOH 117 3217 130 HOH HOH A . 
C 3 HOH 118 3218 114 HOH HOH A . 
C 3 HOH 119 3219 55  HOH HOH A . 
C 3 HOH 120 3220 156 HOH HOH A . 
C 3 HOH 121 3221 178 HOH HOH A . 
C 3 HOH 122 3222 124 HOH HOH A . 
C 3 HOH 123 3223 177 HOH HOH A . 
C 3 HOH 124 3224 138 HOH HOH A . 
C 3 HOH 125 3225 162 HOH HOH A . 
C 3 HOH 126 3226 101 HOH HOH A . 
C 3 HOH 127 3227 169 HOH HOH A . 
C 3 HOH 128 3228 170 HOH HOH A . 
C 3 HOH 129 3229 57  HOH HOH A . 
C 3 HOH 130 3230 133 HOH HOH A . 
C 3 HOH 131 3231 87  HOH HOH A . 
C 3 HOH 132 3232 185 HOH HOH A . 
C 3 HOH 133 3233 171 HOH HOH A . 
C 3 HOH 134 3234 139 HOH HOH A . 
C 3 HOH 135 3235 145 HOH HOH A . 
C 3 HOH 136 3236 141 HOH HOH A . 
C 3 HOH 137 3237 152 HOH HOH A . 
C 3 HOH 138 3238 108 HOH HOH A . 
C 3 HOH 139 3239 125 HOH HOH A . 
C 3 HOH 140 3240 165 HOH HOH A . 
C 3 HOH 141 3241 134 HOH HOH A . 
C 3 HOH 142 3242 85  HOH HOH A . 
C 3 HOH 143 3243 60  HOH HOH A . 
C 3 HOH 144 3244 115 HOH HOH A . 
C 3 HOH 145 3245 186 HOH HOH A . 
C 3 HOH 146 3246 187 HOH HOH A . 
C 3 HOH 147 3247 179 HOH HOH A . 
C 3 HOH 148 3248 188 HOH HOH A . 
C 3 HOH 149 3249 164 HOH HOH A . 
C 3 HOH 150 3250 106 HOH HOH A . 
C 3 HOH 151 3251 146 HOH HOH A . 
C 3 HOH 152 3252 183 HOH HOH A . 
C 3 HOH 153 3253 128 HOH HOH A . 
C 3 HOH 154 3254 59  HOH HOH A . 
C 3 HOH 155 3255 43  HOH HOH A . 
C 3 HOH 156 3256 116 HOH HOH A . 
C 3 HOH 157 3257 36  HOH HOH A . 
C 3 HOH 158 3258 103 HOH HOH A . 
C 3 HOH 159 3259 148 HOH HOH A . 
C 3 HOH 160 3260 75  HOH HOH A . 
C 3 HOH 161 3261 160 HOH HOH A . 
C 3 HOH 162 3262 144 HOH HOH A . 
C 3 HOH 163 3263 159 HOH HOH A . 
C 3 HOH 164 3264 70  HOH HOH A . 
C 3 HOH 165 3265 62  HOH HOH A . 
C 3 HOH 166 3266 155 HOH HOH A . 
C 3 HOH 167 3267 61  HOH HOH A . 
C 3 HOH 168 3268 127 HOH HOH A . 
C 3 HOH 169 3269 35  HOH HOH A . 
C 3 HOH 170 3270 137 HOH HOH A . 
C 3 HOH 171 3271 83  HOH HOH A . 
C 3 HOH 172 3272 180 HOH HOH A . 
C 3 HOH 173 3273 189 HOH HOH A . 
C 3 HOH 174 3274 76  HOH HOH A . 
C 3 HOH 175 3275 163 HOH HOH A . 
C 3 HOH 176 3276 105 HOH HOH A . 
C 3 HOH 177 3277 161 HOH HOH A . 
C 3 HOH 178 3278 147 HOH HOH A . 
C 3 HOH 179 3279 174 HOH HOH A . 
C 3 HOH 180 3280 123 HOH HOH A . 
C 3 HOH 181 3281 118 HOH HOH A . 
C 3 HOH 182 3282 104 HOH HOH A . 
C 3 HOH 183 3283 175 HOH HOH A . 
# 
_pdbx_struct_assembly.id                   1 
_pdbx_struct_assembly.details              author_and_software_defined_assembly 
_pdbx_struct_assembly.method_details       PISA 
_pdbx_struct_assembly.oligomeric_details   monomeric 
_pdbx_struct_assembly.oligomeric_count     1 
# 
_pdbx_struct_assembly_gen.assembly_id       1 
_pdbx_struct_assembly_gen.oper_expression   1 
_pdbx_struct_assembly_gen.asym_id_list      A,B,C 
# 
loop_
_pdbx_struct_assembly_prop.biol_id 
_pdbx_struct_assembly_prop.type 
_pdbx_struct_assembly_prop.value 
_pdbx_struct_assembly_prop.details 
1 'ABSA (A^2)' 240  ? 
1 MORE         3    ? 
1 'SSA (A^2)'  7080 ? 
# 
_pdbx_struct_oper_list.id                   1 
_pdbx_struct_oper_list.type                 'identity operation' 
_pdbx_struct_oper_list.name                 1_555 
_pdbx_struct_oper_list.symmetry_operation   x,y,z 
_pdbx_struct_oper_list.matrix[1][1]         1.0000000000 
_pdbx_struct_oper_list.matrix[1][2]         0.0000000000 
_pdbx_struct_oper_list.matrix[1][3]         0.0000000000 
_pdbx_struct_oper_list.vector[1]            0.0000000000 
_pdbx_struct_oper_list.matrix[2][1]         0.0000000000 
_pdbx_struct_oper_list.matrix[2][2]         1.0000000000 
_pdbx_struct_oper_list.matrix[2][3]         0.0000000000 
_pdbx_struct_oper_list.vector[2]            0.0000000000 
_pdbx_struct_oper_list.matrix[3][1]         0.0000000000 
_pdbx_struct_oper_list.matrix[3][2]         0.0000000000 
_pdbx_struct_oper_list.matrix[3][3]         1.0000000000 
_pdbx_struct_oper_list.vector[3]            0.0000000000 
# 
loop_
_pdbx_audit_revision_history.ordinal 
_pdbx_audit_revision_history.data_content_type 
_pdbx_audit_revision_history.major_revision 
_pdbx_audit_revision_history.minor_revision 
_pdbx_audit_revision_history.revision_date 
1 'Structure model' 1 0 2022-07-20 
2 'Structure model' 1 1 2023-02-01 
3 'Structure model' 1 2 2023-10-25 
# 
_pdbx_audit_revision_details.ordinal             1 
_pdbx_audit_revision_details.revision_ordinal    1 
_pdbx_audit_revision_details.data_content_type   'Structure model' 
_pdbx_audit_revision_details.provider            repository 
_pdbx_audit_revision_details.type                'Initial release' 
_pdbx_audit_revision_details.description         ? 
_pdbx_audit_revision_details.details             ? 
# 
loop_
_pdbx_audit_revision_group.ordinal 
_pdbx_audit_revision_group.revision_ordinal 
_pdbx_audit_revision_group.data_content_type 
_pdbx_audit_revision_group.group 
1 2 'Structure model' 'Database references'    
2 3 'Structure model' 'Data collection'        
3 3 'Structure model' 'Refinement description' 
# 
loop_
_pdbx_audit_revision_category.ordinal 
_pdbx_audit_revision_category.revision_ordinal 
_pdbx_audit_revision_category.data_content_type 
_pdbx_audit_revision_category.category 
1 2 'Structure model' citation                      
2 2 'Structure model' citation_author               
3 3 'Structure model' chem_comp_atom                
4 3 'Structure model' chem_comp_bond                
5 3 'Structure model' pdbx_initial_refinement_model 
# 
loop_
_pdbx_audit_revision_item.ordinal 
_pdbx_audit_revision_item.revision_ordinal 
_pdbx_audit_revision_item.data_content_type 
_pdbx_audit_revision_item.item 
1  2 'Structure model' '_citation.country'                 
2  2 'Structure model' '_citation.journal_abbrev'          
3  2 'Structure model' '_citation.journal_id_CSD'          
4  2 'Structure model' '_citation.journal_id_ISSN'         
5  2 'Structure model' '_citation.journal_volume'          
6  2 'Structure model' '_citation.page_first'              
7  2 'Structure model' '_citation.page_last'               
8  2 'Structure model' '_citation.pdbx_database_id_DOI'    
9  2 'Structure model' '_citation.pdbx_database_id_PubMed' 
10 2 'Structure model' '_citation.title'                   
11 2 'Structure model' '_citation.year'                    
# 
loop_
_software.citation_id 
_software.classification 
_software.compiler_name 
_software.compiler_version 
_software.contact_author 
_software.contact_author_email 
_software.date 
_software.description 
_software.dependencies 
_software.hardware 
_software.language 
_software.location 
_software.mods 
_software.name 
_software.os 
_software.os_version 
_software.type 
_software.version 
_software.pdbx_ordinal 
? refinement        ? ? ? ? ? ? ? ? ? ? ? PHENIX      ? ? ? 1.10_2155 1 
? 'data scaling'    ? ? ? ? ? ? ? ? ? ? ? HKL-2000    ? ? ? .         2 
? 'data extraction' ? ? ? ? ? ? ? ? ? ? ? PDB_EXTRACT ? ? ? 3.27      3 
? 'data reduction'  ? ? ? ? ? ? ? ? ? ? ? HKL-2000    ? ? ? .         4 
? phasing           ? ? ? ? ? ? ? ? ? ? ? PHASER      ? ? ? .         5 
# 
_pdbx_entry_details.entry_id                 7RGW 
_pdbx_entry_details.has_ligand_of_interest   N 
_pdbx_entry_details.compound_details         ? 
_pdbx_entry_details.source_details           ? 
_pdbx_entry_details.nonpolymer_details       ? 
_pdbx_entry_details.sequence_details         ? 
# 
loop_
_pdbx_validate_close_contact.id 
_pdbx_validate_close_contact.PDB_model_num 
_pdbx_validate_close_contact.auth_atom_id_1 
_pdbx_validate_close_contact.auth_asym_id_1 
_pdbx_validate_close_contact.auth_comp_id_1 
_pdbx_validate_close_contact.auth_seq_id_1 
_pdbx_validate_close_contact.PDB_ins_code_1 
_pdbx_validate_close_contact.label_alt_id_1 
_pdbx_validate_close_contact.auth_atom_id_2 
_pdbx_validate_close_contact.auth_asym_id_2 
_pdbx_validate_close_contact.auth_comp_id_2 
_pdbx_validate_close_contact.auth_seq_id_2 
_pdbx_validate_close_contact.PDB_ins_code_2 
_pdbx_validate_close_contact.label_alt_id_2 
_pdbx_validate_close_contact.dist 
1 1 O A HOH 3246 ? ? O A HOH 3272 ? ? 2.15 
2 1 O A HOH 3231 ? ? O A HOH 3280 ? ? 2.16 
3 1 O A HOH 3128 ? ? O A HOH 3238 ? ? 2.19 
# 
_pdbx_validate_torsion.id              1 
_pdbx_validate_torsion.PDB_model_num   1 
_pdbx_validate_torsion.auth_comp_id    SER 
_pdbx_validate_torsion.auth_asym_id    A 
_pdbx_validate_torsion.auth_seq_id     2842 
_pdbx_validate_torsion.PDB_ins_code    ? 
_pdbx_validate_torsion.label_alt_id    ? 
_pdbx_validate_torsion.phi             44.36 
_pdbx_validate_torsion.psi             -121.08 
# 
loop_
_pdbx_distant_solvent_atoms.id 
_pdbx_distant_solvent_atoms.PDB_model_num 
_pdbx_distant_solvent_atoms.auth_atom_id 
_pdbx_distant_solvent_atoms.label_alt_id 
_pdbx_distant_solvent_atoms.auth_asym_id 
_pdbx_distant_solvent_atoms.auth_comp_id 
_pdbx_distant_solvent_atoms.auth_seq_id 
_pdbx_distant_solvent_atoms.PDB_ins_code 
_pdbx_distant_solvent_atoms.neighbor_macromolecule_distance 
_pdbx_distant_solvent_atoms.neighbor_ligand_distance 
1 1 O ? A HOH 3282 ? 5.84 . 
2 1 O ? A HOH 3283 ? 6.22 . 
# 
loop_
_pdbx_unobs_or_zero_occ_residues.id 
_pdbx_unobs_or_zero_occ_residues.PDB_model_num 
_pdbx_unobs_or_zero_occ_residues.polymer_flag 
_pdbx_unobs_or_zero_occ_residues.occupancy_flag 
_pdbx_unobs_or_zero_occ_residues.auth_asym_id 
_pdbx_unobs_or_zero_occ_residues.auth_comp_id 
_pdbx_unobs_or_zero_occ_residues.auth_seq_id 
_pdbx_unobs_or_zero_occ_residues.PDB_ins_code 
_pdbx_unobs_or_zero_occ_residues.label_asym_id 
_pdbx_unobs_or_zero_occ_residues.label_comp_id 
_pdbx_unobs_or_zero_occ_residues.label_seq_id 
1  1 Y 1 A MET 2741 ? A MET 1  
2  1 Y 1 A HIS 2742 ? A HIS 2  
3  1 Y 1 A HIS 2743 ? A HIS 3  
4  1 Y 1 A HIS 2744 ? A HIS 4  
5  1 Y 1 A HIS 2745 ? A HIS 5  
6  1 Y 1 A HIS 2746 ? A HIS 6  
7  1 Y 1 A HIS 2747 ? A HIS 7  
8  1 Y 1 A SER 2748 ? A SER 8  
9  1 Y 1 A SER 2749 ? A SER 9  
10 1 Y 1 A GLY 2750 ? A GLY 10 
11 1 Y 1 A ARG 2751 ? A ARG 11 
12 1 Y 1 A GLU 2752 ? A GLU 12 
13 1 Y 1 A ASN 2753 ? A ASN 13 
14 1 Y 1 A LEU 2754 ? A LEU 14 
15 1 Y 1 A TYR 2755 ? A TYR 15 
16 1 Y 1 A PHE 2756 ? A PHE 16 
17 1 Y 1 A GLN 2757 ? A GLN 17 
18 1 Y 1 A GLY 2758 ? A GLY 18 
19 1 Y 1 A PHE 2759 ? A PHE 19 
20 1 Y 1 A CYS 2760 ? A CYS 20 
21 1 Y 1 A GLY 2761 ? A GLY 21 
22 1 Y 1 A ARG 2762 ? A ARG 22 
23 1 Y 1 A SER 2763 ? A SER 23 
24 1 Y 1 A GLY 2764 ? A GLY 24 
25 1 Y 1 A LYS 2765 ? A LYS 25 
26 1 Y 1 A GLN 2766 ? A GLN 26 
27 1 Y 1 A LEU 2767 ? A LEU 27 
28 1 Y 1 A LYS 2768 ? A LYS 28 
29 1 Y 1 A ARG 2769 ? A ARG 29 
30 1 Y 1 A CYS 2770 ? A CYS 30 
31 1 Y 1 A HIS 2771 ? A HIS 31 
32 1 Y 1 A SER 2772 ? A SER 32 
33 1 Y 1 A SER 2773 ? A SER 33 
# 
loop_
_chem_comp_atom.comp_id 
_chem_comp_atom.atom_id 
_chem_comp_atom.type_symbol 
_chem_comp_atom.pdbx_aromatic_flag 
_chem_comp_atom.pdbx_stereo_config 
_chem_comp_atom.pdbx_ordinal 
ALA N    N N N 1   
ALA CA   C N S 2   
ALA C    C N N 3   
ALA O    O N N 4   
ALA CB   C N N 5   
ALA OXT  O N N 6   
ALA H    H N N 7   
ALA H2   H N N 8   
ALA HA   H N N 9   
ALA HB1  H N N 10  
ALA HB2  H N N 11  
ALA HB3  H N N 12  
ALA HXT  H N N 13  
ARG N    N N N 14  
ARG CA   C N S 15  
ARG C    C N N 16  
ARG O    O N N 17  
ARG CB   C N N 18  
ARG CG   C N N 19  
ARG CD   C N N 20  
ARG NE   N N N 21  
ARG CZ   C N N 22  
ARG NH1  N N N 23  
ARG NH2  N N N 24  
ARG OXT  O N N 25  
ARG H    H N N 26  
ARG H2   H N N 27  
ARG HA   H N N 28  
ARG HB2  H N N 29  
ARG HB3  H N N 30  
ARG HG2  H N N 31  
ARG HG3  H N N 32  
ARG HD2  H N N 33  
ARG HD3  H N N 34  
ARG HE   H N N 35  
ARG HH11 H N N 36  
ARG HH12 H N N 37  
ARG HH21 H N N 38  
ARG HH22 H N N 39  
ARG HXT  H N N 40  
ASN N    N N N 41  
ASN CA   C N S 42  
ASN C    C N N 43  
ASN O    O N N 44  
ASN CB   C N N 45  
ASN CG   C N N 46  
ASN OD1  O N N 47  
ASN ND2  N N N 48  
ASN OXT  O N N 49  
ASN H    H N N 50  
ASN H2   H N N 51  
ASN HA   H N N 52  
ASN HB2  H N N 53  
ASN HB3  H N N 54  
ASN HD21 H N N 55  
ASN HD22 H N N 56  
ASN HXT  H N N 57  
ASP N    N N N 58  
ASP CA   C N S 59  
ASP C    C N N 60  
ASP O    O N N 61  
ASP CB   C N N 62  
ASP CG   C N N 63  
ASP OD1  O N N 64  
ASP OD2  O N N 65  
ASP OXT  O N N 66  
ASP H    H N N 67  
ASP H2   H N N 68  
ASP HA   H N N 69  
ASP HB2  H N N 70  
ASP HB3  H N N 71  
ASP HD2  H N N 72  
ASP HXT  H N N 73  
CYS N    N N N 74  
CYS CA   C N R 75  
CYS C    C N N 76  
CYS O    O N N 77  
CYS CB   C N N 78  
CYS SG   S N N 79  
CYS OXT  O N N 80  
CYS H    H N N 81  
CYS H2   H N N 82  
CYS HA   H N N 83  
CYS HB2  H N N 84  
CYS HB3  H N N 85  
CYS HG   H N N 86  
CYS HXT  H N N 87  
GLN N    N N N 88  
GLN CA   C N S 89  
GLN C    C N N 90  
GLN O    O N N 91  
GLN CB   C N N 92  
GLN CG   C N N 93  
GLN CD   C N N 94  
GLN OE1  O N N 95  
GLN NE2  N N N 96  
GLN OXT  O N N 97  
GLN H    H N N 98  
GLN H2   H N N 99  
GLN HA   H N N 100 
GLN HB2  H N N 101 
GLN HB3  H N N 102 
GLN HG2  H N N 103 
GLN HG3  H N N 104 
GLN HE21 H N N 105 
GLN HE22 H N N 106 
GLN HXT  H N N 107 
GLU N    N N N 108 
GLU CA   C N S 109 
GLU C    C N N 110 
GLU O    O N N 111 
GLU CB   C N N 112 
GLU CG   C N N 113 
GLU CD   C N N 114 
GLU OE1  O N N 115 
GLU OE2  O N N 116 
GLU OXT  O N N 117 
GLU H    H N N 118 
GLU H2   H N N 119 
GLU HA   H N N 120 
GLU HB2  H N N 121 
GLU HB3  H N N 122 
GLU HG2  H N N 123 
GLU HG3  H N N 124 
GLU HE2  H N N 125 
GLU HXT  H N N 126 
GLY N    N N N 127 
GLY CA   C N N 128 
GLY C    C N N 129 
GLY O    O N N 130 
GLY OXT  O N N 131 
GLY H    H N N 132 
GLY H2   H N N 133 
GLY HA2  H N N 134 
GLY HA3  H N N 135 
GLY HXT  H N N 136 
HIS N    N N N 137 
HIS CA   C N S 138 
HIS C    C N N 139 
HIS O    O N N 140 
HIS CB   C N N 141 
HIS CG   C Y N 142 
HIS ND1  N Y N 143 
HIS CD2  C Y N 144 
HIS CE1  C Y N 145 
HIS NE2  N Y N 146 
HIS OXT  O N N 147 
HIS H    H N N 148 
HIS H2   H N N 149 
HIS HA   H N N 150 
HIS HB2  H N N 151 
HIS HB3  H N N 152 
HIS HD1  H N N 153 
HIS HD2  H N N 154 
HIS HE1  H N N 155 
HIS HE2  H N N 156 
HIS HXT  H N N 157 
HOH O    O N N 158 
HOH H1   H N N 159 
HOH H2   H N N 160 
ILE N    N N N 161 
ILE CA   C N S 162 
ILE C    C N N 163 
ILE O    O N N 164 
ILE CB   C N S 165 
ILE CG1  C N N 166 
ILE CG2  C N N 167 
ILE CD1  C N N 168 
ILE OXT  O N N 169 
ILE H    H N N 170 
ILE H2   H N N 171 
ILE HA   H N N 172 
ILE HB   H N N 173 
ILE HG12 H N N 174 
ILE HG13 H N N 175 
ILE HG21 H N N 176 
ILE HG22 H N N 177 
ILE HG23 H N N 178 
ILE HD11 H N N 179 
ILE HD12 H N N 180 
ILE HD13 H N N 181 
ILE HXT  H N N 182 
LEU N    N N N 183 
LEU CA   C N S 184 
LEU C    C N N 185 
LEU O    O N N 186 
LEU CB   C N N 187 
LEU CG   C N N 188 
LEU CD1  C N N 189 
LEU CD2  C N N 190 
LEU OXT  O N N 191 
LEU H    H N N 192 
LEU H2   H N N 193 
LEU HA   H N N 194 
LEU HB2  H N N 195 
LEU HB3  H N N 196 
LEU HG   H N N 197 
LEU HD11 H N N 198 
LEU HD12 H N N 199 
LEU HD13 H N N 200 
LEU HD21 H N N 201 
LEU HD22 H N N 202 
LEU HD23 H N N 203 
LEU HXT  H N N 204 
LYS N    N N N 205 
LYS CA   C N S 206 
LYS C    C N N 207 
LYS O    O N N 208 
LYS CB   C N N 209 
LYS CG   C N N 210 
LYS CD   C N N 211 
LYS CE   C N N 212 
LYS NZ   N N N 213 
LYS OXT  O N N 214 
LYS H    H N N 215 
LYS H2   H N N 216 
LYS HA   H N N 217 
LYS HB2  H N N 218 
LYS HB3  H N N 219 
LYS HG2  H N N 220 
LYS HG3  H N N 221 
LYS HD2  H N N 222 
LYS HD3  H N N 223 
LYS HE2  H N N 224 
LYS HE3  H N N 225 
LYS HZ1  H N N 226 
LYS HZ2  H N N 227 
LYS HZ3  H N N 228 
LYS HXT  H N N 229 
MET N    N N N 230 
MET CA   C N S 231 
MET C    C N N 232 
MET O    O N N 233 
MET CB   C N N 234 
MET CG   C N N 235 
MET SD   S N N 236 
MET CE   C N N 237 
MET OXT  O N N 238 
MET H    H N N 239 
MET H2   H N N 240 
MET HA   H N N 241 
MET HB2  H N N 242 
MET HB3  H N N 243 
MET HG2  H N N 244 
MET HG3  H N N 245 
MET HE1  H N N 246 
MET HE2  H N N 247 
MET HE3  H N N 248 
MET HXT  H N N 249 
PEG C1   C N N 250 
PEG O1   O N N 251 
PEG C2   C N N 252 
PEG O2   O N N 253 
PEG C3   C N N 254 
PEG C4   C N N 255 
PEG O4   O N N 256 
PEG H11  H N N 257 
PEG H12  H N N 258 
PEG HO1  H N N 259 
PEG H21  H N N 260 
PEG H22  H N N 261 
PEG H31  H N N 262 
PEG H32  H N N 263 
PEG H41  H N N 264 
PEG H42  H N N 265 
PEG HO4  H N N 266 
PHE N    N N N 267 
PHE CA   C N S 268 
PHE C    C N N 269 
PHE O    O N N 270 
PHE CB   C N N 271 
PHE CG   C Y N 272 
PHE CD1  C Y N 273 
PHE CD2  C Y N 274 
PHE CE1  C Y N 275 
PHE CE2  C Y N 276 
PHE CZ   C Y N 277 
PHE OXT  O N N 278 
PHE H    H N N 279 
PHE H2   H N N 280 
PHE HA   H N N 281 
PHE HB2  H N N 282 
PHE HB3  H N N 283 
PHE HD1  H N N 284 
PHE HD2  H N N 285 
PHE HE1  H N N 286 
PHE HE2  H N N 287 
PHE HZ   H N N 288 
PHE HXT  H N N 289 
PRO N    N N N 290 
PRO CA   C N S 291 
PRO C    C N N 292 
PRO O    O N N 293 
PRO CB   C N N 294 
PRO CG   C N N 295 
PRO CD   C N N 296 
PRO OXT  O N N 297 
PRO H    H N N 298 
PRO HA   H N N 299 
PRO HB2  H N N 300 
PRO HB3  H N N 301 
PRO HG2  H N N 302 
PRO HG3  H N N 303 
PRO HD2  H N N 304 
PRO HD3  H N N 305 
PRO HXT  H N N 306 
SER N    N N N 307 
SER CA   C N S 308 
SER C    C N N 309 
SER O    O N N 310 
SER CB   C N N 311 
SER OG   O N N 312 
SER OXT  O N N 313 
SER H    H N N 314 
SER H2   H N N 315 
SER HA   H N N 316 
SER HB2  H N N 317 
SER HB3  H N N 318 
SER HG   H N N 319 
SER HXT  H N N 320 
THR N    N N N 321 
THR CA   C N S 322 
THR C    C N N 323 
THR O    O N N 324 
THR CB   C N R 325 
THR OG1  O N N 326 
THR CG2  C N N 327 
THR OXT  O N N 328 
THR H    H N N 329 
THR H2   H N N 330 
THR HA   H N N 331 
THR HB   H N N 332 
THR HG1  H N N 333 
THR HG21 H N N 334 
THR HG22 H N N 335 
THR HG23 H N N 336 
THR HXT  H N N 337 
TRP N    N N N 338 
TRP CA   C N S 339 
TRP C    C N N 340 
TRP O    O N N 341 
TRP CB   C N N 342 
TRP CG   C Y N 343 
TRP CD1  C Y N 344 
TRP CD2  C Y N 345 
TRP NE1  N Y N 346 
TRP CE2  C Y N 347 
TRP CE3  C Y N 348 
TRP CZ2  C Y N 349 
TRP CZ3  C Y N 350 
TRP CH2  C Y N 351 
TRP OXT  O N N 352 
TRP H    H N N 353 
TRP H2   H N N 354 
TRP HA   H N N 355 
TRP HB2  H N N 356 
TRP HB3  H N N 357 
TRP HD1  H N N 358 
TRP HE1  H N N 359 
TRP HE3  H N N 360 
TRP HZ2  H N N 361 
TRP HZ3  H N N 362 
TRP HH2  H N N 363 
TRP HXT  H N N 364 
TYR N    N N N 365 
TYR CA   C N S 366 
TYR C    C N N 367 
TYR O    O N N 368 
TYR CB   C N N 369 
TYR CG   C Y N 370 
TYR CD1  C Y N 371 
TYR CD2  C Y N 372 
TYR CE1  C Y N 373 
TYR CE2  C Y N 374 
TYR CZ   C Y N 375 
TYR OH   O N N 376 
TYR OXT  O N N 377 
TYR H    H N N 378 
TYR H2   H N N 379 
TYR HA   H N N 380 
TYR HB2  H N N 381 
TYR HB3  H N N 382 
TYR HD1  H N N 383 
TYR HD2  H N N 384 
TYR HE1  H N N 385 
TYR HE2  H N N 386 
TYR HH   H N N 387 
TYR HXT  H N N 388 
VAL N    N N N 389 
VAL CA   C N S 390 
VAL C    C N N 391 
VAL O    O N N 392 
VAL CB   C N N 393 
VAL CG1  C N N 394 
VAL CG2  C N N 395 
VAL OXT  O N N 396 
VAL H    H N N 397 
VAL H2   H N N 398 
VAL HA   H N N 399 
VAL HB   H N N 400 
VAL HG11 H N N 401 
VAL HG12 H N N 402 
VAL HG13 H N N 403 
VAL HG21 H N N 404 
VAL HG22 H N N 405 
VAL HG23 H N N 406 
VAL HXT  H N N 407 
# 
loop_
_chem_comp_bond.comp_id 
_chem_comp_bond.atom_id_1 
_chem_comp_bond.atom_id_2 
_chem_comp_bond.value_order 
_chem_comp_bond.pdbx_aromatic_flag 
_chem_comp_bond.pdbx_stereo_config 
_chem_comp_bond.pdbx_ordinal 
ALA N   CA   sing N N 1   
ALA N   H    sing N N 2   
ALA N   H2   sing N N 3   
ALA CA  C    sing N N 4   
ALA CA  CB   sing N N 5   
ALA CA  HA   sing N N 6   
ALA C   O    doub N N 7   
ALA C   OXT  sing N N 8   
ALA CB  HB1  sing N N 9   
ALA CB  HB2  sing N N 10  
ALA CB  HB3  sing N N 11  
ALA OXT HXT  sing N N 12  
ARG N   CA   sing N N 13  
ARG N   H    sing N N 14  
ARG N   H2   sing N N 15  
ARG CA  C    sing N N 16  
ARG CA  CB   sing N N 17  
ARG CA  HA   sing N N 18  
ARG C   O    doub N N 19  
ARG C   OXT  sing N N 20  
ARG CB  CG   sing N N 21  
ARG CB  HB2  sing N N 22  
ARG CB  HB3  sing N N 23  
ARG CG  CD   sing N N 24  
ARG CG  HG2  sing N N 25  
ARG CG  HG3  sing N N 26  
ARG CD  NE   sing N N 27  
ARG CD  HD2  sing N N 28  
ARG CD  HD3  sing N N 29  
ARG NE  CZ   sing N N 30  
ARG NE  HE   sing N N 31  
ARG CZ  NH1  sing N N 32  
ARG CZ  NH2  doub N N 33  
ARG NH1 HH11 sing N N 34  
ARG NH1 HH12 sing N N 35  
ARG NH2 HH21 sing N N 36  
ARG NH2 HH22 sing N N 37  
ARG OXT HXT  sing N N 38  
ASN N   CA   sing N N 39  
ASN N   H    sing N N 40  
ASN N   H2   sing N N 41  
ASN CA  C    sing N N 42  
ASN CA  CB   sing N N 43  
ASN CA  HA   sing N N 44  
ASN C   O    doub N N 45  
ASN C   OXT  sing N N 46  
ASN CB  CG   sing N N 47  
ASN CB  HB2  sing N N 48  
ASN CB  HB3  sing N N 49  
ASN CG  OD1  doub N N 50  
ASN CG  ND2  sing N N 51  
ASN ND2 HD21 sing N N 52  
ASN ND2 HD22 sing N N 53  
ASN OXT HXT  sing N N 54  
ASP N   CA   sing N N 55  
ASP N   H    sing N N 56  
ASP N   H2   sing N N 57  
ASP CA  C    sing N N 58  
ASP CA  CB   sing N N 59  
ASP CA  HA   sing N N 60  
ASP C   O    doub N N 61  
ASP C   OXT  sing N N 62  
ASP CB  CG   sing N N 63  
ASP CB  HB2  sing N N 64  
ASP CB  HB3  sing N N 65  
ASP CG  OD1  doub N N 66  
ASP CG  OD2  sing N N 67  
ASP OD2 HD2  sing N N 68  
ASP OXT HXT  sing N N 69  
CYS N   CA   sing N N 70  
CYS N   H    sing N N 71  
CYS N   H2   sing N N 72  
CYS CA  C    sing N N 73  
CYS CA  CB   sing N N 74  
CYS CA  HA   sing N N 75  
CYS C   O    doub N N 76  
CYS C   OXT  sing N N 77  
CYS CB  SG   sing N N 78  
CYS CB  HB2  sing N N 79  
CYS CB  HB3  sing N N 80  
CYS SG  HG   sing N N 81  
CYS OXT HXT  sing N N 82  
GLN N   CA   sing N N 83  
GLN N   H    sing N N 84  
GLN N   H2   sing N N 85  
GLN CA  C    sing N N 86  
GLN CA  CB   sing N N 87  
GLN CA  HA   sing N N 88  
GLN C   O    doub N N 89  
GLN C   OXT  sing N N 90  
GLN CB  CG   sing N N 91  
GLN CB  HB2  sing N N 92  
GLN CB  HB3  sing N N 93  
GLN CG  CD   sing N N 94  
GLN CG  HG2  sing N N 95  
GLN CG  HG3  sing N N 96  
GLN CD  OE1  doub N N 97  
GLN CD  NE2  sing N N 98  
GLN NE2 HE21 sing N N 99  
GLN NE2 HE22 sing N N 100 
GLN OXT HXT  sing N N 101 
GLU N   CA   sing N N 102 
GLU N   H    sing N N 103 
GLU N   H2   sing N N 104 
GLU CA  C    sing N N 105 
GLU CA  CB   sing N N 106 
GLU CA  HA   sing N N 107 
GLU C   O    doub N N 108 
GLU C   OXT  sing N N 109 
GLU CB  CG   sing N N 110 
GLU CB  HB2  sing N N 111 
GLU CB  HB3  sing N N 112 
GLU CG  CD   sing N N 113 
GLU CG  HG2  sing N N 114 
GLU CG  HG3  sing N N 115 
GLU CD  OE1  doub N N 116 
GLU CD  OE2  sing N N 117 
GLU OE2 HE2  sing N N 118 
GLU OXT HXT  sing N N 119 
GLY N   CA   sing N N 120 
GLY N   H    sing N N 121 
GLY N   H2   sing N N 122 
GLY CA  C    sing N N 123 
GLY CA  HA2  sing N N 124 
GLY CA  HA3  sing N N 125 
GLY C   O    doub N N 126 
GLY C   OXT  sing N N 127 
GLY OXT HXT  sing N N 128 
HIS N   CA   sing N N 129 
HIS N   H    sing N N 130 
HIS N   H2   sing N N 131 
HIS CA  C    sing N N 132 
HIS CA  CB   sing N N 133 
HIS CA  HA   sing N N 134 
HIS C   O    doub N N 135 
HIS C   OXT  sing N N 136 
HIS CB  CG   sing N N 137 
HIS CB  HB2  sing N N 138 
HIS CB  HB3  sing N N 139 
HIS CG  ND1  sing Y N 140 
HIS CG  CD2  doub Y N 141 
HIS ND1 CE1  doub Y N 142 
HIS ND1 HD1  sing N N 143 
HIS CD2 NE2  sing Y N 144 
HIS CD2 HD2  sing N N 145 
HIS CE1 NE2  sing Y N 146 
HIS CE1 HE1  sing N N 147 
HIS NE2 HE2  sing N N 148 
HIS OXT HXT  sing N N 149 
HOH O   H1   sing N N 150 
HOH O   H2   sing N N 151 
ILE N   CA   sing N N 152 
ILE N   H    sing N N 153 
ILE N   H2   sing N N 154 
ILE CA  C    sing N N 155 
ILE CA  CB   sing N N 156 
ILE CA  HA   sing N N 157 
ILE C   O    doub N N 158 
ILE C   OXT  sing N N 159 
ILE CB  CG1  sing N N 160 
ILE CB  CG2  sing N N 161 
ILE CB  HB   sing N N 162 
ILE CG1 CD1  sing N N 163 
ILE CG1 HG12 sing N N 164 
ILE CG1 HG13 sing N N 165 
ILE CG2 HG21 sing N N 166 
ILE CG2 HG22 sing N N 167 
ILE CG2 HG23 sing N N 168 
ILE CD1 HD11 sing N N 169 
ILE CD1 HD12 sing N N 170 
ILE CD1 HD13 sing N N 171 
ILE OXT HXT  sing N N 172 
LEU N   CA   sing N N 173 
LEU N   H    sing N N 174 
LEU N   H2   sing N N 175 
LEU CA  C    sing N N 176 
LEU CA  CB   sing N N 177 
LEU CA  HA   sing N N 178 
LEU C   O    doub N N 179 
LEU C   OXT  sing N N 180 
LEU CB  CG   sing N N 181 
LEU CB  HB2  sing N N 182 
LEU CB  HB3  sing N N 183 
LEU CG  CD1  sing N N 184 
LEU CG  CD2  sing N N 185 
LEU CG  HG   sing N N 186 
LEU CD1 HD11 sing N N 187 
LEU CD1 HD12 sing N N 188 
LEU CD1 HD13 sing N N 189 
LEU CD2 HD21 sing N N 190 
LEU CD2 HD22 sing N N 191 
LEU CD2 HD23 sing N N 192 
LEU OXT HXT  sing N N 193 
LYS N   CA   sing N N 194 
LYS N   H    sing N N 195 
LYS N   H2   sing N N 196 
LYS CA  C    sing N N 197 
LYS CA  CB   sing N N 198 
LYS CA  HA   sing N N 199 
LYS C   O    doub N N 200 
LYS C   OXT  sing N N 201 
LYS CB  CG   sing N N 202 
LYS CB  HB2  sing N N 203 
LYS CB  HB3  sing N N 204 
LYS CG  CD   sing N N 205 
LYS CG  HG2  sing N N 206 
LYS CG  HG3  sing N N 207 
LYS CD  CE   sing N N 208 
LYS CD  HD2  sing N N 209 
LYS CD  HD3  sing N N 210 
LYS CE  NZ   sing N N 211 
LYS CE  HE2  sing N N 212 
LYS CE  HE3  sing N N 213 
LYS NZ  HZ1  sing N N 214 
LYS NZ  HZ2  sing N N 215 
LYS NZ  HZ3  sing N N 216 
LYS OXT HXT  sing N N 217 
MET N   CA   sing N N 218 
MET N   H    sing N N 219 
MET N   H2   sing N N 220 
MET CA  C    sing N N 221 
MET CA  CB   sing N N 222 
MET CA  HA   sing N N 223 
MET C   O    doub N N 224 
MET C   OXT  sing N N 225 
MET CB  CG   sing N N 226 
MET CB  HB2  sing N N 227 
MET CB  HB3  sing N N 228 
MET CG  SD   sing N N 229 
MET CG  HG2  sing N N 230 
MET CG  HG3  sing N N 231 
MET SD  CE   sing N N 232 
MET CE  HE1  sing N N 233 
MET CE  HE2  sing N N 234 
MET CE  HE3  sing N N 235 
MET OXT HXT  sing N N 236 
PEG C1  O1   sing N N 237 
PEG C1  C2   sing N N 238 
PEG C1  H11  sing N N 239 
PEG C1  H12  sing N N 240 
PEG O1  HO1  sing N N 241 
PEG C2  O2   sing N N 242 
PEG C2  H21  sing N N 243 
PEG C2  H22  sing N N 244 
PEG O2  C3   sing N N 245 
PEG C3  C4   sing N N 246 
PEG C3  H31  sing N N 247 
PEG C3  H32  sing N N 248 
PEG C4  O4   sing N N 249 
PEG C4  H41  sing N N 250 
PEG C4  H42  sing N N 251 
PEG O4  HO4  sing N N 252 
PHE N   CA   sing N N 253 
PHE N   H    sing N N 254 
PHE N   H2   sing N N 255 
PHE CA  C    sing N N 256 
PHE CA  CB   sing N N 257 
PHE CA  HA   sing N N 258 
PHE C   O    doub N N 259 
PHE C   OXT  sing N N 260 
PHE CB  CG   sing N N 261 
PHE CB  HB2  sing N N 262 
PHE CB  HB3  sing N N 263 
PHE CG  CD1  doub Y N 264 
PHE CG  CD2  sing Y N 265 
PHE CD1 CE1  sing Y N 266 
PHE CD1 HD1  sing N N 267 
PHE CD2 CE2  doub Y N 268 
PHE CD2 HD2  sing N N 269 
PHE CE1 CZ   doub Y N 270 
PHE CE1 HE1  sing N N 271 
PHE CE2 CZ   sing Y N 272 
PHE CE2 HE2  sing N N 273 
PHE CZ  HZ   sing N N 274 
PHE OXT HXT  sing N N 275 
PRO N   CA   sing N N 276 
PRO N   CD   sing N N 277 
PRO N   H    sing N N 278 
PRO CA  C    sing N N 279 
PRO CA  CB   sing N N 280 
PRO CA  HA   sing N N 281 
PRO C   O    doub N N 282 
PRO C   OXT  sing N N 283 
PRO CB  CG   sing N N 284 
PRO CB  HB2  sing N N 285 
PRO CB  HB3  sing N N 286 
PRO CG  CD   sing N N 287 
PRO CG  HG2  sing N N 288 
PRO CG  HG3  sing N N 289 
PRO CD  HD2  sing N N 290 
PRO CD  HD3  sing N N 291 
PRO OXT HXT  sing N N 292 
SER N   CA   sing N N 293 
SER N   H    sing N N 294 
SER N   H2   sing N N 295 
SER CA  C    sing N N 296 
SER CA  CB   sing N N 297 
SER CA  HA   sing N N 298 
SER C   O    doub N N 299 
SER C   OXT  sing N N 300 
SER CB  OG   sing N N 301 
SER CB  HB2  sing N N 302 
SER CB  HB3  sing N N 303 
SER OG  HG   sing N N 304 
SER OXT HXT  sing N N 305 
THR N   CA   sing N N 306 
THR N   H    sing N N 307 
THR N   H2   sing N N 308 
THR CA  C    sing N N 309 
THR CA  CB   sing N N 310 
THR CA  HA   sing N N 311 
THR C   O    doub N N 312 
THR C   OXT  sing N N 313 
THR CB  OG1  sing N N 314 
THR CB  CG2  sing N N 315 
THR CB  HB   sing N N 316 
THR OG1 HG1  sing N N 317 
THR CG2 HG21 sing N N 318 
THR CG2 HG22 sing N N 319 
THR CG2 HG23 sing N N 320 
THR OXT HXT  sing N N 321 
TRP N   CA   sing N N 322 
TRP N   H    sing N N 323 
TRP N   H2   sing N N 324 
TRP CA  C    sing N N 325 
TRP CA  CB   sing N N 326 
TRP CA  HA   sing N N 327 
TRP C   O    doub N N 328 
TRP C   OXT  sing N N 329 
TRP CB  CG   sing N N 330 
TRP CB  HB2  sing N N 331 
TRP CB  HB3  sing N N 332 
TRP CG  CD1  doub Y N 333 
TRP CG  CD2  sing Y N 334 
TRP CD1 NE1  sing Y N 335 
TRP CD1 HD1  sing N N 336 
TRP CD2 CE2  doub Y N 337 
TRP CD2 CE3  sing Y N 338 
TRP NE1 CE2  sing Y N 339 
TRP NE1 HE1  sing N N 340 
TRP CE2 CZ2  sing Y N 341 
TRP CE3 CZ3  doub Y N 342 
TRP CE3 HE3  sing N N 343 
TRP CZ2 CH2  doub Y N 344 
TRP CZ2 HZ2  sing N N 345 
TRP CZ3 CH2  sing Y N 346 
TRP CZ3 HZ3  sing N N 347 
TRP CH2 HH2  sing N N 348 
TRP OXT HXT  sing N N 349 
TYR N   CA   sing N N 350 
TYR N   H    sing N N 351 
TYR N   H2   sing N N 352 
TYR CA  C    sing N N 353 
TYR CA  CB   sing N N 354 
TYR CA  HA   sing N N 355 
TYR C   O    doub N N 356 
TYR C   OXT  sing N N 357 
TYR CB  CG   sing N N 358 
TYR CB  HB2  sing N N 359 
TYR CB  HB3  sing N N 360 
TYR CG  CD1  doub Y N 361 
TYR CG  CD2  sing Y N 362 
TYR CD1 CE1  sing Y N 363 
TYR CD1 HD1  sing N N 364 
TYR CD2 CE2  doub Y N 365 
TYR CD2 HD2  sing N N 366 
TYR CE1 CZ   doub Y N 367 
TYR CE1 HE1  sing N N 368 
TYR CE2 CZ   sing Y N 369 
TYR CE2 HE2  sing N N 370 
TYR CZ  OH   sing N N 371 
TYR OH  HH   sing N N 372 
TYR OXT HXT  sing N N 373 
VAL N   CA   sing N N 374 
VAL N   H    sing N N 375 
VAL N   H2   sing N N 376 
VAL CA  C    sing N N 377 
VAL CA  CB   sing N N 378 
VAL CA  HA   sing N N 379 
VAL C   O    doub N N 380 
VAL C   OXT  sing N N 381 
VAL CB  CG1  sing N N 382 
VAL CB  CG2  sing N N 383 
VAL CB  HB   sing N N 384 
VAL CG1 HG11 sing N N 385 
VAL CG1 HG12 sing N N 386 
VAL CG1 HG13 sing N N 387 
VAL CG2 HG21 sing N N 388 
VAL CG2 HG22 sing N N 389 
VAL CG2 HG23 sing N N 390 
VAL OXT HXT  sing N N 391 
# 
loop_
_pdbx_entity_nonpoly.entity_id 
_pdbx_entity_nonpoly.name 
_pdbx_entity_nonpoly.comp_id 
2 'DI(HYDROXYETHYL)ETHER' PEG 
3 water                   HOH 
# 
_pdbx_initial_refinement_model.id               1 
_pdbx_initial_refinement_model.entity_id_list   ? 
_pdbx_initial_refinement_model.type             'experimental model' 
_pdbx_initial_refinement_model.source_name      PDB 
_pdbx_initial_refinement_model.accession_code   1JHJ 
_pdbx_initial_refinement_model.details          'PDB entry 1JHJ' 
# 
_pdbx_struct_assembly_auth_evidence.id                     1 
_pdbx_struct_assembly_auth_evidence.assembly_id            1 
_pdbx_struct_assembly_auth_evidence.experimental_support   'gel filtration' 
_pdbx_struct_assembly_auth_evidence.details                ? 
# 
